data_9EI8
#
_entry.id   9EI8
#
_cell.length_a   1.00
_cell.length_b   1.00
_cell.length_c   1.00
_cell.angle_alpha   90.00
_cell.angle_beta   90.00
_cell.angle_gamma   90.00
#
_symmetry.space_group_name_H-M   'P 1'
#
loop_
_entity.id
_entity.type
_entity.pdbx_description
1 polymer 'Hemagglutinin HA1'
2 polymer 'Hemagglutinin HA2'
3 branched beta-D-mannopyranose-(1-4)-2-acetamido-2-deoxy-beta-D-glucopyranose-(1-4)-2-acetamido-2-deoxy-beta-D-glucopyranose
4 branched 2-acetamido-2-deoxy-beta-D-glucopyranose-(1-4)-2-acetamido-2-deoxy-beta-D-glucopyranose
5 non-polymer 2-acetamido-2-deoxy-beta-D-glucopyranose
#
loop_
_entity_poly.entity_id
_entity_poly.type
_entity_poly.pdbx_seq_one_letter_code
_entity_poly.pdbx_strand_id
1 'polypeptide(L)'
;QKIPGNDNSTATLCLGHHAVPNGTIVKTICNDRIEVTNATELVQNSSIGEICDSPHQILDGENCTLIDALLGDPQCDGFQ
NKKWDLFVERSKAYSNCYPYDVPDYASLRSLVASSGTLEFKNESFNWTGVTQNGTSSACIRGSSSSFFSRLNWLTHLNYT
YPALNVTMPNKEQFDKLYIWGVHHPGTDKDQIFLYAQSSGRITVSTKRSQQAVIPNIGSRPRIRDIPSRISIYWTIVKPG
DILLINSTGNLIAPRGYFKIRSGKSSIMRSDAPIGKCKSECITPNGSIPNDKPFQNVNRITYGACPRYVKHSTLKLATGM
RNVPEKQTRRRRRR
;
A,B,D
2 'polypeptide(L)'
;GIFGAIAGFIENGWEGMVDGWYGFRHQNSEGRGQAADLKSTQAAIDQINGKLNRLIGKTNEKFHQIEKEFSEVEGRVQDL
EKYVEDTKIDLWSYNAELLVALENQHTIDLTDSEMNKLFEKTKKQLRENAEDMGNGCFKIYHKCDNACIESIRNETYDHN
VYRDEALNNRFQIKGVEGRLVPRGSPGSGYIPEAPRDGQAYVRKDGEWVLLSTFLGHHHHHHASWSHPQFEK
;
C,E,F
#
# COMPACT_ATOMS: atom_id res chain seq x y z
N ILE A 3 19.88 65.76 -2.22
CA ILE A 3 21.06 66.61 -2.04
C ILE A 3 22.05 66.38 -3.17
N PRO A 4 22.10 67.32 -4.12
CA PRO A 4 23.05 67.22 -5.23
C PRO A 4 24.51 67.20 -4.78
N GLY A 5 24.84 67.88 -3.68
CA GLY A 5 26.22 67.91 -3.23
C GLY A 5 26.72 66.56 -2.75
N ASN A 6 25.88 65.84 -2.00
CA ASN A 6 26.28 64.52 -1.49
C ASN A 6 26.24 63.45 -2.58
N ASP A 7 25.54 63.70 -3.68
CA ASP A 7 25.31 62.71 -4.72
C ASP A 7 26.50 62.53 -5.65
N ASN A 8 27.53 63.38 -5.52
CA ASN A 8 28.60 63.40 -6.52
C ASN A 8 29.44 62.12 -6.52
N SER A 9 29.69 61.55 -5.34
CA SER A 9 30.51 60.35 -5.23
C SER A 9 29.93 59.37 -4.23
N THR A 10 28.61 59.27 -4.16
CA THR A 10 27.93 58.36 -3.25
C THR A 10 26.88 57.55 -3.98
N ALA A 11 27.26 56.94 -5.10
CA ALA A 11 26.35 56.04 -5.81
C ALA A 11 26.12 54.77 -5.00
N THR A 12 24.90 54.24 -5.07
CA THR A 12 24.52 53.03 -4.35
C THR A 12 23.83 52.06 -5.30
N LEU A 13 23.98 50.77 -5.03
CA LEU A 13 23.34 49.71 -5.80
C LEU A 13 22.77 48.70 -4.82
N CYS A 14 21.44 48.65 -4.73
CA CYS A 14 20.74 47.77 -3.81
C CYS A 14 20.06 46.64 -4.58
N LEU A 15 19.57 45.66 -3.84
CA LEU A 15 18.92 44.48 -4.41
C LEU A 15 17.57 44.26 -3.73
N GLY A 16 16.66 43.63 -4.46
CA GLY A 16 15.34 43.31 -3.94
C GLY A 16 14.71 42.19 -4.74
N HIS A 17 13.57 41.71 -4.26
CA HIS A 17 12.86 40.61 -4.90
C HIS A 17 11.38 40.97 -5.02
N HIS A 18 10.65 40.11 -5.72
CA HIS A 18 9.23 40.35 -5.97
C HIS A 18 8.43 40.19 -4.69
N ALA A 19 7.40 41.03 -4.54
CA ALA A 19 6.53 40.99 -3.37
C ALA A 19 5.09 41.28 -3.79
N VAL A 20 4.16 40.82 -2.96
CA VAL A 20 2.74 40.99 -3.22
C VAL A 20 2.04 41.32 -1.90
N PRO A 21 1.10 42.28 -1.88
CA PRO A 21 0.46 42.62 -0.60
C PRO A 21 -0.44 41.53 -0.05
N ASN A 22 -0.89 40.58 -0.87
CA ASN A 22 -1.79 39.53 -0.42
C ASN A 22 -1.02 38.20 -0.42
N GLY A 23 -0.99 37.54 0.74
CA GLY A 23 -0.21 36.34 0.92
C GLY A 23 -1.07 35.09 0.99
N THR A 24 -0.43 33.96 0.71
CA THR A 24 -1.07 32.65 0.74
C THR A 24 -0.30 31.72 1.68
N ILE A 25 -1.03 31.06 2.57
CA ILE A 25 -0.41 30.18 3.55
C ILE A 25 -0.19 28.80 2.92
N VAL A 26 1.05 28.32 2.96
CA VAL A 26 1.41 27.02 2.42
C VAL A 26 2.08 26.21 3.52
N LYS A 27 1.56 25.01 3.76
CA LYS A 27 2.10 24.15 4.80
C LYS A 27 3.29 23.34 4.28
N THR A 28 4.34 23.27 5.10
CA THR A 28 5.52 22.48 4.80
C THR A 28 6.15 22.03 6.11
N ILE A 29 7.36 21.47 6.02
CA ILE A 29 7.97 20.79 7.16
C ILE A 29 8.39 21.79 8.23
N CYS A 30 8.70 23.03 7.83
CA CYS A 30 9.15 24.06 8.77
C CYS A 30 8.40 25.36 8.51
N ASN A 31 8.00 26.02 9.61
CA ASN A 31 7.19 27.24 9.58
C ASN A 31 5.90 27.02 8.78
N ASP A 32 4.98 26.26 9.40
CA ASP A 32 3.76 25.86 8.71
C ASP A 32 2.86 27.05 8.37
N ARG A 33 2.94 28.13 9.14
CA ARG A 33 2.21 29.35 8.82
C ARG A 33 3.19 30.34 8.18
N ILE A 34 3.35 30.22 6.86
CA ILE A 34 4.26 31.09 6.12
C ILE A 34 3.51 31.69 4.93
N GLU A 35 3.70 32.98 4.70
CA GLU A 35 3.07 33.64 3.56
C GLU A 35 3.88 33.41 2.29
N VAL A 36 3.18 33.01 1.23
CA VAL A 36 3.79 32.66 -0.04
C VAL A 36 3.16 33.54 -1.12
N THR A 37 4.02 34.07 -2.01
CA THR A 37 3.55 35.04 -3.00
C THR A 37 2.53 34.44 -3.96
N ASN A 38 2.75 33.21 -4.40
CA ASN A 38 1.84 32.57 -5.33
C ASN A 38 1.85 31.07 -5.09
N ALA A 39 0.66 30.48 -5.07
CA ALA A 39 0.52 29.05 -4.83
C ALA A 39 -0.51 28.47 -5.79
N THR A 40 -0.38 27.17 -6.06
CA THR A 40 -1.27 26.45 -6.96
C THR A 40 -1.94 25.31 -6.21
N GLU A 41 -3.21 25.08 -6.53
CA GLU A 41 -3.98 24.03 -5.89
C GLU A 41 -3.59 22.66 -6.44
N LEU A 42 -3.73 21.64 -5.59
CA LEU A 42 -3.44 20.27 -5.96
C LEU A 42 -4.64 19.35 -5.92
N VAL A 43 -5.74 19.76 -5.30
CA VAL A 43 -6.94 18.94 -5.16
C VAL A 43 -8.11 19.71 -5.73
N GLN A 44 -8.84 19.08 -6.65
CA GLN A 44 -10.05 19.67 -7.23
C GLN A 44 -11.27 19.08 -6.53
N ASN A 45 -12.03 19.93 -5.85
CA ASN A 45 -13.18 19.51 -5.08
C ASN A 45 -14.50 20.03 -5.64
N SER A 46 -14.49 20.51 -6.89
CA SER A 46 -15.68 21.07 -7.51
C SER A 46 -16.09 20.23 -8.70
N SER A 47 -17.37 19.93 -8.80
CA SER A 47 -17.93 19.14 -9.89
C SER A 47 -19.13 19.86 -10.48
N ILE A 48 -19.34 19.66 -11.79
CA ILE A 48 -20.48 20.26 -12.45
C ILE A 48 -21.78 19.61 -11.98
N GLY A 49 -21.78 18.28 -11.83
CA GLY A 49 -22.95 17.54 -11.41
C GLY A 49 -23.60 16.69 -12.48
N GLU A 50 -23.03 16.65 -13.68
CA GLU A 50 -23.57 15.82 -14.75
C GLU A 50 -22.42 15.10 -15.45
N ILE A 51 -22.69 13.88 -15.91
CA ILE A 51 -21.65 13.06 -16.52
C ILE A 51 -21.47 13.45 -17.98
N CYS A 52 -20.23 13.76 -18.36
CA CYS A 52 -19.88 14.17 -19.71
C CYS A 52 -19.97 12.97 -20.65
N ASP A 53 -20.51 13.21 -21.85
CA ASP A 53 -20.52 12.21 -22.91
C ASP A 53 -19.90 12.80 -24.17
N SER A 54 -18.77 12.22 -24.57
CA SER A 54 -17.93 12.63 -25.69
C SER A 54 -16.83 11.59 -25.94
N PRO A 55 -16.24 10.98 -24.88
CA PRO A 55 -15.61 9.66 -25.09
C PRO A 55 -16.64 8.55 -25.22
N HIS A 56 -16.17 7.30 -25.12
CA HIS A 56 -16.95 6.07 -25.13
C HIS A 56 -18.32 6.19 -24.46
N GLN A 57 -19.36 5.72 -25.15
CA GLN A 57 -20.74 6.00 -24.78
C GLN A 57 -21.15 5.35 -23.46
N ILE A 58 -21.83 6.13 -22.62
CA ILE A 58 -22.37 5.62 -21.37
C ILE A 58 -23.83 5.24 -21.56
N LEU A 59 -24.27 4.17 -20.90
CA LEU A 59 -25.63 3.65 -21.04
C LEU A 59 -26.40 3.91 -19.76
N ASP A 60 -27.49 4.67 -19.87
CA ASP A 60 -28.25 5.08 -18.70
C ASP A 60 -29.05 3.90 -18.15
N GLY A 61 -29.38 3.99 -16.86
CA GLY A 61 -30.15 2.95 -16.20
C GLY A 61 -31.61 2.94 -16.62
N GLU A 62 -32.31 4.06 -16.40
CA GLU A 62 -33.70 4.27 -16.82
C GLU A 62 -34.63 3.21 -16.23
N ASN A 63 -34.71 3.25 -14.89
CA ASN A 63 -35.53 2.33 -14.08
C ASN A 63 -35.13 0.88 -14.27
N CYS A 64 -33.85 0.60 -14.56
CA CYS A 64 -33.43 -0.75 -14.87
C CYS A 64 -31.99 -0.94 -14.41
N THR A 65 -31.64 -2.20 -14.13
CA THR A 65 -30.31 -2.57 -13.68
C THR A 65 -29.69 -3.54 -14.67
N LEU A 66 -28.44 -3.95 -14.37
CA LEU A 66 -27.69 -4.79 -15.28
C LEU A 66 -28.28 -6.19 -15.37
N ILE A 67 -28.67 -6.77 -14.24
CA ILE A 67 -29.21 -8.13 -14.23
C ILE A 67 -30.58 -8.17 -14.90
N ASP A 68 -31.41 -7.15 -14.66
CA ASP A 68 -32.74 -7.10 -15.27
C ASP A 68 -32.64 -6.95 -16.79
N ALA A 69 -31.63 -6.23 -17.27
CA ALA A 69 -31.40 -6.16 -18.71
C ALA A 69 -30.89 -7.49 -19.25
N LEU A 70 -30.19 -8.26 -18.42
CA LEU A 70 -29.66 -9.55 -18.85
C LEU A 70 -30.78 -10.57 -19.04
N LEU A 71 -31.69 -10.66 -18.07
CA LEU A 71 -32.74 -11.67 -18.14
C LEU A 71 -33.87 -11.29 -19.09
N GLY A 72 -33.96 -10.02 -19.48
CA GLY A 72 -34.96 -9.61 -20.45
C GLY A 72 -36.28 -9.16 -19.84
N ASP A 73 -36.22 -8.23 -18.90
CA ASP A 73 -37.43 -7.70 -18.29
C ASP A 73 -38.18 -6.82 -19.29
N PRO A 74 -39.52 -6.75 -19.17
CA PRO A 74 -40.29 -5.89 -20.08
C PRO A 74 -39.93 -4.42 -19.99
N GLN A 75 -39.55 -3.93 -18.82
CA GLN A 75 -39.10 -2.55 -18.69
C GLN A 75 -37.74 -2.34 -19.35
N CYS A 76 -36.90 -3.38 -19.38
CA CYS A 76 -35.55 -3.28 -19.93
C CYS A 76 -35.46 -3.74 -21.38
N ASP A 77 -36.54 -3.56 -22.16
CA ASP A 77 -36.53 -3.98 -23.56
C ASP A 77 -35.64 -3.09 -24.43
N GLY A 78 -35.30 -1.90 -23.96
CA GLY A 78 -34.44 -1.01 -24.72
C GLY A 78 -32.96 -1.31 -24.64
N PHE A 79 -32.57 -2.32 -23.86
CA PHE A 79 -31.17 -2.70 -23.71
C PHE A 79 -30.88 -4.04 -24.41
N GLN A 80 -31.54 -4.27 -25.53
CA GLN A 80 -31.31 -5.49 -26.31
C GLN A 80 -30.09 -5.28 -27.21
N ASN A 81 -29.11 -6.19 -27.07
CA ASN A 81 -27.83 -6.20 -27.78
C ASN A 81 -27.20 -4.80 -27.91
N LYS A 82 -27.14 -4.13 -26.76
CA LYS A 82 -26.55 -2.80 -26.67
C LYS A 82 -25.19 -2.89 -26.00
N LYS A 83 -24.17 -2.35 -26.66
CA LYS A 83 -22.81 -2.35 -26.13
C LYS A 83 -22.55 -1.09 -25.32
N TRP A 84 -21.81 -1.24 -24.23
CA TRP A 84 -21.45 -0.09 -23.40
C TRP A 84 -20.03 -0.29 -22.90
N ASP A 85 -19.46 0.80 -22.38
CA ASP A 85 -18.21 0.73 -21.64
C ASP A 85 -18.37 1.21 -20.20
N LEU A 86 -19.55 1.69 -19.81
CA LEU A 86 -19.81 2.07 -18.43
C LEU A 86 -21.32 1.99 -18.19
N PHE A 87 -21.75 0.94 -17.51
CA PHE A 87 -23.15 0.80 -17.15
C PHE A 87 -23.40 1.55 -15.85
N VAL A 88 -24.33 2.51 -15.87
CA VAL A 88 -24.67 3.30 -14.70
C VAL A 88 -26.03 2.84 -14.21
N GLU A 89 -26.17 2.68 -12.90
CA GLU A 89 -27.41 2.22 -12.28
C GLU A 89 -28.02 3.34 -11.44
N ARG A 90 -29.31 3.19 -11.16
CA ARG A 90 -30.07 4.16 -10.39
C ARG A 90 -30.75 3.45 -9.23
N SER A 91 -30.91 4.17 -8.12
CA SER A 91 -31.54 3.58 -6.94
C SER A 91 -33.04 3.40 -7.13
N LYS A 92 -33.64 4.14 -8.06
CA LYS A 92 -35.07 4.04 -8.33
C LYS A 92 -35.44 2.83 -9.17
N ALA A 93 -34.46 2.08 -9.67
CA ALA A 93 -34.75 0.91 -10.47
C ALA A 93 -35.37 -0.20 -9.63
N TYR A 94 -36.36 -0.89 -10.19
CA TYR A 94 -37.03 -1.98 -9.50
C TYR A 94 -37.50 -3.00 -10.53
N SER A 95 -37.69 -4.22 -10.07
CA SER A 95 -38.18 -5.32 -10.91
C SER A 95 -39.58 -5.71 -10.49
N ASN A 96 -40.49 -5.80 -11.46
CA ASN A 96 -41.88 -6.13 -11.17
C ASN A 96 -42.39 -7.33 -11.96
N CYS A 97 -41.58 -7.94 -12.80
CA CYS A 97 -42.05 -9.08 -13.60
C CYS A 97 -42.19 -10.32 -12.74
N TYR A 98 -41.11 -10.74 -12.09
CA TYR A 98 -41.14 -11.99 -11.35
C TYR A 98 -40.01 -11.97 -10.33
N PRO A 99 -40.23 -12.39 -9.10
CA PRO A 99 -39.16 -12.32 -8.09
C PRO A 99 -38.05 -13.34 -8.37
N TYR A 100 -36.81 -12.90 -8.14
CA TYR A 100 -35.65 -13.75 -8.39
C TYR A 100 -34.58 -13.45 -7.36
N ASP A 101 -33.72 -14.43 -7.12
CA ASP A 101 -32.53 -14.27 -6.31
C ASP A 101 -31.42 -15.12 -6.89
N VAL A 102 -30.19 -14.64 -6.76
CA VAL A 102 -29.05 -15.36 -7.33
C VAL A 102 -28.05 -15.68 -6.22
N PRO A 103 -27.34 -16.80 -6.30
CA PRO A 103 -26.17 -17.00 -5.43
C PRO A 103 -24.97 -16.26 -6.00
N ASP A 104 -24.19 -15.67 -5.10
CA ASP A 104 -22.97 -14.92 -5.43
C ASP A 104 -23.28 -13.79 -6.42
N TYR A 105 -24.06 -12.81 -5.93
CA TYR A 105 -24.52 -11.72 -6.79
C TYR A 105 -23.36 -10.87 -7.30
N ALA A 106 -22.31 -10.70 -6.50
CA ALA A 106 -21.17 -9.89 -6.93
C ALA A 106 -20.40 -10.55 -8.07
N SER A 107 -20.46 -11.88 -8.16
CA SER A 107 -19.77 -12.57 -9.24
C SER A 107 -20.44 -12.33 -10.59
N LEU A 108 -21.76 -12.47 -10.64
CA LEU A 108 -22.47 -12.34 -11.91
C LEU A 108 -22.61 -10.88 -12.32
N ARG A 109 -22.72 -9.98 -11.34
CA ARG A 109 -22.78 -8.56 -11.65
C ARG A 109 -21.47 -8.07 -12.26
N SER A 110 -20.34 -8.53 -11.73
CA SER A 110 -19.05 -8.08 -12.23
C SER A 110 -18.70 -8.74 -13.57
N LEU A 111 -19.05 -10.01 -13.74
CA LEU A 111 -18.68 -10.74 -14.95
C LEU A 111 -19.40 -10.18 -16.17
N VAL A 112 -20.68 -9.83 -16.02
CA VAL A 112 -21.42 -9.22 -17.12
C VAL A 112 -20.91 -7.81 -17.38
N ALA A 113 -20.62 -7.06 -16.31
CA ALA A 113 -20.15 -5.69 -16.46
C ALA A 113 -18.76 -5.64 -17.07
N SER A 114 -17.90 -6.60 -16.73
CA SER A 114 -16.56 -6.64 -17.30
C SER A 114 -16.61 -6.94 -18.80
N SER A 115 -17.56 -7.78 -19.23
CA SER A 115 -17.72 -8.03 -20.66
C SER A 115 -18.26 -6.79 -21.38
N GLY A 116 -19.33 -6.20 -20.84
CA GLY A 116 -19.89 -5.00 -21.45
C GLY A 116 -20.59 -5.22 -22.76
N THR A 117 -20.91 -6.47 -23.10
CA THR A 117 -21.55 -6.79 -24.36
C THR A 117 -22.73 -7.72 -24.09
N LEU A 118 -23.79 -7.56 -24.89
CA LEU A 118 -24.98 -8.40 -24.79
C LEU A 118 -25.37 -8.92 -26.16
N GLU A 119 -24.37 -9.36 -26.94
CA GLU A 119 -24.65 -9.85 -28.28
C GLU A 119 -25.28 -11.24 -28.20
N PHE A 120 -26.59 -11.28 -27.95
CA PHE A 120 -27.29 -12.55 -27.85
C PHE A 120 -27.45 -13.17 -29.24
N LYS A 121 -27.26 -14.48 -29.32
CA LYS A 121 -27.42 -15.22 -30.57
C LYS A 121 -28.28 -16.44 -30.27
N ASN A 122 -29.55 -16.39 -30.70
CA ASN A 122 -30.44 -17.52 -30.52
C ASN A 122 -30.00 -18.69 -31.38
N GLU A 123 -30.04 -19.88 -30.80
CA GLU A 123 -29.63 -21.10 -31.50
C GLU A 123 -30.68 -22.17 -31.28
N SER A 124 -30.77 -23.09 -32.24
CA SER A 124 -31.80 -24.11 -32.21
C SER A 124 -31.51 -25.17 -31.15
N PHE A 125 -32.59 -25.81 -30.69
CA PHE A 125 -32.51 -26.90 -29.72
C PHE A 125 -33.37 -28.04 -30.22
N ASN A 126 -33.53 -29.06 -29.37
CA ASN A 126 -34.33 -30.24 -29.68
C ASN A 126 -35.31 -30.54 -28.54
N TRP A 127 -36.09 -29.54 -28.15
CA TRP A 127 -37.08 -29.73 -27.10
C TRP A 127 -38.21 -30.63 -27.60
N THR A 128 -38.35 -31.81 -26.98
CA THR A 128 -39.39 -32.76 -27.37
C THR A 128 -40.16 -33.19 -26.13
N GLY A 129 -41.48 -33.32 -26.27
CA GLY A 129 -42.31 -33.81 -25.19
C GLY A 129 -42.62 -32.82 -24.11
N VAL A 130 -42.27 -31.54 -24.29
CA VAL A 130 -42.55 -30.50 -23.32
C VAL A 130 -43.23 -29.33 -24.04
N THR A 131 -43.89 -28.49 -23.26
CA THR A 131 -44.52 -27.27 -23.75
C THR A 131 -43.76 -26.07 -23.19
N GLN A 132 -43.12 -25.31 -24.06
CA GLN A 132 -42.27 -24.20 -23.67
C GLN A 132 -43.12 -22.94 -23.46
N ASN A 133 -42.42 -21.81 -23.24
CA ASN A 133 -43.01 -20.48 -23.17
C ASN A 133 -44.07 -20.38 -22.07
N GLY A 134 -43.62 -20.58 -20.84
CA GLY A 134 -44.51 -20.43 -19.70
C GLY A 134 -44.96 -18.99 -19.52
N THR A 135 -46.19 -18.83 -19.04
CA THR A 135 -46.83 -17.54 -18.94
C THR A 135 -47.40 -17.34 -17.54
N SER A 136 -47.09 -16.19 -16.94
CA SER A 136 -47.59 -15.82 -15.63
C SER A 136 -48.39 -14.55 -15.74
N SER A 137 -49.52 -14.50 -15.03
CA SER A 137 -50.40 -13.34 -15.10
C SER A 137 -49.85 -12.16 -14.31
N ALA A 138 -48.87 -12.41 -13.43
CA ALA A 138 -48.30 -11.33 -12.64
C ALA A 138 -47.48 -10.38 -13.49
N CYS A 139 -46.76 -10.90 -14.48
CA CYS A 139 -45.89 -10.09 -15.32
C CYS A 139 -46.64 -9.65 -16.57
N ILE A 140 -46.49 -8.37 -16.92
CA ILE A 140 -47.15 -7.77 -18.08
C ILE A 140 -46.08 -7.25 -19.02
N ARG A 141 -46.15 -7.66 -20.28
CA ARG A 141 -45.22 -7.22 -21.32
C ARG A 141 -46.02 -6.69 -22.50
N GLY A 142 -45.95 -5.38 -22.72
CA GLY A 142 -46.70 -4.77 -23.81
C GLY A 142 -48.20 -4.88 -23.68
N SER A 143 -48.72 -4.59 -22.48
CA SER A 143 -50.15 -4.74 -22.13
C SER A 143 -50.64 -6.16 -22.37
N SER A 144 -49.78 -7.15 -22.11
CA SER A 144 -50.13 -8.55 -22.27
C SER A 144 -49.23 -9.38 -21.36
N SER A 145 -49.75 -10.54 -20.96
CA SER A 145 -49.02 -11.40 -20.03
C SER A 145 -47.92 -12.17 -20.77
N SER A 146 -46.74 -12.19 -20.19
CA SER A 146 -45.58 -12.85 -20.80
C SER A 146 -44.56 -13.16 -19.70
N PHE A 147 -43.34 -13.49 -20.11
CA PHE A 147 -42.26 -13.86 -19.18
C PHE A 147 -40.96 -13.25 -19.70
N PHE A 148 -39.84 -13.71 -19.14
CA PHE A 148 -38.53 -13.24 -19.58
C PHE A 148 -38.29 -13.62 -21.03
N SER A 149 -37.71 -12.68 -21.78
CA SER A 149 -37.50 -12.91 -23.21
C SER A 149 -36.36 -13.87 -23.48
N ARG A 150 -35.39 -13.96 -22.57
CA ARG A 150 -34.19 -14.77 -22.77
C ARG A 150 -34.26 -16.09 -22.02
N LEU A 151 -35.43 -16.47 -21.51
CA LEU A 151 -35.59 -17.69 -20.73
C LEU A 151 -36.77 -18.49 -21.26
N ASN A 152 -36.80 -19.77 -20.89
CA ASN A 152 -37.89 -20.69 -21.26
C ASN A 152 -38.38 -21.37 -20.00
N TRP A 153 -39.64 -21.14 -19.65
CA TRP A 153 -40.27 -21.78 -18.50
C TRP A 153 -40.95 -23.05 -18.97
N LEU A 154 -40.29 -24.19 -18.77
CA LEU A 154 -40.77 -25.46 -19.31
C LEU A 154 -41.98 -25.96 -18.54
N THR A 155 -43.01 -26.35 -19.29
CA THR A 155 -44.22 -26.93 -18.74
C THR A 155 -44.47 -28.27 -19.41
N HIS A 156 -45.27 -29.11 -18.76
CA HIS A 156 -45.45 -30.48 -19.21
C HIS A 156 -46.31 -30.54 -20.47
N LEU A 157 -46.25 -31.69 -21.13
CA LEU A 157 -47.14 -32.04 -22.23
C LEU A 157 -48.02 -33.21 -21.80
N ASN A 158 -49.33 -33.04 -21.97
CA ASN A 158 -50.35 -34.02 -21.56
C ASN A 158 -50.19 -34.35 -20.08
N TYR A 159 -49.64 -35.52 -19.77
CA TYR A 159 -49.28 -35.88 -18.40
C TYR A 159 -47.95 -36.62 -18.38
N THR A 160 -47.01 -36.20 -19.23
CA THR A 160 -45.73 -36.88 -19.36
C THR A 160 -44.61 -35.85 -19.42
N TYR A 161 -43.56 -36.08 -18.62
CA TYR A 161 -42.36 -35.25 -18.65
C TYR A 161 -41.17 -36.17 -18.86
N PRO A 162 -40.57 -36.17 -20.05
CA PRO A 162 -39.47 -37.08 -20.32
C PRO A 162 -38.19 -36.63 -19.64
N ALA A 163 -37.20 -37.53 -19.65
CA ALA A 163 -35.88 -37.22 -19.10
C ALA A 163 -35.06 -36.49 -20.16
N LEU A 164 -34.80 -35.21 -19.92
CA LEU A 164 -34.12 -34.39 -20.90
C LEU A 164 -32.62 -34.67 -20.90
N ASN A 165 -32.09 -34.98 -22.09
CA ASN A 165 -30.64 -35.15 -22.26
C ASN A 165 -30.27 -34.43 -23.56
N VAL A 166 -29.91 -33.16 -23.44
CA VAL A 166 -29.62 -32.33 -24.60
C VAL A 166 -28.13 -32.03 -24.63
N THR A 167 -27.57 -31.96 -25.84
CA THR A 167 -26.18 -31.62 -26.06
C THR A 167 -26.09 -30.32 -26.85
N MET A 168 -24.97 -29.62 -26.69
CA MET A 168 -24.77 -28.32 -27.33
C MET A 168 -23.28 -28.13 -27.60
N PRO A 169 -22.79 -28.70 -28.70
CA PRO A 169 -21.37 -28.56 -29.03
C PRO A 169 -21.02 -27.15 -29.48
N ASN A 170 -19.74 -26.81 -29.33
CA ASN A 170 -19.20 -25.52 -29.75
C ASN A 170 -18.34 -25.73 -30.99
N LYS A 171 -18.62 -24.94 -32.04
CA LYS A 171 -17.86 -25.01 -33.28
C LYS A 171 -17.18 -23.69 -33.61
N GLU A 172 -17.06 -22.79 -32.63
CA GLU A 172 -16.44 -21.48 -32.83
C GLU A 172 -15.45 -21.23 -31.71
N GLN A 173 -14.46 -20.38 -32.01
CA GLN A 173 -13.36 -20.12 -31.08
C GLN A 173 -13.60 -18.83 -30.30
N PHE A 174 -14.65 -18.82 -29.49
CA PHE A 174 -14.84 -17.76 -28.51
C PHE A 174 -15.72 -18.28 -27.38
N ASP A 175 -15.64 -17.62 -26.23
CA ASP A 175 -16.35 -18.08 -25.04
C ASP A 175 -17.84 -17.78 -25.14
N LYS A 176 -18.63 -18.61 -24.48
CA LYS A 176 -20.08 -18.49 -24.44
C LYS A 176 -20.56 -18.57 -23.00
N LEU A 177 -21.56 -17.75 -22.66
CA LEU A 177 -22.12 -17.71 -21.32
C LEU A 177 -23.55 -18.24 -21.38
N TYR A 178 -23.79 -19.37 -20.72
CA TYR A 178 -25.12 -19.98 -20.67
C TYR A 178 -25.73 -19.73 -19.30
N ILE A 179 -26.96 -19.25 -19.29
CA ILE A 179 -27.66 -18.90 -18.06
C ILE A 179 -28.88 -19.79 -17.92
N TRP A 180 -28.89 -20.60 -16.86
CA TRP A 180 -29.97 -21.54 -16.59
C TRP A 180 -30.42 -21.38 -15.14
N GLY A 181 -31.73 -21.47 -14.92
CA GLY A 181 -32.30 -21.31 -13.61
C GLY A 181 -33.09 -22.56 -13.19
N VAL A 182 -33.44 -22.58 -11.91
CA VAL A 182 -34.22 -23.67 -11.32
C VAL A 182 -35.47 -23.09 -10.69
N HIS A 183 -36.61 -23.76 -10.90
CA HIS A 183 -37.88 -23.28 -10.38
C HIS A 183 -38.11 -23.83 -8.98
N HIS A 184 -38.59 -22.96 -8.09
CA HIS A 184 -38.91 -23.30 -6.70
C HIS A 184 -40.37 -22.95 -6.45
N PRO A 185 -41.31 -23.85 -6.71
CA PRO A 185 -42.71 -23.56 -6.45
C PRO A 185 -42.98 -23.40 -4.95
N GLY A 186 -44.00 -22.61 -4.64
CA GLY A 186 -44.37 -22.35 -3.26
C GLY A 186 -45.32 -23.35 -2.62
N THR A 187 -45.92 -24.25 -3.40
CA THR A 187 -46.90 -25.17 -2.89
C THR A 187 -46.70 -26.53 -3.57
N ASP A 188 -47.02 -27.61 -2.84
CA ASP A 188 -46.95 -28.94 -3.41
C ASP A 188 -47.96 -29.12 -4.54
N LYS A 189 -49.12 -28.44 -4.45
CA LYS A 189 -50.13 -28.56 -5.50
C LYS A 189 -49.66 -27.90 -6.78
N ASP A 190 -48.86 -26.84 -6.68
CA ASP A 190 -48.38 -26.15 -7.87
C ASP A 190 -47.38 -27.00 -8.64
N GLN A 191 -46.47 -27.68 -7.92
CA GLN A 191 -45.42 -28.45 -8.58
C GLN A 191 -45.99 -29.68 -9.29
N ILE A 192 -46.95 -30.35 -8.66
CA ILE A 192 -47.54 -31.55 -9.27
C ILE A 192 -48.43 -31.15 -10.44
N PHE A 193 -48.96 -29.92 -10.43
CA PHE A 193 -49.80 -29.47 -11.54
C PHE A 193 -48.95 -29.13 -12.76
N LEU A 194 -47.73 -28.65 -12.55
CA LEU A 194 -46.92 -28.16 -13.68
C LEU A 194 -46.05 -29.26 -14.28
N TYR A 195 -45.50 -30.14 -13.44
CA TYR A 195 -44.53 -31.13 -13.90
C TYR A 195 -44.99 -32.57 -13.71
N ALA A 196 -46.05 -32.82 -12.95
CA ALA A 196 -46.57 -34.16 -12.66
C ALA A 196 -45.50 -35.06 -12.04
N GLN A 197 -44.67 -34.48 -11.18
CA GLN A 197 -43.61 -35.21 -10.50
C GLN A 197 -43.26 -34.48 -9.22
N SER A 198 -43.38 -35.17 -8.08
CA SER A 198 -43.05 -34.54 -6.80
C SER A 198 -41.57 -34.22 -6.71
N SER A 199 -40.72 -35.12 -7.18
CA SER A 199 -39.28 -34.92 -7.11
C SER A 199 -38.82 -34.02 -8.26
N GLY A 200 -37.52 -33.70 -8.26
CA GLY A 200 -36.94 -32.87 -9.29
C GLY A 200 -35.46 -32.64 -9.05
N ARG A 201 -34.67 -32.72 -10.11
CA ARG A 201 -33.22 -32.58 -9.99
C ARG A 201 -32.65 -32.16 -11.33
N ILE A 202 -31.77 -31.16 -11.30
CA ILE A 202 -31.23 -30.54 -12.50
C ILE A 202 -29.70 -30.59 -12.44
N THR A 203 -29.09 -31.07 -13.53
CA THR A 203 -27.64 -31.16 -13.62
C THR A 203 -27.17 -30.59 -14.94
N VAL A 204 -26.17 -29.71 -14.86
CA VAL A 204 -25.49 -29.16 -16.04
C VAL A 204 -24.01 -29.48 -15.90
N SER A 205 -23.44 -30.12 -16.92
CA SER A 205 -22.06 -30.57 -16.88
C SER A 205 -21.32 -30.16 -18.14
N THR A 206 -20.04 -29.84 -17.97
CA THR A 206 -19.13 -29.57 -19.07
C THR A 206 -17.92 -30.49 -18.92
N LYS A 207 -16.91 -30.27 -19.75
CA LYS A 207 -15.69 -31.06 -19.67
C LYS A 207 -14.69 -30.51 -18.65
N ARG A 208 -14.99 -29.37 -18.04
CA ARG A 208 -14.12 -28.79 -17.02
C ARG A 208 -14.79 -28.70 -15.65
N SER A 209 -16.02 -28.23 -15.58
CA SER A 209 -16.72 -28.07 -14.31
C SER A 209 -18.18 -28.48 -14.47
N GLN A 210 -18.80 -28.85 -13.35
CA GLN A 210 -20.19 -29.24 -13.34
C GLN A 210 -20.90 -28.53 -12.20
N GLN A 211 -22.18 -28.24 -12.42
CA GLN A 211 -23.03 -27.64 -11.40
C GLN A 211 -24.28 -28.51 -11.25
N ALA A 212 -24.68 -28.75 -10.00
CA ALA A 212 -25.81 -29.63 -9.74
C ALA A 212 -26.53 -29.15 -8.49
N VAL A 213 -27.78 -28.73 -8.66
CA VAL A 213 -28.60 -28.23 -7.57
C VAL A 213 -29.96 -28.93 -7.60
N ILE A 214 -30.65 -28.89 -6.47
CA ILE A 214 -31.99 -29.46 -6.37
C ILE A 214 -32.94 -28.38 -5.87
N PRO A 215 -34.18 -28.34 -6.34
CA PRO A 215 -35.13 -27.34 -5.82
C PRO A 215 -35.54 -27.65 -4.39
N ASN A 216 -35.72 -26.57 -3.62
CA ASN A 216 -36.15 -26.68 -2.23
C ASN A 216 -37.61 -26.28 -2.15
N ILE A 217 -38.49 -27.29 -2.08
CA ILE A 217 -39.92 -27.03 -1.99
C ILE A 217 -40.24 -26.50 -0.59
N GLY A 218 -41.16 -25.55 -0.52
CA GLY A 218 -41.53 -24.97 0.76
C GLY A 218 -42.41 -23.75 0.55
N SER A 219 -42.83 -23.18 1.67
CA SER A 219 -43.69 -21.99 1.66
C SER A 219 -42.84 -20.74 1.83
N ARG A 220 -43.05 -19.78 0.94
CA ARG A 220 -42.29 -18.54 0.88
C ARG A 220 -43.26 -17.36 0.91
N PRO A 221 -42.82 -16.20 1.39
CA PRO A 221 -43.69 -15.02 1.38
C PRO A 221 -44.07 -14.59 -0.03
N ARG A 222 -45.30 -14.10 -0.16
CA ARG A 222 -45.84 -13.72 -1.46
C ARG A 222 -45.39 -12.32 -1.82
N ILE A 223 -44.90 -12.16 -3.05
CA ILE A 223 -44.54 -10.86 -3.60
C ILE A 223 -45.30 -10.72 -4.92
N ARG A 224 -46.22 -9.75 -4.98
CA ARG A 224 -47.09 -9.52 -6.15
C ARG A 224 -47.87 -10.79 -6.52
N ASP A 225 -48.50 -11.39 -5.52
CA ASP A 225 -49.42 -12.52 -5.67
C ASP A 225 -48.73 -13.75 -6.28
N ILE A 226 -47.48 -13.97 -5.89
CA ILE A 226 -46.79 -15.22 -6.23
C ILE A 226 -45.77 -15.54 -5.13
N PRO A 227 -45.74 -16.78 -4.64
CA PRO A 227 -44.74 -17.17 -3.63
C PRO A 227 -43.52 -17.88 -4.19
N SER A 228 -43.50 -18.23 -5.47
CA SER A 228 -42.43 -19.05 -6.01
C SER A 228 -41.18 -18.21 -6.26
N ARG A 229 -40.06 -18.91 -6.46
CA ARG A 229 -38.76 -18.29 -6.66
C ARG A 229 -38.00 -19.03 -7.75
N ILE A 230 -37.04 -18.33 -8.37
CA ILE A 230 -36.09 -18.94 -9.30
C ILE A 230 -34.69 -18.50 -8.91
N SER A 231 -33.79 -19.47 -8.76
CA SER A 231 -32.38 -19.20 -8.54
C SER A 231 -31.63 -19.29 -9.86
N ILE A 232 -30.85 -18.25 -10.17
CA ILE A 232 -30.18 -18.12 -11.46
C ILE A 232 -28.75 -18.64 -11.34
N TYR A 233 -28.36 -19.50 -12.29
CA TYR A 233 -27.01 -20.05 -12.33
C TYR A 233 -26.41 -19.80 -13.70
N TRP A 234 -25.08 -19.68 -13.74
CA TRP A 234 -24.37 -19.36 -14.97
C TRP A 234 -23.24 -20.35 -15.18
N THR A 235 -22.99 -20.69 -16.44
CA THR A 235 -21.89 -21.55 -16.83
C THR A 235 -21.09 -20.87 -17.94
N ILE A 236 -19.79 -21.14 -17.96
CA ILE A 236 -18.88 -20.61 -18.97
C ILE A 236 -18.34 -21.79 -19.76
N VAL A 237 -18.56 -21.77 -21.07
CA VAL A 237 -18.17 -22.87 -21.95
C VAL A 237 -17.03 -22.39 -22.83
N LYS A 238 -15.85 -22.96 -22.62
CA LYS A 238 -14.69 -22.68 -23.45
C LYS A 238 -14.87 -23.33 -24.82
N PRO A 239 -14.18 -22.83 -25.85
CA PRO A 239 -14.27 -23.48 -27.17
C PRO A 239 -13.74 -24.90 -27.12
N GLY A 240 -14.41 -25.78 -27.87
CA GLY A 240 -14.08 -27.19 -27.87
C GLY A 240 -14.78 -27.99 -26.80
N ASP A 241 -15.58 -27.38 -25.93
CA ASP A 241 -16.28 -28.07 -24.87
C ASP A 241 -17.72 -28.38 -25.28
N ILE A 242 -18.23 -29.49 -24.76
CA ILE A 242 -19.58 -29.97 -25.08
C ILE A 242 -20.45 -29.77 -23.85
N LEU A 243 -21.56 -29.05 -24.01
CA LEU A 243 -22.47 -28.73 -22.92
C LEU A 243 -23.58 -29.77 -22.87
N LEU A 244 -23.77 -30.39 -21.70
CA LEU A 244 -24.78 -31.40 -21.51
C LEU A 244 -25.64 -31.02 -20.31
N ILE A 245 -26.96 -31.07 -20.50
CA ILE A 245 -27.93 -30.73 -19.46
C ILE A 245 -28.86 -31.91 -19.26
N ASN A 246 -28.90 -32.46 -18.05
CA ASN A 246 -29.83 -33.53 -17.70
C ASN A 246 -30.67 -33.04 -16.54
N SER A 247 -31.99 -33.01 -16.73
CA SER A 247 -32.87 -32.48 -15.70
C SER A 247 -34.23 -33.14 -15.82
N THR A 248 -34.93 -33.19 -14.69
CA THR A 248 -36.32 -33.66 -14.62
C THR A 248 -37.16 -32.61 -13.88
N GLY A 249 -37.71 -31.67 -14.64
CA GLY A 249 -38.57 -30.64 -14.10
C GLY A 249 -37.80 -29.47 -13.52
N ASN A 250 -38.51 -28.34 -13.42
CA ASN A 250 -38.01 -27.12 -12.78
C ASN A 250 -36.72 -26.62 -13.42
N LEU A 251 -36.66 -26.65 -14.75
CA LEU A 251 -35.53 -26.14 -15.50
C LEU A 251 -35.93 -24.87 -16.23
N ILE A 252 -35.22 -23.79 -15.97
CA ILE A 252 -35.41 -22.55 -16.73
C ILE A 252 -34.41 -22.60 -17.87
N ALA A 253 -34.88 -23.11 -19.01
CA ALA A 253 -33.99 -23.39 -20.13
C ALA A 253 -33.53 -22.10 -20.79
N PRO A 254 -32.24 -21.98 -21.10
CA PRO A 254 -31.76 -20.79 -21.81
C PRO A 254 -32.23 -20.77 -23.26
N ARG A 255 -32.36 -19.55 -23.78
CA ARG A 255 -32.67 -19.36 -25.20
C ARG A 255 -31.42 -19.32 -26.06
N GLY A 256 -30.24 -19.12 -25.47
CA GLY A 256 -29.01 -19.01 -26.22
C GLY A 256 -27.80 -18.75 -25.35
N TYR A 257 -26.96 -17.81 -25.76
CA TYR A 257 -25.74 -17.51 -25.02
C TYR A 257 -25.40 -16.04 -25.17
N PHE A 258 -24.58 -15.54 -24.25
CA PHE A 258 -24.10 -14.16 -24.29
C PHE A 258 -22.61 -14.15 -24.60
N LYS A 259 -22.23 -13.39 -25.62
CA LYS A 259 -20.84 -13.27 -25.99
C LYS A 259 -20.07 -12.49 -24.94
N ILE A 260 -18.83 -12.92 -24.68
CA ILE A 260 -17.99 -12.31 -23.66
C ILE A 260 -16.74 -11.74 -24.33
N ARG A 261 -16.48 -10.46 -24.11
CA ARG A 261 -15.28 -9.79 -24.59
C ARG A 261 -14.49 -9.26 -23.40
N SER A 262 -13.21 -9.02 -23.64
CA SER A 262 -12.32 -8.44 -22.63
C SER A 262 -12.05 -7.00 -22.99
N GLY A 263 -12.28 -6.10 -22.05
CA GLY A 263 -12.12 -4.68 -22.31
C GLY A 263 -12.17 -3.86 -21.06
N LYS A 264 -12.40 -2.57 -21.23
CA LYS A 264 -12.39 -1.60 -20.15
C LYS A 264 -13.79 -1.33 -19.59
N SER A 265 -14.78 -2.16 -19.92
CA SER A 265 -16.12 -1.94 -19.44
C SER A 265 -16.23 -2.23 -17.94
N SER A 266 -16.98 -1.39 -17.24
CA SER A 266 -17.18 -1.54 -15.80
C SER A 266 -18.60 -1.15 -15.47
N ILE A 267 -18.91 -1.04 -14.17
CA ILE A 267 -20.24 -0.70 -13.70
C ILE A 267 -20.13 0.35 -12.61
N MET A 268 -21.08 1.28 -12.60
CA MET A 268 -21.12 2.34 -11.61
C MET A 268 -22.56 2.54 -11.18
N ARG A 269 -22.74 3.18 -10.02
CA ARG A 269 -24.06 3.52 -9.52
C ARG A 269 -24.06 4.97 -9.06
N SER A 270 -25.04 5.74 -9.51
CA SER A 270 -25.11 7.16 -9.24
C SER A 270 -26.54 7.64 -9.48
N ASP A 271 -26.73 8.96 -9.44
CA ASP A 271 -28.01 9.55 -9.82
C ASP A 271 -27.83 10.80 -10.67
N ALA A 272 -26.61 11.12 -11.10
CA ALA A 272 -26.38 12.32 -11.88
C ALA A 272 -26.92 12.17 -13.29
N PRO A 273 -27.49 13.23 -13.85
CA PRO A 273 -28.01 13.16 -15.22
C PRO A 273 -26.90 13.16 -16.25
N ILE A 274 -27.26 12.77 -17.46
CA ILE A 274 -26.31 12.69 -18.57
C ILE A 274 -26.43 13.95 -19.42
N GLY A 275 -25.28 14.56 -19.73
CA GLY A 275 -25.26 15.78 -20.51
C GLY A 275 -24.25 15.67 -21.63
N LYS A 276 -24.21 16.72 -22.46
CA LYS A 276 -23.30 16.79 -23.59
C LYS A 276 -22.14 17.70 -23.24
N CYS A 277 -21.00 17.11 -22.88
CA CYS A 277 -19.79 17.82 -22.49
C CYS A 277 -18.62 16.87 -22.64
N LYS A 278 -17.41 17.43 -22.56
CA LYS A 278 -16.18 16.68 -22.81
C LYS A 278 -15.39 16.54 -21.52
N SER A 279 -15.08 15.30 -21.15
CA SER A 279 -14.25 15.00 -19.99
C SER A 279 -13.78 13.56 -20.10
N GLU A 280 -12.75 13.22 -19.31
CA GLU A 280 -12.16 11.89 -19.35
C GLU A 280 -12.45 11.07 -18.10
N CYS A 281 -12.68 11.70 -16.95
CA CYS A 281 -12.89 11.02 -15.69
C CYS A 281 -14.36 11.07 -15.31
N ILE A 282 -14.89 9.96 -14.81
CA ILE A 282 -16.29 9.84 -14.44
C ILE A 282 -16.37 9.35 -12.99
N THR A 283 -17.12 10.08 -12.17
CA THR A 283 -17.34 9.79 -10.77
C THR A 283 -18.84 9.70 -10.52
N PRO A 284 -19.27 9.04 -9.44
CA PRO A 284 -20.70 9.04 -9.13
C PRO A 284 -21.27 10.43 -8.85
N ASN A 285 -20.45 11.34 -8.31
CA ASN A 285 -20.92 12.69 -8.05
C ASN A 285 -20.93 13.57 -9.29
N GLY A 286 -20.34 13.13 -10.38
CA GLY A 286 -20.28 13.92 -11.60
C GLY A 286 -18.99 13.66 -12.34
N SER A 287 -18.43 14.71 -12.92
CA SER A 287 -17.18 14.61 -13.65
C SER A 287 -16.25 15.75 -13.26
N ILE A 288 -14.95 15.46 -13.25
CA ILE A 288 -13.93 16.44 -12.88
C ILE A 288 -12.78 16.35 -13.87
N PRO A 289 -12.10 17.47 -14.12
CA PRO A 289 -10.89 17.41 -14.96
C PRO A 289 -9.77 16.66 -14.27
N ASN A 290 -8.92 16.03 -15.08
CA ASN A 290 -7.83 15.21 -14.57
C ASN A 290 -6.49 15.92 -14.57
N ASP A 291 -6.49 17.26 -14.63
CA ASP A 291 -5.23 18.00 -14.61
C ASP A 291 -4.54 17.88 -13.25
N LYS A 292 -5.31 17.99 -12.17
CA LYS A 292 -4.74 17.85 -10.83
C LYS A 292 -4.49 16.38 -10.51
N PRO A 293 -3.34 16.05 -9.93
CA PRO A 293 -3.04 14.65 -9.60
C PRO A 293 -3.61 14.14 -8.29
N PHE A 294 -4.52 14.88 -7.66
CA PHE A 294 -5.14 14.46 -6.41
C PHE A 294 -6.61 14.89 -6.42
N GLN A 295 -7.41 14.22 -5.59
CA GLN A 295 -8.83 14.50 -5.50
C GLN A 295 -9.34 14.15 -4.12
N ASN A 296 -10.54 14.64 -3.80
CA ASN A 296 -11.20 14.26 -2.55
C ASN A 296 -12.71 14.11 -2.69
N VAL A 297 -13.23 13.96 -3.92
CA VAL A 297 -14.67 14.00 -4.10
C VAL A 297 -15.30 12.63 -3.87
N ASN A 298 -14.67 11.55 -4.33
CA ASN A 298 -15.25 10.22 -4.22
C ASN A 298 -14.17 9.19 -4.52
N ARG A 299 -14.20 8.07 -3.80
CA ARG A 299 -13.21 7.02 -3.99
C ARG A 299 -13.47 6.18 -5.23
N ILE A 300 -14.73 5.98 -5.61
CA ILE A 300 -15.04 5.18 -6.79
C ILE A 300 -14.83 6.03 -8.03
N THR A 301 -13.92 5.58 -8.91
CA THR A 301 -13.60 6.32 -10.13
C THR A 301 -13.54 5.35 -11.30
N TYR A 302 -13.71 5.92 -12.50
CA TYR A 302 -13.61 5.17 -13.74
C TYR A 302 -12.82 6.00 -14.75
N GLY A 303 -11.86 5.35 -15.42
CA GLY A 303 -11.05 6.05 -16.39
C GLY A 303 -9.81 6.67 -15.77
N ALA A 304 -9.30 7.69 -16.45
CA ALA A 304 -8.11 8.41 -16.00
C ALA A 304 -8.52 9.42 -14.94
N CYS A 305 -8.40 9.03 -13.68
CA CYS A 305 -8.78 9.87 -12.55
C CYS A 305 -7.64 9.92 -11.54
N PRO A 306 -7.52 11.01 -10.80
CA PRO A 306 -6.49 11.09 -9.76
C PRO A 306 -6.83 10.22 -8.56
N ARG A 307 -5.82 9.96 -7.75
CA ARG A 307 -5.99 9.11 -6.58
C ARG A 307 -6.72 9.86 -5.47
N TYR A 308 -7.49 9.13 -4.68
CA TYR A 308 -8.28 9.72 -3.62
C TYR A 308 -7.38 10.11 -2.43
N VAL A 309 -7.63 11.30 -1.89
CA VAL A 309 -6.83 11.85 -0.80
C VAL A 309 -7.78 12.39 0.27
N LYS A 310 -7.56 11.97 1.51
CA LYS A 310 -8.33 12.47 2.65
C LYS A 310 -7.72 13.78 3.16
N HIS A 311 -7.98 14.84 2.41
CA HIS A 311 -7.48 16.16 2.77
C HIS A 311 -8.45 17.22 2.23
N SER A 312 -8.60 18.30 3.00
CA SER A 312 -9.48 19.39 2.56
C SER A 312 -8.88 20.11 1.36
N THR A 313 -7.60 20.49 1.45
CA THR A 313 -6.92 21.16 0.35
C THR A 313 -5.42 20.96 0.52
N LEU A 314 -4.70 21.09 -0.60
CA LEU A 314 -3.25 21.03 -0.61
C LEU A 314 -2.71 22.16 -1.48
N LYS A 315 -1.71 22.86 -0.99
CA LYS A 315 -1.12 23.99 -1.69
C LYS A 315 0.35 23.71 -1.99
N LEU A 316 0.82 24.26 -3.11
CA LEU A 316 2.21 24.10 -3.51
C LEU A 316 2.77 25.51 -3.73
N ALA A 317 3.85 25.83 -3.03
CA ALA A 317 4.45 27.15 -3.14
C ALA A 317 5.21 27.27 -4.45
N THR A 318 4.93 28.35 -5.19
CA THR A 318 5.56 28.64 -6.48
C THR A 318 6.29 29.98 -6.41
N GLY A 319 6.89 30.28 -5.27
CA GLY A 319 7.57 31.56 -5.11
C GLY A 319 8.31 31.62 -3.79
N MET A 320 8.78 32.81 -3.47
CA MET A 320 9.54 33.05 -2.26
C MET A 320 8.63 33.49 -1.12
N ARG A 321 9.20 33.54 0.08
CA ARG A 321 8.49 34.07 1.24
C ARG A 321 8.24 35.56 1.04
N ASN A 322 7.05 36.01 1.43
CA ASN A 322 6.69 37.42 1.28
C ASN A 322 7.06 38.17 2.55
N VAL A 323 7.68 39.34 2.38
CA VAL A 323 8.03 40.22 3.48
C VAL A 323 6.72 40.74 4.09
N PRO A 324 6.64 40.88 5.42
CA PRO A 324 5.40 41.42 6.02
C PRO A 324 5.11 42.88 5.65
N GLU A 325 6.11 43.62 5.15
CA GLU A 325 6.01 45.00 4.66
C GLU A 325 5.75 46.01 5.76
N LYS A 326 6.30 47.21 5.61
CA LYS A 326 6.17 48.33 6.55
C LYS A 326 6.60 47.92 7.95
N GLN A 327 7.88 47.53 8.06
CA GLN A 327 8.52 47.05 9.30
C GLN A 327 7.76 45.87 9.93
N GLY B 5 49.48 39.06 30.69
CA GLY B 5 49.12 40.30 30.04
C GLY B 5 49.02 40.19 28.53
N ASN B 6 47.97 40.76 27.97
CA ASN B 6 47.73 40.73 26.54
C ASN B 6 47.60 42.15 26.01
N ASP B 7 48.18 42.40 24.84
CA ASP B 7 48.11 43.72 24.23
C ASP B 7 46.69 44.00 23.72
N ASN B 8 46.35 45.28 23.67
CA ASN B 8 45.03 45.68 23.18
C ASN B 8 44.87 45.45 21.68
N SER B 9 45.96 45.42 20.93
CA SER B 9 45.90 45.17 19.51
C SER B 9 45.78 43.68 19.16
N THR B 10 45.89 42.79 20.14
CA THR B 10 45.77 41.37 19.92
C THR B 10 44.36 40.88 20.31
N ALA B 11 43.34 41.67 19.97
CA ALA B 11 41.97 41.27 20.25
C ALA B 11 41.49 40.27 19.20
N THR B 12 40.87 39.18 19.67
CA THR B 12 40.37 38.15 18.79
C THR B 12 38.95 37.76 19.20
N LEU B 13 38.18 37.28 18.23
CA LEU B 13 36.81 36.84 18.45
C LEU B 13 36.59 35.52 17.73
N CYS B 14 36.13 34.51 18.46
CA CYS B 14 35.93 33.17 17.91
C CYS B 14 34.46 32.79 18.01
N LEU B 15 34.02 31.93 17.09
CA LEU B 15 32.66 31.44 17.04
C LEU B 15 32.67 29.92 17.07
N GLY B 16 31.55 29.33 17.47
CA GLY B 16 31.44 27.88 17.52
C GLY B 16 30.08 27.44 18.01
N HIS B 17 29.95 26.14 18.20
CA HIS B 17 28.72 25.53 18.68
C HIS B 17 29.03 24.53 19.77
N HIS B 18 28.05 24.30 20.65
CA HIS B 18 28.23 23.44 21.80
C HIS B 18 28.22 21.97 21.40
N ALA B 19 28.71 21.13 22.31
CA ALA B 19 28.72 19.68 22.09
C ALA B 19 28.69 18.98 23.43
N VAL B 20 28.17 17.75 23.42
CA VAL B 20 28.10 16.90 24.60
C VAL B 20 28.87 15.62 24.33
N PRO B 21 29.75 15.17 25.25
CA PRO B 21 30.49 13.93 25.00
C PRO B 21 29.61 12.69 24.89
N ASN B 22 28.44 12.69 25.51
CA ASN B 22 27.54 11.54 25.46
C ASN B 22 26.72 11.60 24.17
N GLY B 23 27.38 11.28 23.06
CA GLY B 23 26.68 11.23 21.79
C GLY B 23 25.94 9.92 21.58
N THR B 24 24.96 9.97 20.69
CA THR B 24 24.16 8.80 20.34
C THR B 24 24.15 8.62 18.83
N ILE B 25 23.99 7.37 18.39
CA ILE B 25 24.03 7.07 16.96
C ILE B 25 22.66 7.33 16.34
N VAL B 26 22.66 7.97 15.17
CA VAL B 26 21.43 8.26 14.43
C VAL B 26 21.65 7.86 12.98
N LYS B 27 20.77 7.00 12.47
CA LYS B 27 20.88 6.53 11.10
C LYS B 27 20.36 7.59 10.14
N THR B 28 21.14 7.84 9.08
CA THR B 28 20.77 8.82 8.07
C THR B 28 21.39 8.41 6.73
N ILE B 29 21.28 9.30 5.75
CA ILE B 29 21.73 9.00 4.40
C ILE B 29 23.25 8.94 4.32
N CYS B 30 23.93 9.90 4.97
CA CYS B 30 25.38 10.03 4.82
C CYS B 30 26.11 8.84 5.42
N ASN B 31 25.79 8.49 6.67
CA ASN B 31 26.40 7.34 7.32
C ASN B 31 25.47 6.88 8.43
N ASP B 32 25.51 5.59 8.71
CA ASP B 32 24.62 4.98 9.70
C ASP B 32 25.11 5.15 11.13
N ARG B 33 26.30 5.70 11.33
CA ARG B 33 26.89 5.80 12.67
C ARG B 33 27.39 7.22 12.92
N ILE B 34 26.54 8.21 12.64
CA ILE B 34 26.87 9.61 12.90
C ILE B 34 26.36 9.98 14.29
N GLU B 35 27.23 10.56 15.10
CA GLU B 35 26.86 10.94 16.46
C GLU B 35 26.18 12.30 16.47
N VAL B 36 25.05 12.39 17.17
CA VAL B 36 24.30 13.62 17.32
C VAL B 36 24.22 13.95 18.81
N THR B 37 24.25 15.24 19.12
CA THR B 37 24.35 15.68 20.52
C THR B 37 23.10 15.31 21.31
N ASN B 38 21.95 15.17 20.66
CA ASN B 38 20.74 14.74 21.35
C ASN B 38 19.80 14.14 20.31
N ALA B 39 19.02 13.15 20.74
CA ALA B 39 18.04 12.50 19.90
C ALA B 39 16.94 11.92 20.77
N THR B 40 15.79 11.65 20.15
CA THR B 40 14.65 11.07 20.84
C THR B 40 14.17 9.85 20.09
N GLU B 41 13.57 8.92 20.83
CA GLU B 41 13.04 7.70 20.22
C GLU B 41 11.70 8.00 19.55
N LEU B 42 11.51 7.44 18.36
CA LEU B 42 10.29 7.65 17.59
C LEU B 42 9.42 6.41 17.51
N VAL B 43 9.75 5.37 18.28
CA VAL B 43 8.99 4.13 18.30
C VAL B 43 8.81 3.71 19.75
N GLN B 44 7.73 2.97 20.01
CA GLN B 44 7.41 2.47 21.34
C GLN B 44 7.68 0.97 21.36
N ASN B 45 8.76 0.58 22.04
CA ASN B 45 9.17 -0.81 22.13
C ASN B 45 8.75 -1.48 23.44
N SER B 46 7.95 -0.80 24.26
CA SER B 46 7.56 -1.32 25.57
C SER B 46 6.07 -1.12 25.77
N SER B 47 5.50 -1.97 26.62
CA SER B 47 4.09 -1.90 26.97
C SER B 47 3.94 -2.06 28.48
N ILE B 48 2.80 -1.57 28.99
CA ILE B 48 2.53 -1.67 30.43
C ILE B 48 2.35 -3.12 30.84
N GLY B 49 1.62 -3.89 30.04
CA GLY B 49 1.34 -5.28 30.34
C GLY B 49 -0.10 -5.56 30.73
N GLU B 50 -0.97 -4.55 30.71
CA GLU B 50 -2.37 -4.72 31.05
C GLU B 50 -3.19 -3.67 30.32
N ILE B 51 -4.49 -3.93 30.21
CA ILE B 51 -5.40 -3.08 29.47
C ILE B 51 -6.10 -2.14 30.44
N CYS B 52 -5.94 -0.84 30.23
CA CYS B 52 -6.64 0.15 31.04
C CYS B 52 -8.10 0.25 30.62
N ASP B 53 -8.95 0.61 31.58
CA ASP B 53 -10.39 0.71 31.36
C ASP B 53 -10.85 2.07 31.86
N SER B 54 -10.95 3.04 30.94
CA SER B 54 -11.47 4.37 31.24
C SER B 54 -11.94 5.09 29.98
N PRO B 55 -11.17 5.19 28.88
CA PRO B 55 -11.75 5.81 27.68
C PRO B 55 -12.76 4.92 26.99
N HIS B 56 -12.62 3.60 27.10
CA HIS B 56 -13.51 2.66 26.46
C HIS B 56 -13.94 1.59 27.46
N GLN B 57 -15.08 0.97 27.20
CA GLN B 57 -15.58 -0.10 28.04
C GLN B 57 -15.15 -1.44 27.47
N ILE B 58 -14.52 -2.27 28.31
CA ILE B 58 -14.03 -3.57 27.91
C ILE B 58 -14.77 -4.62 28.72
N LEU B 59 -15.34 -5.60 28.03
CA LEU B 59 -16.07 -6.70 28.67
C LEU B 59 -15.13 -7.89 28.77
N ASP B 60 -14.90 -8.35 29.99
CA ASP B 60 -13.97 -9.44 30.24
C ASP B 60 -14.50 -10.74 29.64
N GLY B 61 -13.57 -11.56 29.12
CA GLY B 61 -13.96 -12.85 28.58
C GLY B 61 -14.51 -13.79 29.63
N GLU B 62 -13.80 -13.92 30.76
CA GLU B 62 -14.18 -14.79 31.88
C GLU B 62 -14.43 -16.22 31.42
N ASN B 63 -13.41 -16.80 30.76
CA ASN B 63 -13.43 -18.09 30.06
C ASN B 63 -14.72 -18.34 29.28
N CYS B 64 -15.20 -17.33 28.57
CA CYS B 64 -16.36 -17.45 27.71
C CYS B 64 -16.02 -16.99 26.30
N THR B 65 -16.54 -17.71 25.31
CA THR B 65 -16.43 -17.33 23.91
C THR B 65 -17.63 -16.47 23.53
N LEU B 66 -17.42 -15.55 22.57
CA LEU B 66 -18.47 -14.63 22.16
C LEU B 66 -19.67 -15.37 21.59
N ILE B 67 -19.43 -16.44 20.83
CA ILE B 67 -20.53 -17.25 20.32
C ILE B 67 -21.23 -17.97 21.47
N ASP B 68 -20.47 -18.39 22.49
CA ASP B 68 -21.07 -19.06 23.65
C ASP B 68 -21.97 -18.11 24.43
N ALA B 69 -21.55 -16.85 24.60
CA ALA B 69 -22.38 -15.88 25.29
C ALA B 69 -23.58 -15.49 24.45
N LEU B 70 -23.45 -15.57 23.13
CA LEU B 70 -24.57 -15.26 22.24
C LEU B 70 -25.68 -16.29 22.38
N LEU B 71 -25.32 -17.57 22.40
CA LEU B 71 -26.33 -18.62 22.49
C LEU B 71 -26.92 -18.74 23.88
N GLY B 72 -26.20 -18.27 24.91
CA GLY B 72 -26.69 -18.38 26.26
C GLY B 72 -26.22 -19.63 26.96
N ASP B 73 -24.91 -19.85 26.99
CA ASP B 73 -24.35 -21.02 27.64
C ASP B 73 -24.58 -20.93 29.15
N PRO B 74 -24.91 -22.05 29.81
CA PRO B 74 -25.15 -22.01 31.26
C PRO B 74 -23.95 -21.56 32.08
N GLN B 75 -22.74 -21.89 31.64
CA GLN B 75 -21.54 -21.40 32.32
C GLN B 75 -21.32 -19.91 32.07
N CYS B 76 -21.95 -19.35 31.04
CA CYS B 76 -21.74 -17.97 30.65
C CYS B 76 -23.04 -17.17 30.73
N ASP B 77 -23.85 -17.45 31.77
CA ASP B 77 -25.16 -16.83 31.89
C ASP B 77 -25.06 -15.37 32.34
N GLY B 78 -23.92 -14.92 32.82
CA GLY B 78 -23.77 -13.57 33.32
C GLY B 78 -23.59 -12.50 32.26
N PHE B 79 -23.59 -12.87 30.99
CA PHE B 79 -23.42 -11.93 29.89
C PHE B 79 -24.74 -11.51 29.26
N GLN B 80 -25.86 -11.79 29.90
CA GLN B 80 -27.17 -11.45 29.33
C GLN B 80 -27.38 -9.95 29.37
N ASN B 81 -27.78 -9.39 28.21
CA ASN B 81 -28.11 -7.97 28.05
C ASN B 81 -26.95 -7.07 28.45
N LYS B 82 -25.78 -7.35 27.90
CA LYS B 82 -24.57 -6.58 28.18
C LYS B 82 -24.02 -5.99 26.89
N LYS B 83 -23.58 -4.74 26.96
CA LYS B 83 -23.02 -4.04 25.82
C LYS B 83 -21.55 -3.75 26.05
N TRP B 84 -20.78 -3.73 24.97
CA TRP B 84 -19.33 -3.58 25.06
C TRP B 84 -18.84 -2.64 23.96
N ASP B 85 -17.62 -2.14 24.15
CA ASP B 85 -16.90 -1.44 23.11
C ASP B 85 -15.74 -2.24 22.54
N LEU B 86 -15.20 -3.20 23.30
CA LEU B 86 -14.14 -4.07 22.81
C LEU B 86 -14.21 -5.39 23.57
N PHE B 87 -14.76 -6.41 22.94
CA PHE B 87 -14.82 -7.73 23.53
C PHE B 87 -13.45 -8.40 23.47
N VAL B 88 -13.12 -9.12 24.54
CA VAL B 88 -11.88 -9.88 24.62
C VAL B 88 -12.21 -11.35 24.84
N GLU B 89 -11.42 -12.23 24.23
CA GLU B 89 -11.61 -13.67 24.35
C GLU B 89 -10.35 -14.30 24.93
N ARG B 90 -10.52 -15.07 25.99
CA ARG B 90 -9.39 -15.72 26.64
C ARG B 90 -8.94 -16.92 25.83
N SER B 91 -7.62 -17.15 25.79
CA SER B 91 -7.08 -18.28 25.04
C SER B 91 -7.35 -19.61 25.72
N LYS B 92 -7.60 -19.60 27.03
CA LYS B 92 -7.86 -20.83 27.78
C LYS B 92 -9.34 -21.13 27.93
N ALA B 93 -10.21 -20.38 27.24
CA ALA B 93 -11.65 -20.56 27.40
C ALA B 93 -12.10 -21.90 26.81
N TYR B 94 -13.02 -22.56 27.51
CA TYR B 94 -13.59 -23.81 27.05
C TYR B 94 -15.02 -23.91 27.55
N SER B 95 -15.81 -24.74 26.88
CA SER B 95 -17.21 -24.94 27.22
C SER B 95 -17.50 -26.43 27.39
N ASN B 96 -18.38 -26.74 28.33
CA ASN B 96 -18.80 -28.12 28.62
C ASN B 96 -20.33 -28.22 28.56
N CYS B 97 -20.85 -28.27 27.35
CA CYS B 97 -22.29 -28.21 27.09
C CYS B 97 -22.53 -28.85 25.72
N TYR B 98 -23.72 -28.63 25.16
CA TYR B 98 -24.10 -29.24 23.90
C TYR B 98 -23.13 -28.83 22.79
N PRO B 99 -22.59 -29.78 22.03
CA PRO B 99 -21.57 -29.45 21.04
C PRO B 99 -22.16 -28.72 19.83
N TYR B 100 -21.44 -27.70 19.39
CA TYR B 100 -21.90 -26.82 18.34
C TYR B 100 -20.78 -26.59 17.33
N ASP B 101 -21.18 -26.34 16.09
CA ASP B 101 -20.24 -25.91 15.05
C ASP B 101 -21.04 -25.17 14.00
N VAL B 102 -20.55 -24.01 13.56
CA VAL B 102 -21.34 -23.18 12.66
C VAL B 102 -20.62 -23.05 11.32
N PRO B 103 -21.35 -22.94 10.21
CA PRO B 103 -20.73 -22.50 8.97
C PRO B 103 -20.42 -21.02 9.04
N ASP B 104 -19.25 -20.65 8.48
CA ASP B 104 -18.75 -19.28 8.48
C ASP B 104 -18.64 -18.73 9.90
N TYR B 105 -17.77 -19.36 10.69
CA TYR B 105 -17.52 -18.92 12.06
C TYR B 105 -16.94 -17.52 12.10
N ALA B 106 -16.05 -17.20 11.16
CA ALA B 106 -15.46 -15.86 11.12
C ALA B 106 -16.51 -14.81 10.78
N SER B 107 -17.53 -15.18 9.99
CA SER B 107 -18.58 -14.24 9.64
C SER B 107 -19.45 -13.89 10.83
N LEU B 108 -19.93 -14.90 11.55
CA LEU B 108 -20.87 -14.66 12.66
C LEU B 108 -20.18 -13.96 13.82
N ARG B 109 -18.91 -14.28 14.06
CA ARG B 109 -18.15 -13.62 15.11
C ARG B 109 -17.93 -12.14 14.79
N SER B 110 -17.66 -11.83 13.51
CA SER B 110 -17.28 -10.46 13.15
C SER B 110 -18.48 -9.52 13.17
N LEU B 111 -19.62 -9.97 12.64
CA LEU B 111 -20.76 -9.07 12.49
C LEU B 111 -21.40 -8.72 13.83
N VAL B 112 -21.41 -9.65 14.78
CA VAL B 112 -21.93 -9.34 16.11
C VAL B 112 -20.93 -8.49 16.89
N ALA B 113 -19.65 -8.55 16.51
CA ALA B 113 -18.65 -7.72 17.17
C ALA B 113 -18.74 -6.28 16.68
N SER B 114 -19.16 -6.08 15.44
CA SER B 114 -19.31 -4.72 14.91
C SER B 114 -20.43 -3.97 15.61
N SER B 115 -21.55 -4.65 15.88
CA SER B 115 -22.64 -4.01 16.60
C SER B 115 -22.29 -3.78 18.05
N GLY B 116 -21.74 -4.80 18.71
CA GLY B 116 -21.32 -4.66 20.08
C GLY B 116 -22.43 -4.67 21.11
N THR B 117 -23.63 -5.07 20.72
CA THR B 117 -24.76 -5.07 21.64
C THR B 117 -25.45 -6.43 21.59
N LEU B 118 -26.05 -6.81 22.71
CA LEU B 118 -26.84 -8.04 22.81
C LEU B 118 -28.22 -7.75 23.38
N GLU B 119 -28.83 -6.63 22.99
CA GLU B 119 -30.16 -6.30 23.47
C GLU B 119 -31.18 -7.28 22.92
N PHE B 120 -32.07 -7.74 23.78
CA PHE B 120 -33.00 -8.82 23.45
C PHE B 120 -34.38 -8.51 24.01
N LYS B 121 -35.41 -8.80 23.21
CA LYS B 121 -36.80 -8.68 23.63
C LYS B 121 -37.52 -9.98 23.28
N ASN B 122 -38.38 -10.44 24.18
CA ASN B 122 -39.06 -11.71 23.97
C ASN B 122 -40.19 -11.56 22.97
N GLU B 123 -40.17 -12.40 21.93
CA GLU B 123 -41.27 -12.51 20.98
C GLU B 123 -42.02 -13.80 21.23
N SER B 124 -43.35 -13.72 21.20
CA SER B 124 -44.21 -14.89 21.41
C SER B 124 -44.61 -15.45 20.05
N PHE B 125 -43.88 -16.46 19.59
CA PHE B 125 -44.23 -17.13 18.36
C PHE B 125 -45.51 -17.94 18.55
N ASN B 126 -46.23 -18.15 17.44
CA ASN B 126 -47.50 -18.88 17.47
C ASN B 126 -47.19 -20.36 17.22
N TRP B 127 -46.77 -21.04 18.28
CA TRP B 127 -46.51 -22.47 18.22
C TRP B 127 -47.77 -23.26 18.56
N THR B 128 -47.94 -24.39 17.88
CA THR B 128 -49.03 -25.30 18.19
C THR B 128 -48.62 -26.70 17.76
N GLY B 129 -49.12 -27.70 18.48
CA GLY B 129 -48.87 -29.09 18.15
C GLY B 129 -47.48 -29.59 18.46
N VAL B 130 -46.61 -28.76 19.03
CA VAL B 130 -45.24 -29.15 19.36
C VAL B 130 -44.96 -28.79 20.81
N THR B 131 -43.91 -29.40 21.35
CA THR B 131 -43.47 -29.10 22.70
C THR B 131 -42.40 -28.01 22.68
N GLN B 132 -42.23 -27.37 23.83
CA GLN B 132 -41.24 -26.31 23.99
C GLN B 132 -40.34 -26.62 25.17
N ASN B 133 -39.29 -25.82 25.31
CA ASN B 133 -38.30 -25.92 26.39
C ASN B 133 -37.66 -27.31 26.43
N GLY B 134 -37.27 -27.81 25.26
CA GLY B 134 -36.56 -29.07 25.17
C GLY B 134 -35.22 -29.03 25.87
N THR B 135 -34.94 -30.04 26.69
CA THR B 135 -33.74 -30.06 27.51
C THR B 135 -32.91 -31.31 27.20
N SER B 136 -31.62 -31.22 27.52
CA SER B 136 -30.68 -32.32 27.31
C SER B 136 -29.86 -32.53 28.56
N SER B 137 -29.39 -33.76 28.73
CA SER B 137 -28.61 -34.14 29.90
C SER B 137 -27.15 -33.71 29.81
N ALA B 138 -26.71 -33.20 28.66
CA ALA B 138 -25.31 -32.81 28.50
C ALA B 138 -24.99 -31.56 29.30
N CYS B 139 -25.90 -30.60 29.35
CA CYS B 139 -25.66 -29.34 30.02
C CYS B 139 -26.41 -29.28 31.34
N ILE B 140 -25.70 -28.88 32.40
CA ILE B 140 -26.20 -28.92 33.76
C ILE B 140 -26.31 -27.50 34.30
N ARG B 141 -27.50 -27.15 34.81
CA ARG B 141 -27.73 -25.86 35.45
C ARG B 141 -28.51 -26.10 36.73
N GLY B 142 -27.90 -25.77 37.87
CA GLY B 142 -28.56 -25.95 39.16
C GLY B 142 -28.89 -27.38 39.50
N SER B 143 -27.95 -28.30 39.24
CA SER B 143 -28.12 -29.74 39.46
C SER B 143 -29.34 -30.27 38.70
N SER B 144 -29.55 -29.76 37.49
CA SER B 144 -30.67 -30.17 36.66
C SER B 144 -30.31 -29.95 35.20
N SER B 145 -31.02 -30.66 34.32
CA SER B 145 -30.78 -30.53 32.89
C SER B 145 -31.29 -29.18 32.38
N SER B 146 -30.62 -28.67 31.35
CA SER B 146 -30.96 -27.37 30.78
C SER B 146 -30.52 -27.36 29.32
N PHE B 147 -30.55 -26.17 28.71
CA PHE B 147 -30.17 -25.97 27.32
C PHE B 147 -29.77 -24.50 27.18
N PHE B 148 -29.45 -24.10 25.95
CA PHE B 148 -29.12 -22.71 25.67
C PHE B 148 -30.30 -21.80 26.00
N SER B 149 -29.99 -20.64 26.58
CA SER B 149 -31.03 -19.75 27.05
C SER B 149 -31.69 -18.96 25.93
N ARG B 150 -31.13 -18.98 24.73
CA ARG B 150 -31.68 -18.20 23.63
C ARG B 150 -32.20 -19.04 22.47
N LEU B 151 -32.07 -20.37 22.55
CA LEU B 151 -32.59 -21.27 21.53
C LEU B 151 -33.56 -22.25 22.18
N ASN B 152 -34.75 -22.38 21.60
CA ASN B 152 -35.76 -23.29 22.10
C ASN B 152 -35.67 -24.61 21.34
N TRP B 153 -35.40 -25.70 22.07
CA TRP B 153 -35.24 -27.01 21.47
C TRP B 153 -36.60 -27.66 21.29
N LEU B 154 -36.90 -28.05 20.06
CA LEU B 154 -38.21 -28.60 19.70
C LEU B 154 -38.17 -30.12 19.68
N THR B 155 -39.14 -30.73 20.35
CA THR B 155 -39.30 -32.18 20.33
C THR B 155 -40.69 -32.55 19.83
N HIS B 156 -41.06 -33.82 19.96
CA HIS B 156 -42.33 -34.30 19.46
C HIS B 156 -43.42 -34.20 20.52
N LEU B 157 -44.63 -33.85 20.09
CA LEU B 157 -45.83 -33.91 20.93
C LEU B 157 -46.70 -35.03 20.39
N ASN B 158 -46.91 -36.07 21.21
CA ASN B 158 -47.58 -37.32 20.84
C ASN B 158 -46.87 -37.97 19.65
N TYR B 159 -47.55 -38.90 18.97
CA TYR B 159 -46.97 -39.54 17.79
C TYR B 159 -47.40 -38.83 16.51
N THR B 160 -47.18 -37.52 16.47
CA THR B 160 -47.56 -36.72 15.31
C THR B 160 -46.70 -35.46 15.28
N TYR B 161 -46.67 -34.83 14.11
CA TYR B 161 -45.97 -33.57 13.92
C TYR B 161 -46.78 -32.69 12.97
N PRO B 162 -47.26 -31.55 13.42
CA PRO B 162 -48.11 -30.71 12.55
C PRO B 162 -47.32 -30.06 11.43
N ALA B 163 -48.05 -29.67 10.39
CA ALA B 163 -47.46 -28.93 9.29
C ALA B 163 -47.26 -27.48 9.72
N LEU B 164 -46.03 -27.15 10.11
CA LEU B 164 -45.73 -25.81 10.63
C LEU B 164 -45.81 -24.78 9.51
N ASN B 165 -46.50 -23.67 9.78
CA ASN B 165 -46.45 -22.50 8.91
C ASN B 165 -46.59 -21.29 9.84
N VAL B 166 -45.46 -20.74 10.26
CA VAL B 166 -45.41 -19.72 11.28
C VAL B 166 -44.56 -18.57 10.78
N THR B 167 -44.95 -17.35 11.13
CA THR B 167 -44.23 -16.17 10.69
C THR B 167 -44.23 -15.14 11.80
N MET B 168 -43.30 -14.19 11.69
CA MET B 168 -43.17 -13.10 12.65
C MET B 168 -42.72 -11.85 11.88
N PRO B 169 -43.67 -11.09 11.35
CA PRO B 169 -43.31 -9.89 10.59
C PRO B 169 -42.71 -8.80 11.48
N ASN B 170 -41.87 -7.98 10.86
CA ASN B 170 -41.20 -6.88 11.55
C ASN B 170 -41.74 -5.56 11.02
N LYS B 171 -42.00 -4.62 11.93
CA LYS B 171 -42.50 -3.31 11.56
C LYS B 171 -41.73 -2.15 12.20
N GLU B 172 -40.74 -2.43 13.03
CA GLU B 172 -39.94 -1.37 13.63
C GLU B 172 -38.87 -0.88 12.65
N GLN B 173 -38.31 0.30 12.95
CA GLN B 173 -37.35 0.94 12.06
C GLN B 173 -35.91 0.63 12.48
N PHE B 174 -35.60 -0.66 12.57
CA PHE B 174 -34.24 -1.11 12.83
C PHE B 174 -34.12 -2.55 12.36
N ASP B 175 -32.87 -3.00 12.24
CA ASP B 175 -32.57 -4.33 11.72
C ASP B 175 -32.47 -5.35 12.85
N LYS B 176 -33.05 -6.52 12.63
CA LYS B 176 -33.04 -7.60 13.61
C LYS B 176 -31.97 -8.62 13.23
N LEU B 177 -31.94 -9.72 13.99
CA LEU B 177 -31.06 -10.85 13.70
C LEU B 177 -31.67 -12.06 14.37
N TYR B 178 -32.17 -13.01 13.58
CA TYR B 178 -32.80 -14.21 14.11
C TYR B 178 -31.80 -15.36 14.11
N ILE B 179 -31.39 -15.77 15.29
CA ILE B 179 -30.47 -16.90 15.47
C ILE B 179 -31.32 -18.16 15.50
N TRP B 180 -31.29 -18.92 14.40
CA TRP B 180 -31.99 -20.18 14.29
C TRP B 180 -31.00 -21.25 13.89
N GLY B 181 -31.18 -22.46 14.44
CA GLY B 181 -30.26 -23.55 14.21
C GLY B 181 -30.92 -24.76 13.58
N VAL B 182 -30.10 -25.78 13.34
CA VAL B 182 -30.55 -27.06 12.84
C VAL B 182 -29.86 -28.15 13.66
N HIS B 183 -30.59 -29.21 13.98
CA HIS B 183 -30.09 -30.27 14.84
C HIS B 183 -29.82 -31.53 14.02
N HIS B 184 -28.64 -32.12 14.21
CA HIS B 184 -28.22 -33.34 13.53
C HIS B 184 -28.17 -34.47 14.55
N PRO B 185 -29.17 -35.34 14.59
CA PRO B 185 -29.13 -36.48 15.51
C PRO B 185 -28.07 -37.49 15.08
N GLY B 186 -27.68 -38.32 16.04
CA GLY B 186 -26.63 -39.30 15.80
C GLY B 186 -27.12 -40.64 15.27
N THR B 187 -28.21 -41.16 15.85
CA THR B 187 -28.74 -42.45 15.48
C THR B 187 -30.15 -42.30 14.95
N ASP B 188 -30.58 -43.29 14.17
CA ASP B 188 -31.94 -43.27 13.61
C ASP B 188 -32.99 -43.46 14.71
N LYS B 189 -32.64 -44.18 15.78
CA LYS B 189 -33.55 -44.33 16.91
C LYS B 189 -33.77 -42.99 17.61
N ASP B 190 -32.70 -42.19 17.72
CA ASP B 190 -32.85 -40.86 18.30
C ASP B 190 -33.66 -39.94 17.40
N GLN B 191 -33.58 -40.16 16.08
CA GLN B 191 -34.42 -39.42 15.14
C GLN B 191 -35.90 -39.75 15.37
N ILE B 192 -36.20 -41.03 15.60
CA ILE B 192 -37.57 -41.44 15.86
C ILE B 192 -38.02 -40.95 17.23
N PHE B 193 -37.13 -41.01 18.22
CA PHE B 193 -37.52 -40.69 19.59
C PHE B 193 -37.82 -39.20 19.77
N LEU B 194 -37.25 -38.35 18.93
CA LEU B 194 -37.43 -36.91 19.09
C LEU B 194 -38.44 -36.30 18.14
N TYR B 195 -38.66 -36.88 16.96
CA TYR B 195 -39.56 -36.30 15.98
C TYR B 195 -40.51 -37.29 15.32
N ALA B 196 -40.28 -38.59 15.46
CA ALA B 196 -41.19 -39.65 14.98
C ALA B 196 -41.44 -39.56 13.47
N GLN B 197 -40.37 -39.32 12.70
CA GLN B 197 -40.47 -39.33 11.26
C GLN B 197 -39.12 -39.74 10.68
N SER B 198 -39.15 -40.17 9.41
CA SER B 198 -37.95 -40.72 8.79
C SER B 198 -36.91 -39.63 8.54
N SER B 199 -37.33 -38.46 8.06
CA SER B 199 -36.41 -37.39 7.73
C SER B 199 -37.12 -36.05 7.84
N GLY B 200 -36.31 -34.98 7.87
CA GLY B 200 -36.85 -33.64 7.99
C GLY B 200 -36.11 -32.69 7.08
N ARG B 201 -36.82 -31.64 6.67
CA ARG B 201 -36.28 -30.59 5.83
C ARG B 201 -36.70 -29.23 6.36
N ILE B 202 -35.78 -28.27 6.34
CA ILE B 202 -36.00 -26.93 6.87
C ILE B 202 -35.73 -25.90 5.78
N THR B 203 -36.66 -24.97 5.60
CA THR B 203 -36.43 -23.82 4.74
C THR B 203 -37.01 -22.58 5.40
N VAL B 204 -36.26 -21.48 5.33
CA VAL B 204 -36.70 -20.17 5.80
C VAL B 204 -36.51 -19.18 4.67
N SER B 205 -37.25 -18.08 4.70
CA SER B 205 -37.18 -17.11 3.63
C SER B 205 -37.56 -15.72 4.14
N THR B 206 -36.99 -14.71 3.50
CA THR B 206 -37.38 -13.32 3.65
C THR B 206 -37.82 -12.80 2.27
N LYS B 207 -38.10 -11.50 2.21
CA LYS B 207 -38.47 -10.89 0.92
C LYS B 207 -37.25 -10.80 0.00
N ARG B 208 -36.06 -10.67 0.56
CA ARG B 208 -34.85 -10.48 -0.24
C ARG B 208 -34.11 -11.80 -0.47
N SER B 209 -33.77 -12.50 0.61
CA SER B 209 -32.96 -13.71 0.52
C SER B 209 -33.66 -14.87 1.21
N GLN B 210 -33.24 -16.09 0.84
CA GLN B 210 -33.81 -17.30 1.40
C GLN B 210 -32.69 -18.27 1.73
N GLN B 211 -32.96 -19.15 2.69
CA GLN B 211 -32.01 -20.18 3.09
C GLN B 211 -32.72 -21.52 3.16
N ALA B 212 -31.97 -22.59 2.94
CA ALA B 212 -32.51 -23.93 3.00
C ALA B 212 -31.46 -24.88 3.55
N VAL B 213 -31.82 -25.60 4.60
CA VAL B 213 -30.91 -26.54 5.25
C VAL B 213 -31.55 -27.92 5.27
N ILE B 214 -30.85 -28.92 4.76
CA ILE B 214 -31.31 -30.30 4.84
C ILE B 214 -30.45 -31.01 5.88
N PRO B 215 -31.00 -31.33 7.04
CA PRO B 215 -30.21 -32.03 8.06
C PRO B 215 -29.85 -33.45 7.61
N ASN B 216 -28.71 -33.93 8.11
CA ASN B 216 -28.18 -35.24 7.76
C ASN B 216 -28.10 -36.15 8.97
N ILE B 217 -28.36 -37.44 8.74
CA ILE B 217 -28.27 -38.42 9.81
C ILE B 217 -26.95 -39.19 9.69
N GLY B 218 -26.34 -39.48 10.83
CA GLY B 218 -25.10 -40.24 10.85
C GLY B 218 -24.32 -40.14 12.15
N SER B 219 -23.43 -41.10 12.39
CA SER B 219 -22.62 -41.10 13.59
C SER B 219 -21.53 -40.04 13.52
N ARG B 220 -21.22 -39.47 14.68
CA ARG B 220 -20.18 -38.46 14.85
C ARG B 220 -19.35 -38.86 16.06
N PRO B 221 -18.09 -38.39 16.14
CA PRO B 221 -17.26 -38.73 17.30
C PRO B 221 -17.87 -38.23 18.60
N ARG B 222 -17.78 -39.06 19.63
CA ARG B 222 -18.51 -38.82 20.87
C ARG B 222 -17.87 -37.69 21.67
N ILE B 223 -18.69 -36.73 22.09
CA ILE B 223 -18.26 -35.65 22.97
C ILE B 223 -19.23 -35.60 24.15
N ARG B 224 -18.71 -35.86 25.35
CA ARG B 224 -19.50 -35.88 26.59
C ARG B 224 -20.68 -36.85 26.50
N ASP B 225 -20.41 -38.03 25.92
CA ASP B 225 -21.37 -39.13 25.82
C ASP B 225 -22.64 -38.72 25.05
N ILE B 226 -22.44 -37.99 23.95
CA ILE B 226 -23.53 -37.73 23.01
C ILE B 226 -22.92 -37.54 21.61
N PRO B 227 -23.48 -38.18 20.60
CA PRO B 227 -22.97 -38.01 19.23
C PRO B 227 -23.70 -36.94 18.41
N SER B 228 -24.78 -36.37 18.94
CA SER B 228 -25.55 -35.39 18.19
C SER B 228 -24.79 -34.08 18.06
N ARG B 229 -25.11 -33.32 17.03
CA ARG B 229 -24.43 -32.05 16.75
C ARG B 229 -25.46 -31.03 16.28
N ILE B 230 -25.19 -29.77 16.58
CA ILE B 230 -26.09 -28.67 16.21
C ILE B 230 -25.32 -27.68 15.35
N SER B 231 -25.99 -27.14 14.34
CA SER B 231 -25.41 -26.14 13.46
C SER B 231 -26.29 -24.89 13.48
N ILE B 232 -25.67 -23.74 13.75
CA ILE B 232 -26.39 -22.50 13.97
C ILE B 232 -26.20 -21.60 12.75
N TYR B 233 -27.31 -21.12 12.21
CA TYR B 233 -27.31 -20.18 11.10
C TYR B 233 -27.80 -18.82 11.60
N TRP B 234 -27.92 -17.87 10.68
CA TRP B 234 -28.45 -16.55 11.03
C TRP B 234 -29.06 -15.91 9.79
N THR B 235 -29.96 -14.97 10.02
CA THR B 235 -30.60 -14.20 8.97
C THR B 235 -30.82 -12.77 9.43
N ILE B 236 -30.93 -11.86 8.48
CA ILE B 236 -31.11 -10.45 8.74
C ILE B 236 -32.48 -10.03 8.19
N VAL B 237 -33.27 -9.36 9.02
CA VAL B 237 -34.60 -8.91 8.65
C VAL B 237 -34.58 -7.39 8.58
N LYS B 238 -34.74 -6.84 7.39
CA LYS B 238 -34.86 -5.41 7.20
C LYS B 238 -36.28 -4.96 7.47
N PRO B 239 -36.49 -3.68 7.81
CA PRO B 239 -37.86 -3.18 7.98
C PRO B 239 -38.66 -3.29 6.68
N GLY B 240 -39.94 -3.62 6.83
CA GLY B 240 -40.80 -3.85 5.69
C GLY B 240 -40.75 -5.26 5.14
N ASP B 241 -39.90 -6.13 5.69
CA ASP B 241 -39.80 -7.50 5.25
C ASP B 241 -40.57 -8.42 6.20
N ILE B 242 -40.46 -9.72 5.98
CA ILE B 242 -41.17 -10.70 6.79
C ILE B 242 -40.36 -12.00 6.79
N LEU B 243 -40.33 -12.66 7.94
CA LEU B 243 -39.63 -13.92 8.11
C LEU B 243 -40.65 -15.05 8.19
N LEU B 244 -40.51 -16.03 7.31
CA LEU B 244 -41.43 -17.16 7.23
C LEU B 244 -40.64 -18.46 7.36
N ILE B 245 -41.11 -19.35 8.22
CA ILE B 245 -40.45 -20.63 8.47
C ILE B 245 -41.43 -21.76 8.19
N ASN B 246 -41.05 -22.65 7.27
CA ASN B 246 -41.80 -23.88 7.02
C ASN B 246 -40.80 -25.03 7.13
N SER B 247 -41.02 -25.90 8.11
CA SER B 247 -40.12 -27.03 8.35
C SER B 247 -40.88 -28.12 9.08
N THR B 248 -40.23 -29.29 9.17
CA THR B 248 -40.75 -30.40 9.97
C THR B 248 -39.56 -31.19 10.52
N GLY B 249 -39.43 -31.19 11.83
CA GLY B 249 -38.35 -31.93 12.47
C GLY B 249 -37.02 -31.21 12.38
N ASN B 250 -36.17 -31.49 13.39
CA ASN B 250 -34.78 -31.03 13.43
C ASN B 250 -34.65 -29.51 13.44
N LEU B 251 -35.71 -28.80 13.83
CA LEU B 251 -35.71 -27.35 13.87
C LEU B 251 -35.35 -26.86 15.27
N ILE B 252 -34.45 -25.88 15.33
CA ILE B 252 -34.10 -25.21 16.57
C ILE B 252 -34.85 -23.89 16.58
N ALA B 253 -35.81 -23.76 17.48
CA ALA B 253 -36.69 -22.60 17.48
C ALA B 253 -35.98 -21.38 18.05
N PRO B 254 -35.88 -20.28 17.32
CA PRO B 254 -35.35 -19.04 17.90
C PRO B 254 -36.30 -18.48 18.96
N ARG B 255 -35.71 -17.85 19.97
CA ARG B 255 -36.47 -17.24 21.05
C ARG B 255 -36.59 -15.73 20.93
N GLY B 256 -36.06 -15.14 19.87
CA GLY B 256 -36.13 -13.70 19.70
C GLY B 256 -35.10 -13.21 18.71
N TYR B 257 -34.70 -11.96 18.87
CA TYR B 257 -33.79 -11.31 17.95
C TYR B 257 -32.65 -10.65 18.72
N PHE B 258 -31.58 -10.35 18.00
CA PHE B 258 -30.45 -9.59 18.53
C PHE B 258 -30.35 -8.28 17.78
N LYS B 259 -30.30 -7.17 18.52
CA LYS B 259 -30.29 -5.85 17.91
C LYS B 259 -28.97 -5.62 17.19
N ILE B 260 -29.05 -5.05 15.98
CA ILE B 260 -27.89 -4.75 15.15
C ILE B 260 -27.92 -3.28 14.79
N ARG B 261 -26.82 -2.58 15.10
CA ARG B 261 -26.66 -1.19 14.72
C ARG B 261 -25.19 -0.91 14.49
N SER B 262 -24.92 0.07 13.62
CA SER B 262 -23.54 0.44 13.32
C SER B 262 -22.89 1.12 14.52
N GLY B 263 -21.59 0.88 14.67
CA GLY B 263 -20.88 1.46 15.79
C GLY B 263 -19.39 1.21 15.66
N LYS B 264 -18.65 1.66 16.67
CA LYS B 264 -17.21 1.53 16.70
C LYS B 264 -16.74 0.30 17.47
N SER B 265 -17.66 -0.56 17.92
CA SER B 265 -17.28 -1.73 18.68
C SER B 265 -16.55 -2.75 17.80
N SER B 266 -15.63 -3.47 18.42
CA SER B 266 -14.82 -4.46 17.72
C SER B 266 -14.51 -5.61 18.67
N ILE B 267 -13.53 -6.44 18.31
CA ILE B 267 -13.15 -7.58 19.12
C ILE B 267 -11.64 -7.75 19.02
N MET B 268 -11.02 -8.15 20.13
CA MET B 268 -9.60 -8.45 20.17
C MET B 268 -9.38 -9.70 21.01
N ARG B 269 -8.24 -10.35 20.79
CA ARG B 269 -7.89 -11.57 21.51
C ARG B 269 -6.64 -11.30 22.34
N SER B 270 -6.75 -11.48 23.66
CA SER B 270 -5.65 -11.22 24.56
C SER B 270 -5.90 -11.97 25.87
N ASP B 271 -4.83 -12.09 26.66
CA ASP B 271 -4.89 -12.75 27.97
C ASP B 271 -4.44 -11.85 29.11
N ALA B 272 -4.07 -10.60 28.82
CA ALA B 272 -3.63 -9.68 29.85
C ALA B 272 -4.81 -9.26 30.73
N PRO B 273 -4.56 -8.99 32.02
CA PRO B 273 -5.65 -8.52 32.89
C PRO B 273 -6.02 -7.07 32.64
N ILE B 274 -6.95 -6.54 33.44
CA ILE B 274 -7.46 -5.19 33.24
C ILE B 274 -6.72 -4.23 34.16
N GLY B 275 -6.83 -2.95 33.85
CA GLY B 275 -6.22 -1.90 34.65
C GLY B 275 -7.04 -0.62 34.64
N LYS B 276 -6.54 0.42 35.29
CA LYS B 276 -7.25 1.70 35.37
C LYS B 276 -6.25 2.83 35.10
N CYS B 277 -6.29 3.36 33.88
CA CYS B 277 -5.46 4.50 33.50
C CYS B 277 -6.12 5.19 32.30
N LYS B 278 -5.52 6.29 31.87
CA LYS B 278 -6.09 7.13 30.83
C LYS B 278 -5.58 6.82 29.42
N SER B 279 -4.79 5.76 29.25
CA SER B 279 -4.29 5.40 27.93
C SER B 279 -5.44 4.90 27.04
N GLU B 280 -5.36 5.24 25.76
CA GLU B 280 -6.44 4.94 24.81
C GLU B 280 -6.15 3.73 23.94
N CYS B 281 -4.93 3.61 23.40
CA CYS B 281 -4.62 2.54 22.48
C CYS B 281 -4.51 1.20 23.21
N ILE B 282 -5.11 0.17 22.63
CA ILE B 282 -5.14 -1.15 23.24
C ILE B 282 -4.50 -2.15 22.27
N THR B 283 -3.55 -2.92 22.78
CA THR B 283 -2.89 -3.99 22.05
C THR B 283 -2.97 -5.25 22.90
N PRO B 284 -2.86 -6.43 22.29
CA PRO B 284 -2.81 -7.67 23.11
C PRO B 284 -1.65 -7.73 24.08
N ASN B 285 -0.53 -7.08 23.78
CA ASN B 285 0.54 -6.95 24.77
C ASN B 285 0.15 -6.03 25.92
N GLY B 286 -0.75 -5.09 25.67
CA GLY B 286 -1.19 -4.14 26.68
C GLY B 286 -1.36 -2.76 26.11
N SER B 287 -1.71 -1.84 27.00
CA SER B 287 -1.89 -0.44 26.61
C SER B 287 -0.53 0.22 26.34
N ILE B 288 -0.51 1.08 25.32
CA ILE B 288 0.72 1.78 24.94
C ILE B 288 0.42 3.25 24.78
N PRO B 289 1.40 4.11 25.11
CA PRO B 289 1.20 5.54 24.89
C PRO B 289 1.19 5.90 23.42
N ASN B 290 0.47 6.96 23.09
CA ASN B 290 0.29 7.38 21.71
C ASN B 290 1.27 8.46 21.27
N ASP B 291 2.21 8.85 22.14
CA ASP B 291 3.15 9.91 21.77
C ASP B 291 4.12 9.44 20.70
N LYS B 292 4.48 8.16 20.70
CA LYS B 292 5.32 7.63 19.65
C LYS B 292 4.50 7.41 18.38
N PRO B 293 4.89 7.98 17.24
CA PRO B 293 4.11 7.77 16.01
C PRO B 293 4.25 6.38 15.42
N PHE B 294 5.13 5.54 15.95
CA PHE B 294 5.28 4.17 15.49
C PHE B 294 5.35 3.23 16.68
N GLN B 295 4.98 1.98 16.45
CA GLN B 295 4.99 0.95 17.48
C GLN B 295 5.33 -0.39 16.84
N ASN B 296 5.85 -1.30 17.66
CA ASN B 296 6.23 -2.61 17.14
C ASN B 296 5.86 -3.76 18.08
N VAL B 297 5.00 -3.52 19.08
CA VAL B 297 4.65 -4.60 20.01
C VAL B 297 3.77 -5.65 19.33
N ASN B 298 2.85 -5.23 18.47
CA ASN B 298 1.96 -6.12 17.73
C ASN B 298 1.27 -5.32 16.65
N ARG B 299 0.85 -6.01 15.60
CA ARG B 299 0.10 -5.39 14.51
C ARG B 299 -1.41 -5.35 14.77
N ILE B 300 -1.89 -6.02 15.82
CA ILE B 300 -3.31 -6.00 16.17
C ILE B 300 -3.52 -4.89 17.19
N THR B 301 -4.49 -4.02 16.92
CA THR B 301 -4.73 -2.89 17.82
C THR B 301 -6.16 -2.41 17.65
N TYR B 302 -6.60 -1.61 18.62
CA TYR B 302 -7.93 -1.02 18.62
C TYR B 302 -7.85 0.42 19.11
N GLY B 303 -8.61 1.30 18.46
CA GLY B 303 -8.66 2.69 18.87
C GLY B 303 -7.61 3.54 18.17
N ALA B 304 -7.40 4.73 18.73
CA ALA B 304 -6.39 5.65 18.22
C ALA B 304 -5.01 5.10 18.55
N CYS B 305 -4.35 4.54 17.54
CA CYS B 305 -3.09 3.85 17.71
C CYS B 305 -2.12 4.26 16.62
N PRO B 306 -0.81 4.23 16.90
CA PRO B 306 0.18 4.57 15.88
C PRO B 306 0.40 3.41 14.91
N ARG B 307 1.20 3.69 13.89
CA ARG B 307 1.47 2.72 12.84
C ARG B 307 2.40 1.62 13.35
N TYR B 308 2.43 0.52 12.61
CA TYR B 308 3.27 -0.62 12.93
C TYR B 308 4.41 -0.73 11.93
N VAL B 309 5.64 -0.82 12.44
CA VAL B 309 6.82 -1.06 11.63
C VAL B 309 7.59 -2.23 12.24
N LYS B 310 8.41 -2.87 11.41
CA LYS B 310 9.21 -4.01 11.85
C LYS B 310 10.57 -3.59 12.39
N HIS B 311 10.93 -2.32 12.27
CA HIS B 311 12.23 -1.85 12.73
C HIS B 311 12.30 -1.84 14.26
N SER B 312 13.49 -2.13 14.78
CA SER B 312 13.67 -2.16 16.23
C SER B 312 13.61 -0.77 16.83
N THR B 313 14.26 0.21 16.19
CA THR B 313 14.27 1.57 16.70
C THR B 313 14.47 2.53 15.54
N LEU B 314 14.11 3.79 15.79
CA LEU B 314 14.25 4.86 14.80
C LEU B 314 14.68 6.12 15.53
N LYS B 315 15.91 6.55 15.31
CA LYS B 315 16.48 7.72 15.98
C LYS B 315 16.41 8.92 15.05
N LEU B 316 15.86 10.03 15.56
CA LEU B 316 15.74 11.27 14.80
C LEU B 316 16.61 12.34 15.44
N ALA B 317 17.43 12.99 14.63
CA ALA B 317 18.36 14.00 15.12
C ALA B 317 17.63 15.31 15.40
N THR B 318 17.88 15.89 16.57
CA THR B 318 17.30 17.17 16.95
C THR B 318 18.37 18.21 17.23
N GLY B 319 19.59 17.96 16.79
CA GLY B 319 20.69 18.87 17.03
C GLY B 319 21.67 18.85 15.88
N MET B 320 22.72 19.67 16.01
CA MET B 320 23.73 19.79 14.98
C MET B 320 24.71 18.62 15.04
N ARG B 321 25.75 18.71 14.22
CA ARG B 321 26.81 17.71 14.26
C ARG B 321 27.58 17.82 15.57
N ASN B 322 27.74 16.69 16.25
CA ASN B 322 28.36 16.66 17.59
C ASN B 322 29.82 16.29 17.45
N VAL B 323 30.70 17.27 17.68
CA VAL B 323 32.13 17.02 17.69
C VAL B 323 32.52 16.52 19.07
N PRO B 324 33.03 15.29 19.19
CA PRO B 324 33.31 14.74 20.53
C PRO B 324 34.57 15.29 21.16
N GLU B 325 34.40 16.20 22.12
CA GLU B 325 35.46 16.81 22.93
C GLU B 325 36.49 17.47 22.00
N LYS B 326 37.75 17.49 22.43
CA LYS B 326 38.85 17.95 21.61
C LYS B 326 39.43 16.75 20.84
N GLN B 327 40.62 16.94 20.25
CA GLN B 327 41.27 15.83 19.57
C GLN B 327 41.67 14.73 20.55
N THR B 328 42.17 15.11 21.72
CA THR B 328 42.57 14.15 22.73
C THR B 328 41.38 13.77 23.62
N GLY C 1 19.28 25.46 3.64
CA GLY C 1 18.06 26.21 3.87
C GLY C 1 18.30 27.65 4.28
N ILE C 2 17.21 28.41 4.39
CA ILE C 2 17.18 29.80 4.87
C ILE C 2 18.01 30.71 3.98
N PHE C 3 19.34 30.54 3.99
CA PHE C 3 20.33 31.36 3.26
C PHE C 3 20.19 32.79 3.79
N GLY C 4 19.97 33.78 2.94
CA GLY C 4 19.81 35.15 3.42
C GLY C 4 18.48 35.45 4.05
N ALA C 5 17.52 34.52 3.96
CA ALA C 5 16.18 34.56 4.53
C ALA C 5 15.30 35.69 3.99
N ILE C 6 15.79 36.47 3.02
CA ILE C 6 15.19 37.67 2.43
C ILE C 6 14.40 38.52 3.42
N ALA C 7 14.92 38.62 4.65
CA ALA C 7 14.35 39.44 5.71
C ALA C 7 15.42 39.63 6.75
N GLY C 8 15.56 40.85 7.27
CA GLY C 8 16.68 41.11 8.16
C GLY C 8 17.77 41.89 7.46
N PHE C 9 18.80 41.17 6.98
CA PHE C 9 19.91 41.73 6.23
C PHE C 9 19.43 42.58 5.05
N ILE C 10 18.43 42.09 4.33
CA ILE C 10 17.73 42.89 3.34
C ILE C 10 16.29 43.11 3.82
N GLU C 11 15.57 43.97 3.13
CA GLU C 11 14.29 44.47 3.63
C GLU C 11 13.24 44.34 2.52
N ASN C 12 12.13 45.05 2.71
CA ASN C 12 11.02 45.05 1.76
C ASN C 12 11.46 45.50 0.38
N GLY C 13 11.01 44.77 -0.64
CA GLY C 13 11.31 45.09 -2.03
C GLY C 13 10.29 46.02 -2.64
N TRP C 14 10.13 45.89 -3.95
CA TRP C 14 9.22 46.74 -4.72
C TRP C 14 8.02 45.91 -5.17
N GLU C 15 6.82 46.40 -4.89
CA GLU C 15 5.60 45.71 -5.27
C GLU C 15 5.12 46.06 -6.66
N GLY C 16 5.73 47.05 -7.32
CA GLY C 16 5.31 47.47 -8.63
C GLY C 16 5.89 46.69 -9.79
N MET C 17 6.71 45.67 -9.51
CA MET C 17 7.32 44.86 -10.56
C MET C 17 6.30 43.85 -11.07
N VAL C 18 5.79 44.08 -12.27
CA VAL C 18 4.82 43.20 -12.90
C VAL C 18 5.37 42.60 -14.21
N ASP C 19 6.67 42.74 -14.44
CA ASP C 19 7.30 42.19 -15.63
C ASP C 19 8.58 41.43 -15.28
N GLY C 20 8.68 40.91 -14.06
CA GLY C 20 9.86 40.17 -13.67
C GLY C 20 9.80 39.83 -12.19
N TRP C 21 10.74 38.98 -11.79
CA TRP C 21 10.85 38.54 -10.40
C TRP C 21 12.01 39.19 -9.66
N TYR C 22 13.00 39.73 -10.37
CA TYR C 22 14.15 40.36 -9.74
C TYR C 22 14.48 41.65 -10.50
N GLY C 23 15.17 42.55 -9.81
CA GLY C 23 15.51 43.83 -10.41
C GLY C 23 16.66 44.49 -9.68
N PHE C 24 17.03 45.67 -10.17
CA PHE C 24 18.13 46.45 -9.62
C PHE C 24 17.70 47.90 -9.47
N ARG C 25 18.30 48.59 -8.51
CA ARG C 25 18.04 50.00 -8.28
C ARG C 25 19.37 50.73 -8.09
N HIS C 26 19.49 51.90 -8.71
CA HIS C 26 20.70 52.70 -8.63
C HIS C 26 20.33 54.13 -8.25
N GLN C 27 21.25 54.81 -7.57
CA GLN C 27 21.06 56.18 -7.14
C GLN C 27 22.18 57.05 -7.71
N ASN C 28 21.81 58.06 -8.48
CA ASN C 28 22.76 58.99 -9.08
C ASN C 28 22.02 60.28 -9.40
N SER C 29 22.67 61.17 -10.17
CA SER C 29 22.07 62.45 -10.51
C SER C 29 21.03 62.34 -11.63
N GLU C 30 20.91 61.18 -12.28
CA GLU C 30 19.98 61.03 -13.39
C GLU C 30 18.59 60.62 -12.90
N GLY C 31 18.50 59.51 -12.17
CA GLY C 31 17.21 59.04 -11.72
C GLY C 31 17.32 57.77 -10.91
N ARG C 32 16.17 57.13 -10.70
CA ARG C 32 16.08 55.90 -9.92
C ARG C 32 15.65 54.75 -10.79
N GLY C 33 16.23 54.64 -11.99
CA GLY C 33 15.84 53.64 -12.98
C GLY C 33 15.92 52.20 -12.52
N GLN C 34 14.83 51.46 -12.72
CA GLN C 34 14.72 50.08 -12.26
C GLN C 34 14.17 49.23 -13.40
N ALA C 35 14.79 48.08 -13.62
CA ALA C 35 14.35 47.18 -14.68
C ALA C 35 14.62 45.74 -14.25
N ALA C 36 13.85 44.82 -14.83
CA ALA C 36 14.01 43.41 -14.55
C ALA C 36 15.06 42.80 -15.48
N ASP C 37 15.39 41.54 -15.24
CA ASP C 37 16.39 40.84 -16.04
C ASP C 37 15.86 39.48 -16.43
N LEU C 38 16.18 39.05 -17.65
CA LEU C 38 15.80 37.72 -18.13
C LEU C 38 16.90 36.69 -17.92
N LYS C 39 18.03 37.09 -17.33
CA LYS C 39 19.14 36.15 -17.13
C LYS C 39 18.81 35.14 -16.04
N SER C 40 18.22 35.60 -14.94
CA SER C 40 17.87 34.71 -13.84
C SER C 40 16.56 33.97 -14.07
N THR C 41 15.76 34.38 -15.05
CA THR C 41 14.49 33.71 -15.31
C THR C 41 14.70 32.34 -15.94
N GLN C 42 15.76 32.17 -16.72
CA GLN C 42 16.01 30.88 -17.37
C GLN C 42 16.31 29.79 -16.33
N ALA C 43 17.05 30.14 -15.29
CA ALA C 43 17.34 29.20 -14.21
C ALA C 43 16.21 29.12 -13.19
N ALA C 44 15.17 29.95 -13.32
CA ALA C 44 14.06 29.95 -12.38
C ALA C 44 12.82 29.25 -12.92
N ILE C 45 12.37 29.63 -14.12
CA ILE C 45 11.11 29.09 -14.65
C ILE C 45 11.27 27.63 -15.06
N ASP C 46 12.51 27.18 -15.27
CA ASP C 46 12.74 25.80 -15.64
C ASP C 46 12.39 24.85 -14.50
N GLN C 47 12.51 25.34 -13.26
CA GLN C 47 12.16 24.51 -12.10
C GLN C 47 10.64 24.31 -12.01
N ILE C 48 9.88 25.39 -12.15
CA ILE C 48 8.42 25.31 -12.05
C ILE C 48 7.84 24.54 -13.24
N ASN C 49 8.38 24.79 -14.43
CA ASN C 49 7.92 24.07 -15.62
C ASN C 49 8.19 22.58 -15.50
N GLY C 50 9.36 22.20 -14.98
CA GLY C 50 9.65 20.81 -14.72
C GLY C 50 8.89 20.24 -13.53
N LYS C 51 8.46 21.10 -12.60
CA LYS C 51 7.71 20.63 -11.44
C LYS C 51 6.31 20.16 -11.84
N LEU C 52 5.62 20.97 -12.65
CA LEU C 52 4.26 20.63 -13.06
C LEU C 52 4.22 19.66 -14.24
N ASN C 53 5.36 19.41 -14.88
CA ASN C 53 5.39 18.49 -16.02
C ASN C 53 5.16 17.05 -15.57
N ARG C 54 5.78 16.66 -14.45
CA ARG C 54 5.63 15.29 -13.96
C ARG C 54 4.27 15.05 -13.32
N LEU C 55 3.58 16.10 -12.89
CA LEU C 55 2.29 15.95 -12.24
C LEU C 55 1.13 16.08 -13.24
N ILE C 56 1.12 17.16 -14.01
CA ILE C 56 0.07 17.41 -14.98
C ILE C 56 0.47 16.78 -16.31
N GLY C 57 -0.43 15.96 -16.86
CA GLY C 57 -0.19 15.31 -18.13
C GLY C 57 0.21 13.85 -18.03
N LYS C 58 0.56 13.37 -16.84
CA LYS C 58 0.93 11.97 -16.64
C LYS C 58 0.02 11.39 -15.56
N THR C 59 -0.87 10.50 -15.95
CA THR C 59 -1.83 9.91 -15.03
C THR C 59 -2.10 8.47 -15.44
N ASN C 60 -1.96 7.56 -14.48
CA ASN C 60 -2.27 6.15 -14.70
C ASN C 60 -3.78 5.98 -14.78
N GLU C 61 -4.24 5.23 -15.78
CA GLU C 61 -5.66 5.02 -16.01
C GLU C 61 -6.13 3.70 -15.41
N LYS C 62 -7.38 3.65 -14.99
CA LYS C 62 -7.99 2.46 -14.44
C LYS C 62 -9.26 2.12 -15.23
N PHE C 63 -9.53 0.83 -15.36
CA PHE C 63 -10.68 0.35 -16.12
C PHE C 63 -11.74 -0.27 -15.22
N HIS C 64 -11.38 -1.28 -14.43
CA HIS C 64 -12.34 -1.94 -13.56
C HIS C 64 -11.82 -1.94 -12.13
N GLN C 65 -12.71 -1.67 -11.18
CA GLN C 65 -12.36 -1.61 -9.77
C GLN C 65 -13.37 -2.41 -8.96
N ILE C 66 -12.98 -2.73 -7.72
CA ILE C 66 -13.87 -3.46 -6.83
C ILE C 66 -15.00 -2.56 -6.36
N GLU C 67 -16.07 -3.18 -5.86
CA GLU C 67 -17.15 -2.44 -5.26
C GLU C 67 -16.75 -1.94 -3.88
N LYS C 68 -17.01 -0.65 -3.62
CA LYS C 68 -16.58 -0.01 -2.39
C LYS C 68 -17.72 0.42 -1.48
N GLU C 69 -18.95 0.50 -1.98
CA GLU C 69 -20.11 0.85 -1.18
C GLU C 69 -21.07 -0.32 -1.17
N PHE C 70 -21.51 -0.71 0.04
CA PHE C 70 -22.38 -1.87 0.23
C PHE C 70 -23.67 -1.44 0.89
N SER C 71 -24.80 -1.86 0.34
CA SER C 71 -26.10 -1.61 0.93
C SER C 71 -26.56 -2.74 1.83
N GLU C 72 -25.79 -3.82 1.93
CA GLU C 72 -26.12 -4.95 2.79
C GLU C 72 -24.84 -5.43 3.46
N VAL C 73 -25.01 -6.06 4.62
CA VAL C 73 -23.89 -6.53 5.43
C VAL C 73 -23.61 -7.99 5.05
N GLU C 74 -22.32 -8.34 5.00
CA GLU C 74 -21.90 -9.71 4.75
C GLU C 74 -20.80 -10.11 5.73
N GLY C 75 -20.11 -11.22 5.45
CA GLY C 75 -19.13 -11.74 6.39
C GLY C 75 -17.71 -11.26 6.20
N ARG C 76 -16.77 -12.21 6.19
CA ARG C 76 -15.36 -11.87 6.11
C ARG C 76 -14.97 -11.37 4.73
N VAL C 77 -15.77 -11.68 3.71
CA VAL C 77 -15.45 -11.23 2.36
C VAL C 77 -15.69 -9.72 2.22
N GLN C 78 -16.72 -9.20 2.91
CA GLN C 78 -16.99 -7.77 2.83
C GLN C 78 -16.00 -6.97 3.66
N ASP C 79 -15.58 -7.52 4.82
CA ASP C 79 -14.69 -6.79 5.71
C ASP C 79 -13.31 -6.61 5.09
N LEU C 80 -12.88 -7.55 4.25
CA LEU C 80 -11.60 -7.42 3.57
C LEU C 80 -11.69 -6.39 2.44
N GLU C 81 -12.87 -6.22 1.85
CA GLU C 81 -13.07 -5.20 0.83
C GLU C 81 -12.89 -3.81 1.41
N LYS C 82 -13.45 -3.55 2.59
CA LYS C 82 -13.32 -2.24 3.21
C LYS C 82 -11.94 -2.04 3.79
N TYR C 83 -11.26 -3.13 4.17
CA TYR C 83 -9.94 -3.02 4.78
C TYR C 83 -8.89 -2.62 3.76
N VAL C 84 -8.93 -3.22 2.58
CA VAL C 84 -7.93 -2.91 1.56
C VAL C 84 -8.13 -1.52 0.99
N GLU C 85 -9.38 -1.03 1.01
CA GLU C 85 -9.65 0.31 0.48
C GLU C 85 -9.18 1.39 1.45
N ASP C 86 -9.33 1.16 2.76
CA ASP C 86 -8.88 2.13 3.74
C ASP C 86 -7.36 2.22 3.77
N THR C 87 -6.68 1.11 3.55
CA THR C 87 -5.21 1.13 3.53
C THR C 87 -4.69 1.83 2.29
N LYS C 88 -5.37 1.67 1.16
CA LYS C 88 -4.93 2.32 -0.08
C LYS C 88 -5.05 3.83 0.02
N ILE C 89 -6.15 4.32 0.59
CA ILE C 89 -6.38 5.76 0.68
C ILE C 89 -5.44 6.39 1.69
N ASP C 90 -5.22 5.72 2.83
CA ASP C 90 -4.40 6.30 3.89
C ASP C 90 -2.94 6.44 3.47
N LEU C 91 -2.42 5.45 2.73
CA LEU C 91 -1.04 5.55 2.24
C LEU C 91 -0.89 6.66 1.21
N TRP C 92 -1.86 6.80 0.31
CA TRP C 92 -1.80 7.88 -0.67
C TRP C 92 -1.94 9.24 -0.01
N SER C 93 -2.75 9.32 1.05
CA SER C 93 -2.88 10.57 1.79
C SER C 93 -1.58 10.92 2.50
N TYR C 94 -0.87 9.92 3.03
CA TYR C 94 0.38 10.19 3.72
C TYR C 94 1.47 10.64 2.75
N ASN C 95 1.51 10.05 1.56
CA ASN C 95 2.50 10.48 0.57
C ASN C 95 2.17 11.88 0.04
N ALA C 96 0.89 12.18 -0.15
CA ALA C 96 0.51 13.48 -0.71
C ALA C 96 0.84 14.62 0.23
N GLU C 97 0.61 14.44 1.53
CA GLU C 97 0.91 15.49 2.49
C GLU C 97 2.42 15.66 2.67
N LEU C 98 3.17 14.56 2.59
CA LEU C 98 4.61 14.65 2.76
C LEU C 98 5.28 15.22 1.51
N LEU C 99 4.74 14.91 0.32
CA LEU C 99 5.35 15.37 -0.92
C LEU C 99 5.28 16.88 -1.05
N VAL C 100 4.14 17.48 -0.71
CA VAL C 100 4.01 18.92 -0.81
C VAL C 100 4.84 19.61 0.26
N ALA C 101 5.15 18.91 1.35
CA ALA C 101 6.04 19.48 2.36
C ALA C 101 7.49 19.49 1.87
N LEU C 102 7.91 18.45 1.17
CA LEU C 102 9.28 18.37 0.70
C LEU C 102 9.53 19.30 -0.49
N GLU C 103 8.58 19.37 -1.42
CA GLU C 103 8.76 20.22 -2.60
C GLU C 103 8.74 21.70 -2.23
N ASN C 104 7.84 22.10 -1.34
CA ASN C 104 7.75 23.51 -0.98
C ASN C 104 8.96 23.97 -0.18
N GLN C 105 9.47 23.13 0.71
CA GLN C 105 10.69 23.47 1.44
C GLN C 105 11.88 23.54 0.50
N HIS C 106 11.91 22.67 -0.52
CA HIS C 106 12.99 22.73 -1.49
C HIS C 106 12.84 23.94 -2.42
N THR C 107 11.60 24.32 -2.73
CA THR C 107 11.38 25.47 -3.60
C THR C 107 11.72 26.78 -2.89
N ILE C 108 11.40 26.89 -1.60
CA ILE C 108 11.70 28.10 -0.85
C ILE C 108 13.20 28.31 -0.73
N ASP C 109 13.94 27.24 -0.46
CA ASP C 109 15.40 27.36 -0.29
C ASP C 109 16.09 27.80 -1.57
N LEU C 110 15.62 27.30 -2.72
CA LEU C 110 16.27 27.63 -3.98
C LEU C 110 16.08 29.11 -4.35
N THR C 111 14.86 29.62 -4.20
CA THR C 111 14.60 31.01 -4.58
C THR C 111 15.19 31.97 -3.56
N ASP C 112 15.40 31.52 -2.32
CA ASP C 112 16.13 32.34 -1.36
C ASP C 112 17.64 32.30 -1.64
N SER C 113 18.13 31.16 -2.11
CA SER C 113 19.56 31.06 -2.46
C SER C 113 19.88 31.80 -3.75
N GLU C 114 18.89 32.04 -4.61
CA GLU C 114 19.15 32.75 -5.85
C GLU C 114 19.55 34.20 -5.59
N MET C 115 18.92 34.84 -4.60
CA MET C 115 19.32 36.19 -4.21
C MET C 115 20.73 36.17 -3.62
N ASN C 116 21.04 35.14 -2.83
CA ASN C 116 22.38 35.02 -2.26
C ASN C 116 23.40 34.66 -3.34
N LYS C 117 22.99 33.90 -4.35
CA LYS C 117 23.89 33.52 -5.44
C LYS C 117 24.34 34.74 -6.24
N LEU C 118 23.42 35.65 -6.53
CA LEU C 118 23.76 36.85 -7.29
C LEU C 118 24.53 37.86 -6.45
N PHE C 119 24.34 37.84 -5.12
CA PHE C 119 25.06 38.75 -4.24
C PHE C 119 26.56 38.47 -4.26
N GLU C 120 26.95 37.19 -4.27
CA GLU C 120 28.36 36.85 -4.33
C GLU C 120 28.94 37.15 -5.71
N LYS C 121 28.14 37.02 -6.77
CA LYS C 121 28.61 37.28 -8.13
C LYS C 121 28.96 38.75 -8.31
N THR C 122 28.13 39.65 -7.77
CA THR C 122 28.43 41.07 -7.85
C THR C 122 29.67 41.42 -7.02
N LYS C 123 29.83 40.75 -5.87
CA LYS C 123 31.00 41.00 -5.03
C LYS C 123 32.28 40.52 -5.71
N LYS C 124 32.21 39.40 -6.44
CA LYS C 124 33.40 38.89 -7.12
C LYS C 124 33.81 39.81 -8.28
N GLN C 125 32.84 40.40 -8.97
CA GLN C 125 33.17 41.31 -10.06
C GLN C 125 33.79 42.61 -9.54
N LEU C 126 33.22 43.15 -8.45
CA LEU C 126 33.72 44.38 -7.84
C LEU C 126 34.72 43.97 -6.76
N ARG C 127 35.99 43.85 -7.16
CA ARG C 127 36.98 43.18 -6.31
C ARG C 127 37.31 44.03 -5.08
N GLU C 128 37.87 45.22 -5.28
CA GLU C 128 38.24 46.07 -4.15
C GLU C 128 37.77 47.51 -4.30
N ASN C 129 37.10 47.87 -5.38
CA ASN C 129 36.61 49.22 -5.59
C ASN C 129 35.20 49.44 -5.09
N ALA C 130 34.58 48.43 -4.47
CA ALA C 130 33.26 48.56 -3.90
C ALA C 130 33.20 47.82 -2.58
N GLU C 131 32.34 48.30 -1.68
CA GLU C 131 32.16 47.71 -0.37
C GLU C 131 30.68 47.53 -0.08
N ASP C 132 30.38 46.54 0.77
CA ASP C 132 29.00 46.27 1.16
C ASP C 132 28.53 47.31 2.16
N MET C 133 27.35 47.86 1.91
CA MET C 133 26.75 48.86 2.80
C MET C 133 26.07 48.21 4.00
N GLY C 134 25.85 46.90 3.98
CA GLY C 134 25.22 46.21 5.08
C GLY C 134 23.73 45.99 4.91
N ASN C 135 22.99 47.04 4.57
CA ASN C 135 21.54 46.93 4.40
C ASN C 135 21.15 46.52 2.99
N GLY C 136 21.79 45.47 2.49
CA GLY C 136 21.48 44.94 1.17
C GLY C 136 21.79 45.90 0.02
N CYS C 137 22.84 46.69 0.16
CA CYS C 137 23.22 47.65 -0.87
C CYS C 137 24.74 47.62 -1.05
N PHE C 138 25.17 48.04 -2.24
CA PHE C 138 26.59 48.14 -2.57
C PHE C 138 27.01 49.60 -2.54
N LYS C 139 28.11 49.89 -1.84
CA LYS C 139 28.65 51.24 -1.77
C LYS C 139 29.79 51.31 -2.78
N ILE C 140 29.75 52.33 -3.65
CA ILE C 140 30.58 52.30 -4.85
C ILE C 140 31.84 53.13 -4.68
N TYR C 141 31.76 54.21 -3.88
CA TYR C 141 32.83 55.18 -3.61
C TYR C 141 33.29 55.95 -4.84
N HIS C 142 32.61 55.81 -5.98
CA HIS C 142 32.97 56.56 -7.18
C HIS C 142 31.74 56.64 -8.08
N LYS C 143 31.78 57.61 -8.99
CA LYS C 143 30.65 57.85 -9.88
C LYS C 143 30.47 56.70 -10.87
N CYS C 144 29.21 56.34 -11.14
CA CYS C 144 28.90 55.21 -11.99
C CYS C 144 27.57 55.53 -12.69
N ASP C 145 27.66 56.00 -13.93
CA ASP C 145 26.52 56.56 -14.66
C ASP C 145 25.69 55.44 -15.30
N ASN C 146 24.80 55.83 -16.22
CA ASN C 146 23.94 54.87 -16.89
C ASN C 146 24.73 53.96 -17.84
N ALA C 147 25.82 54.46 -18.41
CA ALA C 147 26.69 53.61 -19.20
C ALA C 147 27.45 52.61 -18.33
N CYS C 148 27.74 52.99 -17.09
CA CYS C 148 28.36 52.13 -16.09
C CYS C 148 27.47 50.97 -15.63
N ILE C 149 26.19 51.25 -15.37
CA ILE C 149 25.31 50.20 -14.86
C ILE C 149 24.94 49.19 -15.94
N GLU C 150 25.16 49.52 -17.22
CA GLU C 150 24.92 48.57 -18.29
C GLU C 150 25.92 47.41 -18.21
N SER C 151 27.17 47.70 -17.86
CA SER C 151 28.18 46.65 -17.78
C SER C 151 27.91 45.67 -16.66
N ILE C 152 27.19 46.11 -15.61
CA ILE C 152 26.83 45.21 -14.52
C ILE C 152 25.82 44.17 -15.00
N ARG C 153 24.80 44.63 -15.74
CA ARG C 153 23.78 43.70 -16.24
C ARG C 153 24.33 42.79 -17.34
N ASN C 154 25.30 43.27 -18.13
CA ASN C 154 25.94 42.44 -19.14
C ASN C 154 26.91 41.43 -18.54
N GLU C 155 27.22 41.54 -17.24
CA GLU C 155 28.18 40.68 -16.53
C GLU C 155 29.58 40.76 -17.13
N THR C 156 29.89 41.89 -17.78
CA THR C 156 31.22 42.13 -18.34
C THR C 156 31.64 43.54 -17.91
N TYR C 157 32.43 43.63 -16.85
CA TYR C 157 32.87 44.90 -16.31
C TYR C 157 34.39 44.89 -16.14
N ASP C 158 35.01 46.03 -16.45
CA ASP C 158 36.46 46.19 -16.31
C ASP C 158 36.73 47.05 -15.09
N HIS C 159 37.58 46.55 -14.20
CA HIS C 159 37.89 47.26 -12.96
C HIS C 159 39.06 48.23 -13.12
N ASN C 160 39.87 48.08 -14.17
CA ASN C 160 41.08 48.89 -14.31
C ASN C 160 40.75 50.33 -14.70
N VAL C 161 39.62 50.55 -15.36
CA VAL C 161 39.27 51.89 -15.83
C VAL C 161 38.92 52.80 -14.65
N TYR C 162 38.35 52.23 -13.59
CA TYR C 162 37.92 53.00 -12.43
C TYR C 162 38.66 52.61 -11.16
N ARG C 163 39.81 51.95 -11.27
CA ARG C 163 40.54 51.52 -10.08
C ARG C 163 41.21 52.70 -9.38
N ASP C 164 41.72 53.66 -10.15
CA ASP C 164 42.53 54.73 -9.58
C ASP C 164 41.67 55.69 -8.75
N GLU C 165 40.54 56.12 -9.29
CA GLU C 165 39.72 57.12 -8.61
C GLU C 165 38.96 56.52 -7.44
N ALA C 166 38.64 55.23 -7.51
CA ALA C 166 37.88 54.59 -6.43
C ALA C 166 38.78 54.28 -5.24
N LEU C 167 40.07 54.01 -5.49
CA LEU C 167 40.95 53.59 -4.42
C LEU C 167 41.32 54.75 -3.51
N ASN C 168 41.48 55.95 -4.08
CA ASN C 168 41.88 57.11 -3.28
C ASN C 168 40.77 57.53 -2.31
N ASN C 169 39.52 57.50 -2.76
CA ASN C 169 38.41 57.87 -1.88
C ASN C 169 38.02 56.75 -0.93
N ARG C 170 38.52 55.52 -1.15
CA ARG C 170 38.16 54.42 -0.28
C ARG C 170 38.88 54.51 1.06
N PHE C 171 40.15 54.91 1.05
CA PHE C 171 40.95 55.03 2.27
C PHE C 171 40.97 56.45 2.82
N GLN C 172 41.31 57.42 1.97
CA GLN C 172 41.41 58.84 2.34
C GLN C 172 42.37 59.08 3.52
N ILE D 3 62.33 36.83 -20.36
CA ILE D 3 61.05 37.38 -19.93
C ILE D 3 59.95 37.12 -20.98
N PRO D 4 59.33 35.91 -20.92
CA PRO D 4 58.30 35.54 -21.89
C PRO D 4 56.91 36.09 -21.57
N GLY D 5 56.84 37.35 -21.16
CA GLY D 5 55.59 38.03 -20.96
C GLY D 5 54.90 37.78 -19.63
N ASN D 6 55.46 36.93 -18.76
CA ASN D 6 54.79 36.68 -17.48
C ASN D 6 55.01 37.83 -16.51
N ASP D 7 56.19 38.46 -16.55
CA ASP D 7 56.59 39.58 -15.71
C ASP D 7 56.58 39.23 -14.22
N ASN D 8 56.60 37.93 -13.90
CA ASN D 8 56.65 37.41 -12.52
C ASN D 8 55.51 37.95 -11.67
N SER D 9 54.31 38.05 -12.25
CA SER D 9 53.18 38.64 -11.54
C SER D 9 52.31 37.58 -10.86
N THR D 10 51.67 36.71 -11.65
CA THR D 10 50.72 35.74 -11.13
C THR D 10 50.87 34.43 -11.87
N ALA D 11 50.39 33.36 -11.23
CA ALA D 11 50.18 32.08 -11.89
C ALA D 11 48.70 31.77 -12.09
N THR D 12 47.82 32.60 -11.54
CA THR D 12 46.36 32.67 -11.64
C THR D 12 45.64 31.56 -10.87
N LEU D 13 46.33 30.50 -10.44
CA LEU D 13 45.82 29.44 -9.55
C LEU D 13 44.41 28.97 -9.94
N CYS D 14 44.24 28.64 -11.21
CA CYS D 14 42.91 28.31 -11.70
C CYS D 14 42.51 26.90 -11.29
N LEU D 15 41.25 26.57 -11.55
CA LEU D 15 40.65 25.32 -11.10
C LEU D 15 40.17 24.49 -12.29
N GLY D 16 39.69 23.29 -11.99
CA GLY D 16 39.17 22.38 -12.99
C GLY D 16 38.23 21.38 -12.36
N HIS D 17 37.68 20.50 -13.20
CA HIS D 17 36.75 19.48 -12.74
C HIS D 17 36.80 18.30 -13.67
N HIS D 18 36.31 17.16 -13.19
CA HIS D 18 36.20 15.97 -14.04
C HIS D 18 34.99 16.09 -14.97
N ALA D 19 35.21 15.81 -16.25
CA ALA D 19 34.16 15.94 -17.25
C ALA D 19 34.28 14.81 -18.25
N VAL D 20 33.13 14.24 -18.62
CA VAL D 20 33.05 13.20 -19.63
C VAL D 20 32.15 13.69 -20.77
N PRO D 21 32.61 13.66 -22.03
CA PRO D 21 31.80 14.14 -23.14
C PRO D 21 30.75 13.15 -23.63
N ASN D 22 30.59 12.01 -22.97
CA ASN D 22 29.62 10.98 -23.35
C ASN D 22 28.85 10.51 -22.11
N GLY D 23 28.35 11.47 -21.34
CA GLY D 23 27.62 11.16 -20.12
C GLY D 23 26.22 10.64 -20.37
N THR D 24 25.44 10.51 -19.30
CA THR D 24 24.10 9.93 -19.39
C THR D 24 23.07 10.94 -18.88
N ILE D 25 21.81 10.67 -19.22
CA ILE D 25 20.71 11.54 -18.87
C ILE D 25 20.03 11.01 -17.61
N VAL D 26 19.97 11.85 -16.58
CA VAL D 26 19.36 11.50 -15.30
C VAL D 26 18.31 12.53 -14.96
N LYS D 27 17.12 12.07 -14.58
CA LYS D 27 15.98 12.92 -14.25
C LYS D 27 15.91 13.12 -12.75
N THR D 28 15.38 14.27 -12.33
CA THR D 28 15.27 14.61 -10.91
C THR D 28 14.10 15.59 -10.75
N ILE D 29 14.02 16.18 -9.55
CA ILE D 29 12.93 17.11 -9.24
C ILE D 29 13.00 18.36 -10.12
N CYS D 30 14.18 18.95 -10.24
CA CYS D 30 14.30 20.24 -10.93
C CYS D 30 14.13 20.08 -12.43
N ASN D 31 14.79 19.09 -13.03
CA ASN D 31 14.74 18.91 -14.47
C ASN D 31 14.88 17.43 -14.80
N ASP D 32 14.27 17.03 -15.91
CA ASP D 32 14.32 15.65 -16.38
C ASP D 32 15.29 15.45 -17.53
N ARG D 33 16.11 16.45 -17.85
CA ARG D 33 17.07 16.40 -18.95
C ARG D 33 18.41 16.96 -18.49
N ILE D 34 18.93 16.41 -17.40
CA ILE D 34 20.22 16.82 -16.85
C ILE D 34 21.27 15.79 -17.22
N GLU D 35 22.36 16.24 -17.84
CA GLU D 35 23.47 15.38 -18.20
C GLU D 35 24.40 15.21 -17.01
N VAL D 36 24.71 13.96 -16.68
CA VAL D 36 25.56 13.62 -15.54
C VAL D 36 26.76 12.84 -16.08
N THR D 37 27.92 13.04 -15.44
CA THR D 37 29.15 12.39 -15.90
C THR D 37 29.06 10.88 -15.82
N ASN D 38 28.50 10.34 -14.74
CA ASN D 38 28.40 8.91 -14.57
C ASN D 38 27.14 8.58 -13.80
N ALA D 39 26.52 7.45 -14.14
CA ALA D 39 25.30 7.01 -13.49
C ALA D 39 25.19 5.50 -13.60
N THR D 40 24.29 4.93 -12.79
CA THR D 40 24.07 3.50 -12.75
C THR D 40 22.58 3.21 -12.75
N GLU D 41 22.23 1.99 -13.17
CA GLU D 41 20.84 1.55 -13.27
C GLU D 41 20.50 0.69 -12.07
N LEU D 42 19.36 0.98 -11.44
CA LEU D 42 18.89 0.24 -10.28
C LEU D 42 17.91 -0.87 -10.63
N VAL D 43 17.56 -1.03 -11.91
CA VAL D 43 16.56 -2.00 -12.34
C VAL D 43 17.24 -3.00 -13.28
N GLN D 44 17.11 -4.28 -12.95
CA GLN D 44 17.65 -5.35 -13.78
C GLN D 44 16.56 -5.82 -14.72
N ASN D 45 16.75 -5.58 -16.02
CA ASN D 45 15.77 -5.91 -17.05
C ASN D 45 16.19 -7.08 -17.92
N SER D 46 17.06 -7.95 -17.41
CA SER D 46 17.59 -9.06 -18.19
C SER D 46 17.51 -10.35 -17.38
N SER D 47 17.42 -11.47 -18.09
CA SER D 47 17.37 -12.79 -17.47
C SER D 47 18.29 -13.72 -18.23
N ILE D 48 18.79 -14.75 -17.53
CA ILE D 48 19.67 -15.72 -18.15
C ILE D 48 18.92 -16.78 -18.94
N GLY D 49 17.60 -16.87 -18.77
CA GLY D 49 16.81 -17.85 -19.48
C GLY D 49 16.78 -19.23 -18.86
N GLU D 50 17.46 -19.43 -17.73
CA GLU D 50 17.50 -20.72 -17.07
C GLU D 50 17.24 -20.53 -15.59
N ILE D 51 16.73 -21.58 -14.94
CA ILE D 51 16.42 -21.57 -13.51
C ILE D 51 17.46 -22.42 -12.79
N CYS D 52 18.15 -21.82 -11.84
CA CYS D 52 19.18 -22.52 -11.08
C CYS D 52 18.63 -22.99 -9.74
N ASP D 53 19.31 -23.98 -9.16
CA ASP D 53 18.79 -24.63 -7.96
C ASP D 53 19.86 -24.90 -6.90
N SER D 54 20.94 -24.12 -6.88
CA SER D 54 21.96 -24.30 -5.85
C SER D 54 21.46 -23.96 -4.44
N PRO D 55 20.82 -22.78 -4.16
CA PRO D 55 20.41 -22.52 -2.78
C PRO D 55 19.12 -23.23 -2.37
N HIS D 56 18.20 -23.43 -3.32
CA HIS D 56 16.91 -24.02 -3.04
C HIS D 56 16.67 -25.25 -3.91
N GLN D 57 16.11 -26.28 -3.30
CA GLN D 57 15.80 -27.51 -4.04
C GLN D 57 14.55 -27.31 -4.88
N ILE D 58 14.66 -27.54 -6.18
CA ILE D 58 13.56 -27.38 -7.12
C ILE D 58 13.21 -28.73 -7.69
N LEU D 59 11.91 -29.05 -7.71
CA LEU D 59 11.40 -30.29 -8.27
C LEU D 59 10.74 -29.99 -9.60
N ASP D 60 11.24 -30.61 -10.66
CA ASP D 60 10.72 -30.38 -12.00
C ASP D 60 9.32 -30.98 -12.11
N GLY D 61 8.44 -30.30 -12.87
CA GLY D 61 7.09 -30.78 -13.02
C GLY D 61 7.00 -32.09 -13.80
N GLU D 62 7.72 -32.18 -14.92
CA GLU D 62 7.70 -33.33 -15.83
C GLU D 62 6.27 -33.70 -16.22
N ASN D 63 5.60 -32.74 -16.87
CA ASN D 63 4.19 -32.74 -17.28
C ASN D 63 3.24 -33.29 -16.22
N CYS D 64 3.54 -33.02 -14.95
CA CYS D 64 2.69 -33.38 -13.82
C CYS D 64 2.50 -32.15 -12.94
N THR D 65 1.25 -31.83 -12.62
CA THR D 65 0.97 -30.73 -11.71
C THR D 65 1.08 -31.22 -10.27
N LEU D 66 0.70 -30.38 -9.32
CA LEU D 66 0.80 -30.76 -7.92
C LEU D 66 -0.29 -31.73 -7.51
N ILE D 67 -1.53 -31.50 -7.97
CA ILE D 67 -2.67 -32.27 -7.47
C ILE D 67 -2.62 -33.72 -7.96
N ASP D 68 -2.33 -33.91 -9.25
CA ASP D 68 -2.25 -35.28 -9.77
C ASP D 68 -1.02 -36.00 -9.25
N ALA D 69 0.02 -35.26 -8.84
CA ALA D 69 1.12 -35.88 -8.11
C ALA D 69 0.68 -36.28 -6.71
N LEU D 70 -0.20 -35.49 -6.10
CA LEU D 70 -0.74 -35.85 -4.78
C LEU D 70 -1.63 -37.07 -4.87
N LEU D 71 -2.40 -37.21 -5.96
CA LEU D 71 -3.26 -38.37 -6.13
C LEU D 71 -2.54 -39.54 -6.79
N GLY D 72 -1.49 -39.27 -7.57
CA GLY D 72 -0.67 -40.36 -8.10
C GLY D 72 -1.08 -40.94 -9.43
N ASP D 73 -1.07 -40.14 -10.49
CA ASP D 73 -1.24 -40.70 -11.83
C ASP D 73 -0.06 -41.61 -12.19
N PRO D 74 -0.28 -42.61 -13.05
CA PRO D 74 0.83 -43.50 -13.44
C PRO D 74 1.94 -42.79 -14.20
N GLN D 75 1.70 -41.62 -14.78
CA GLN D 75 2.75 -40.86 -15.42
C GLN D 75 3.54 -40.01 -14.43
N CYS D 76 3.18 -40.05 -13.15
CA CYS D 76 3.86 -39.30 -12.10
C CYS D 76 4.29 -40.23 -10.98
N ASP D 77 4.81 -41.42 -11.34
CA ASP D 77 5.17 -42.41 -10.33
C ASP D 77 6.41 -42.00 -9.54
N GLY D 78 7.30 -41.22 -10.14
CA GLY D 78 8.53 -40.85 -9.50
C GLY D 78 8.42 -39.78 -8.43
N PHE D 79 7.23 -39.24 -8.23
CA PHE D 79 7.02 -38.15 -7.28
C PHE D 79 6.62 -38.63 -5.89
N GLN D 80 6.62 -39.94 -5.65
CA GLN D 80 6.28 -40.46 -4.34
C GLN D 80 7.42 -40.19 -3.36
N ASN D 81 7.08 -39.58 -2.21
CA ASN D 81 8.00 -39.27 -1.13
C ASN D 81 9.16 -38.38 -1.61
N LYS D 82 8.80 -37.18 -2.05
CA LYS D 82 9.79 -36.19 -2.47
C LYS D 82 9.44 -34.85 -1.85
N LYS D 83 10.48 -34.09 -1.53
CA LYS D 83 10.35 -32.77 -0.92
C LYS D 83 10.87 -31.71 -1.88
N TRP D 84 10.36 -30.50 -1.75
CA TRP D 84 10.74 -29.39 -2.63
C TRP D 84 10.74 -28.09 -1.85
N ASP D 85 11.56 -27.15 -2.32
CA ASP D 85 11.47 -25.76 -1.87
C ASP D 85 10.68 -24.90 -2.83
N LEU D 86 10.47 -25.36 -4.07
CA LEU D 86 9.66 -24.65 -5.05
C LEU D 86 9.23 -25.64 -6.12
N PHE D 87 7.93 -25.69 -6.40
CA PHE D 87 7.38 -26.61 -7.38
C PHE D 87 7.04 -25.84 -8.65
N VAL D 88 7.53 -26.33 -9.79
CA VAL D 88 7.30 -25.72 -11.10
C VAL D 88 6.35 -26.61 -11.88
N GLU D 89 5.40 -26.00 -12.58
CA GLU D 89 4.40 -26.72 -13.35
C GLU D 89 4.51 -26.33 -14.82
N ARG D 90 4.57 -27.32 -15.70
CA ARG D 90 4.64 -27.08 -17.13
C ARG D 90 3.24 -26.88 -17.70
N SER D 91 3.15 -26.06 -18.75
CA SER D 91 1.86 -25.76 -19.36
C SER D 91 1.31 -26.94 -20.15
N LYS D 92 2.16 -27.89 -20.53
CA LYS D 92 1.75 -29.04 -21.32
C LYS D 92 1.35 -30.24 -20.47
N ALA D 93 1.03 -30.02 -19.20
CA ALA D 93 0.67 -31.11 -18.31
C ALA D 93 -0.70 -31.68 -18.66
N TYR D 94 -0.84 -32.99 -18.49
CA TYR D 94 -2.10 -33.67 -18.78
C TYR D 94 -2.24 -34.89 -17.88
N SER D 95 -3.48 -35.37 -17.76
CA SER D 95 -3.80 -36.54 -16.94
C SER D 95 -4.25 -37.68 -17.84
N ASN D 96 -3.67 -38.85 -17.62
CA ASN D 96 -3.96 -40.04 -18.42
C ASN D 96 -4.90 -41.02 -17.69
N CYS D 97 -5.50 -40.57 -16.58
CA CYS D 97 -6.36 -41.45 -15.80
C CYS D 97 -7.77 -40.88 -15.76
N TYR D 98 -8.58 -41.30 -14.78
CA TYR D 98 -9.94 -40.79 -14.67
C TYR D 98 -9.95 -39.30 -14.32
N PRO D 99 -10.93 -38.55 -14.83
CA PRO D 99 -10.99 -37.12 -14.51
C PRO D 99 -11.33 -36.88 -13.05
N TYR D 100 -10.64 -35.90 -12.48
CA TYR D 100 -10.83 -35.53 -11.08
C TYR D 100 -11.25 -34.07 -11.02
N ASP D 101 -12.21 -33.78 -10.14
CA ASP D 101 -12.65 -32.42 -9.93
C ASP D 101 -12.75 -32.17 -8.43
N VAL D 102 -12.64 -30.90 -8.06
CA VAL D 102 -12.65 -30.50 -6.66
C VAL D 102 -13.16 -29.07 -6.53
N PRO D 103 -14.08 -28.79 -5.61
CA PRO D 103 -14.39 -27.40 -5.29
C PRO D 103 -13.22 -26.74 -4.58
N ASP D 104 -12.97 -25.47 -4.93
CA ASP D 104 -11.81 -24.72 -4.47
C ASP D 104 -10.52 -25.45 -4.80
N TYR D 105 -10.28 -25.61 -6.11
CA TYR D 105 -9.09 -26.31 -6.58
C TYR D 105 -7.82 -25.58 -6.19
N ALA D 106 -7.85 -24.25 -6.19
CA ALA D 106 -6.67 -23.48 -5.81
C ALA D 106 -6.40 -23.57 -4.31
N SER D 107 -7.43 -23.88 -3.51
CA SER D 107 -7.24 -23.99 -2.08
C SER D 107 -6.40 -25.22 -1.72
N LEU D 108 -6.75 -26.37 -2.30
CA LEU D 108 -5.98 -27.58 -2.07
C LEU D 108 -4.60 -27.50 -2.72
N ARG D 109 -4.50 -26.80 -3.85
CA ARG D 109 -3.22 -26.59 -4.50
C ARG D 109 -2.29 -25.74 -3.64
N SER D 110 -2.86 -24.75 -2.95
CA SER D 110 -2.03 -23.84 -2.16
C SER D 110 -1.52 -24.51 -0.89
N LEU D 111 -2.39 -25.23 -0.17
CA LEU D 111 -2.02 -25.75 1.14
C LEU D 111 -1.09 -26.94 1.04
N VAL D 112 -1.26 -27.79 0.01
CA VAL D 112 -0.35 -28.91 -0.19
C VAL D 112 1.03 -28.42 -0.59
N ALA D 113 1.08 -27.35 -1.38
CA ALA D 113 2.37 -26.75 -1.74
C ALA D 113 3.09 -26.18 -0.54
N SER D 114 2.33 -25.59 0.40
CA SER D 114 2.95 -25.00 1.58
C SER D 114 3.51 -26.07 2.52
N SER D 115 3.03 -27.32 2.40
CA SER D 115 3.57 -28.39 3.21
C SER D 115 5.01 -28.71 2.83
N GLY D 116 5.31 -28.74 1.53
CA GLY D 116 6.66 -28.99 1.09
C GLY D 116 7.14 -30.41 1.18
N THR D 117 6.22 -31.37 1.31
CA THR D 117 6.60 -32.77 1.40
C THR D 117 5.44 -33.63 0.92
N LEU D 118 5.75 -34.89 0.62
CA LEU D 118 4.74 -35.87 0.24
C LEU D 118 4.96 -37.19 0.96
N GLU D 119 5.37 -37.14 2.23
CA GLU D 119 5.56 -38.35 3.01
C GLU D 119 4.22 -39.00 3.31
N PHE D 120 3.93 -40.10 2.63
CA PHE D 120 2.67 -40.80 2.75
C PHE D 120 2.88 -42.16 3.40
N LYS D 121 2.15 -42.41 4.48
CA LYS D 121 2.26 -43.65 5.24
C LYS D 121 0.97 -44.44 5.10
N ASN D 122 1.09 -45.70 4.70
CA ASN D 122 -0.08 -46.57 4.61
C ASN D 122 -0.64 -46.84 6.00
N GLU D 123 -1.97 -46.82 6.10
CA GLU D 123 -2.66 -46.97 7.37
C GLU D 123 -3.59 -48.17 7.30
N SER D 124 -3.55 -49.01 8.33
CA SER D 124 -4.37 -50.21 8.35
C SER D 124 -5.83 -49.87 8.65
N PHE D 125 -6.72 -50.64 8.04
CA PHE D 125 -8.16 -50.49 8.27
C PHE D 125 -8.79 -51.87 8.26
N ASN D 126 -10.09 -51.91 8.60
CA ASN D 126 -10.78 -53.20 8.70
C ASN D 126 -11.23 -53.70 7.35
N TRP D 127 -12.15 -52.97 6.70
CA TRP D 127 -12.71 -53.29 5.38
C TRP D 127 -13.23 -54.72 5.31
N THR D 128 -14.26 -55.00 6.10
CA THR D 128 -14.89 -56.31 6.14
C THR D 128 -16.21 -56.27 5.40
N GLY D 129 -16.40 -57.19 4.46
CA GLY D 129 -17.60 -57.22 3.65
C GLY D 129 -17.61 -56.26 2.50
N VAL D 130 -16.50 -55.57 2.23
CA VAL D 130 -16.38 -54.60 1.15
C VAL D 130 -15.18 -55.00 0.29
N THR D 131 -15.38 -55.00 -1.03
CA THR D 131 -14.29 -55.32 -1.95
C THR D 131 -13.33 -54.13 -2.05
N GLN D 132 -12.04 -54.41 -1.87
CA GLN D 132 -11.00 -53.39 -1.92
C GLN D 132 -10.14 -53.62 -3.15
N ASN D 133 -9.13 -52.75 -3.33
CA ASN D 133 -8.22 -52.77 -4.47
C ASN D 133 -8.97 -52.69 -5.80
N GLY D 134 -9.69 -51.60 -5.99
CA GLY D 134 -10.44 -51.41 -7.23
C GLY D 134 -9.54 -51.17 -8.42
N THR D 135 -9.90 -51.78 -9.54
CA THR D 135 -9.15 -51.64 -10.78
C THR D 135 -10.07 -51.06 -11.85
N SER D 136 -9.45 -50.39 -12.83
CA SER D 136 -10.20 -49.71 -13.88
C SER D 136 -9.44 -49.79 -15.18
N SER D 137 -10.19 -50.00 -16.28
CA SER D 137 -9.59 -50.29 -17.57
C SER D 137 -8.93 -49.07 -18.21
N ALA D 138 -9.58 -47.91 -18.18
CA ALA D 138 -9.06 -46.76 -18.92
C ALA D 138 -7.86 -46.14 -18.23
N CYS D 139 -7.70 -46.41 -16.94
CA CYS D 139 -6.56 -45.92 -16.17
C CYS D 139 -5.51 -47.01 -16.08
N ILE D 140 -4.47 -46.89 -16.90
CA ILE D 140 -3.50 -47.97 -17.10
C ILE D 140 -2.19 -47.62 -16.41
N ARG D 141 -1.68 -48.55 -15.61
CA ARG D 141 -0.40 -48.40 -14.92
C ARG D 141 0.47 -49.61 -15.21
N GLY D 142 1.64 -49.36 -15.81
CA GLY D 142 2.55 -50.44 -16.16
C GLY D 142 1.96 -51.41 -17.17
N SER D 143 1.28 -50.89 -18.19
CA SER D 143 0.55 -51.70 -19.19
C SER D 143 -0.44 -52.65 -18.53
N SER D 144 -1.10 -52.17 -17.48
CA SER D 144 -2.09 -52.97 -16.77
C SER D 144 -3.09 -52.03 -16.09
N SER D 145 -4.29 -52.54 -15.88
CA SER D 145 -5.37 -51.75 -15.32
C SER D 145 -5.11 -51.46 -13.84
N SER D 146 -5.30 -50.20 -13.45
CA SER D 146 -5.08 -49.76 -12.08
C SER D 146 -5.86 -48.48 -11.83
N PHE D 147 -5.51 -47.79 -10.74
CA PHE D 147 -6.22 -46.60 -10.29
C PHE D 147 -5.19 -45.62 -9.74
N PHE D 148 -5.66 -44.61 -9.02
CA PHE D 148 -4.76 -43.69 -8.31
C PHE D 148 -3.97 -44.44 -7.25
N SER D 149 -2.73 -44.01 -7.04
CA SER D 149 -1.87 -44.69 -6.08
C SER D 149 -2.31 -44.43 -4.64
N ARG D 150 -2.81 -43.24 -4.37
CA ARG D 150 -3.12 -42.83 -3.00
C ARG D 150 -4.60 -42.97 -2.64
N LEU D 151 -5.41 -43.56 -3.51
CA LEU D 151 -6.82 -43.81 -3.22
C LEU D 151 -7.10 -45.30 -3.24
N ASN D 152 -8.36 -45.64 -2.98
CA ASN D 152 -8.79 -47.04 -2.94
C ASN D 152 -10.29 -47.07 -3.26
N TRP D 153 -10.61 -47.48 -4.48
CA TRP D 153 -12.01 -47.53 -4.91
C TRP D 153 -12.71 -48.70 -4.24
N LEU D 154 -13.82 -48.42 -3.57
CA LEU D 154 -14.55 -49.42 -2.79
C LEU D 154 -15.82 -49.82 -3.51
N THR D 155 -15.95 -51.12 -3.80
CA THR D 155 -17.14 -51.69 -4.43
C THR D 155 -17.74 -52.73 -3.49
N HIS D 156 -18.92 -53.22 -3.84
CA HIS D 156 -19.60 -54.19 -3.01
C HIS D 156 -18.92 -55.55 -3.09
N LEU D 157 -19.08 -56.33 -2.03
CA LEU D 157 -18.63 -57.71 -1.99
C LEU D 157 -19.85 -58.61 -2.12
N ASN D 158 -19.72 -59.65 -2.96
CA ASN D 158 -20.82 -60.54 -3.34
C ASN D 158 -21.95 -59.72 -3.95
N TYR D 159 -23.02 -59.47 -3.20
CA TYR D 159 -24.09 -58.59 -3.63
C TYR D 159 -24.59 -57.74 -2.47
N THR D 160 -23.71 -57.43 -1.53
CA THR D 160 -24.09 -56.63 -0.36
C THR D 160 -23.06 -55.54 -0.14
N TYR D 161 -23.53 -54.39 0.35
CA TYR D 161 -22.67 -53.27 0.73
C TYR D 161 -23.07 -52.83 2.12
N PRO D 162 -22.46 -53.41 3.15
CA PRO D 162 -22.76 -52.98 4.52
C PRO D 162 -22.33 -51.54 4.77
N ALA D 163 -23.05 -50.86 5.65
CA ALA D 163 -22.73 -49.48 5.99
C ALA D 163 -21.45 -49.41 6.80
N LEU D 164 -20.40 -48.84 6.22
CA LEU D 164 -19.10 -48.78 6.88
C LEU D 164 -19.11 -47.72 7.98
N ASN D 165 -18.69 -48.13 9.18
CA ASN D 165 -18.54 -47.22 10.31
C ASN D 165 -17.15 -47.48 10.88
N VAL D 166 -16.15 -46.80 10.32
CA VAL D 166 -14.75 -47.02 10.68
C VAL D 166 -14.14 -45.70 11.13
N THR D 167 -13.06 -45.80 11.89
CA THR D 167 -12.37 -44.64 12.43
C THR D 167 -10.90 -44.96 12.57
N MET D 168 -10.09 -43.91 12.71
CA MET D 168 -8.64 -44.06 12.86
C MET D 168 -8.12 -42.91 13.71
N PRO D 169 -7.99 -43.12 15.02
CA PRO D 169 -7.48 -42.05 15.89
C PRO D 169 -6.03 -41.70 15.58
N ASN D 170 -5.68 -40.46 15.85
CA ASN D 170 -4.31 -39.97 15.69
C ASN D 170 -3.65 -39.91 17.06
N LYS D 171 -2.47 -40.51 17.17
CA LYS D 171 -1.72 -40.52 18.42
C LYS D 171 -0.36 -39.86 18.30
N GLU D 172 -0.07 -39.21 17.18
CA GLU D 172 1.22 -38.57 16.95
C GLU D 172 1.08 -37.05 17.06
N GLN D 173 2.25 -36.39 17.14
CA GLN D 173 2.26 -34.94 17.30
C GLN D 173 1.90 -34.23 16.00
N PHE D 174 2.41 -34.72 14.86
CA PHE D 174 2.20 -34.04 13.60
C PHE D 174 0.76 -34.24 13.11
N ASP D 175 0.21 -33.19 12.49
CA ASP D 175 -1.15 -33.23 12.00
C ASP D 175 -1.26 -34.11 10.76
N LYS D 176 -2.40 -34.75 10.60
CA LYS D 176 -2.64 -35.63 9.46
C LYS D 176 -3.47 -34.90 8.40
N LEU D 177 -3.20 -35.24 7.14
CA LEU D 177 -3.96 -34.72 6.01
C LEU D 177 -4.49 -35.89 5.21
N TYR D 178 -5.80 -35.92 5.00
CA TYR D 178 -6.47 -37.00 4.29
C TYR D 178 -7.02 -36.49 2.96
N ILE D 179 -6.95 -37.34 1.94
CA ILE D 179 -7.47 -37.02 0.61
C ILE D 179 -8.43 -38.15 0.25
N TRP D 180 -9.73 -37.89 0.34
CA TRP D 180 -10.75 -38.89 0.07
C TRP D 180 -11.71 -38.39 -0.99
N GLY D 181 -12.11 -39.29 -1.89
CA GLY D 181 -12.94 -38.93 -3.02
C GLY D 181 -14.30 -39.60 -2.96
N VAL D 182 -15.22 -39.06 -3.77
CA VAL D 182 -16.58 -39.59 -3.91
C VAL D 182 -16.87 -39.79 -5.38
N HIS D 183 -17.31 -40.99 -5.74
CA HIS D 183 -17.55 -41.35 -7.13
C HIS D 183 -18.95 -40.93 -7.56
N HIS D 184 -19.05 -40.43 -8.79
CA HIS D 184 -20.33 -40.04 -9.39
C HIS D 184 -20.54 -40.84 -10.66
N PRO D 185 -21.28 -41.94 -10.58
CA PRO D 185 -21.47 -42.80 -11.76
C PRO D 185 -22.32 -42.10 -12.81
N GLY D 186 -22.11 -42.50 -14.08
CA GLY D 186 -22.83 -41.88 -15.17
C GLY D 186 -24.31 -42.25 -15.19
N THR D 187 -24.63 -43.54 -15.07
CA THR D 187 -25.99 -44.02 -15.12
C THR D 187 -26.31 -44.82 -13.88
N ASP D 188 -27.60 -45.12 -13.71
CA ASP D 188 -28.03 -45.96 -12.59
C ASP D 188 -27.65 -47.41 -12.79
N LYS D 189 -27.39 -47.82 -14.04
CA LYS D 189 -26.90 -49.17 -14.31
C LYS D 189 -25.51 -49.36 -13.70
N ASP D 190 -24.64 -48.35 -13.81
CA ASP D 190 -23.32 -48.44 -13.18
C ASP D 190 -23.43 -48.39 -11.67
N GLN D 191 -24.45 -47.68 -11.15
CA GLN D 191 -24.67 -47.63 -9.71
C GLN D 191 -25.01 -49.00 -9.14
N ILE D 192 -25.87 -49.75 -9.82
CA ILE D 192 -26.23 -51.09 -9.36
C ILE D 192 -25.07 -52.06 -9.55
N PHE D 193 -24.37 -51.95 -10.70
CA PHE D 193 -23.33 -52.92 -11.03
C PHE D 193 -22.12 -52.80 -10.11
N LEU D 194 -21.86 -51.59 -9.60
CA LEU D 194 -20.65 -51.38 -8.81
C LEU D 194 -20.91 -51.33 -7.31
N TYR D 195 -22.14 -51.04 -6.87
CA TYR D 195 -22.43 -50.90 -5.46
C TYR D 195 -23.66 -51.66 -4.97
N ALA D 196 -24.54 -52.12 -5.87
CA ALA D 196 -25.75 -52.86 -5.52
C ALA D 196 -26.65 -52.10 -4.55
N GLN D 197 -26.68 -50.77 -4.70
CA GLN D 197 -27.52 -49.91 -3.89
C GLN D 197 -27.77 -48.62 -4.65
N SER D 198 -29.04 -48.20 -4.72
CA SER D 198 -29.39 -47.04 -5.53
C SER D 198 -28.93 -45.74 -4.88
N SER D 199 -29.42 -45.47 -3.68
CA SER D 199 -29.11 -44.22 -3.00
C SER D 199 -27.88 -44.39 -2.11
N GLY D 200 -27.21 -43.27 -1.85
CA GLY D 200 -26.04 -43.26 -0.99
C GLY D 200 -25.69 -41.86 -0.58
N ARG D 201 -24.93 -41.75 0.52
CA ARG D 201 -24.47 -40.48 1.04
C ARG D 201 -23.32 -40.74 2.01
N ILE D 202 -22.45 -39.74 2.14
CA ILE D 202 -21.24 -39.82 2.96
C ILE D 202 -21.31 -38.74 4.04
N THR D 203 -21.10 -39.14 5.28
CA THR D 203 -21.02 -38.19 6.40
C THR D 203 -19.69 -38.43 7.10
N VAL D 204 -18.77 -37.47 6.95
CA VAL D 204 -17.47 -37.49 7.60
C VAL D 204 -17.41 -36.34 8.60
N SER D 205 -17.15 -36.66 9.86
CA SER D 205 -17.17 -35.64 10.91
C SER D 205 -16.03 -35.89 11.88
N THR D 206 -15.44 -34.79 12.35
CA THR D 206 -14.45 -34.80 13.41
C THR D 206 -15.00 -34.00 14.58
N LYS D 207 -14.16 -33.79 15.60
CA LYS D 207 -14.58 -33.02 16.77
C LYS D 207 -14.72 -31.53 16.48
N ARG D 208 -14.24 -31.05 15.33
CA ARG D 208 -14.28 -29.63 15.02
C ARG D 208 -15.00 -29.28 13.72
N SER D 209 -15.15 -30.21 12.78
CA SER D 209 -15.73 -29.88 11.48
C SER D 209 -16.43 -31.08 10.90
N GLN D 210 -17.35 -30.80 9.97
CA GLN D 210 -18.08 -31.82 9.22
C GLN D 210 -17.87 -31.61 7.74
N GLN D 211 -17.69 -32.70 7.01
CA GLN D 211 -17.43 -32.65 5.58
C GLN D 211 -18.33 -33.62 4.83
N ALA D 212 -19.62 -33.60 5.16
CA ALA D 212 -20.57 -34.49 4.50
C ALA D 212 -20.88 -33.98 3.09
N VAL D 213 -21.03 -34.92 2.17
CA VAL D 213 -21.30 -34.60 0.77
C VAL D 213 -22.24 -35.67 0.20
N ILE D 214 -23.11 -35.25 -0.70
CA ILE D 214 -24.08 -36.15 -1.34
C ILE D 214 -23.57 -36.49 -2.73
N PRO D 215 -23.54 -37.77 -3.12
CA PRO D 215 -23.13 -38.19 -4.47
C PRO D 215 -24.25 -38.13 -5.51
N ASN D 216 -24.44 -36.94 -6.08
CA ASN D 216 -25.45 -36.78 -7.13
C ASN D 216 -25.04 -37.54 -8.38
N ILE D 217 -26.01 -38.22 -8.99
CA ILE D 217 -25.79 -39.06 -10.16
C ILE D 217 -26.28 -38.31 -11.39
N GLY D 218 -25.57 -38.46 -12.50
CA GLY D 218 -25.95 -37.79 -13.73
C GLY D 218 -25.00 -38.16 -14.84
N SER D 219 -25.36 -37.73 -16.05
CA SER D 219 -24.58 -38.02 -17.25
C SER D 219 -23.71 -36.81 -17.60
N ARG D 220 -22.43 -37.06 -17.82
CA ARG D 220 -21.45 -36.05 -18.16
C ARG D 220 -20.87 -36.32 -19.55
N PRO D 221 -20.30 -35.30 -20.19
CA PRO D 221 -19.57 -35.54 -21.45
C PRO D 221 -18.40 -36.49 -21.23
N ARG D 222 -18.16 -37.34 -22.22
CA ARG D 222 -17.24 -38.46 -22.05
C ARG D 222 -15.80 -38.02 -22.22
N ILE D 223 -14.95 -38.38 -21.25
CA ILE D 223 -13.50 -38.23 -21.33
C ILE D 223 -12.92 -39.63 -21.33
N ARG D 224 -12.27 -40.00 -22.45
CA ARG D 224 -11.73 -41.35 -22.66
C ARG D 224 -12.80 -42.42 -22.48
N ASP D 225 -14.00 -42.13 -23.01
CA ASP D 225 -15.12 -43.08 -23.12
C ASP D 225 -15.62 -43.58 -21.76
N ILE D 226 -15.72 -42.66 -20.80
CA ILE D 226 -16.44 -42.95 -19.56
C ILE D 226 -17.41 -41.80 -19.29
N PRO D 227 -18.56 -42.05 -18.64
CA PRO D 227 -19.45 -40.96 -18.26
C PRO D 227 -19.29 -40.46 -16.83
N SER D 228 -18.46 -41.13 -16.02
CA SER D 228 -18.41 -40.86 -14.59
C SER D 228 -17.38 -39.79 -14.26
N ARG D 229 -17.55 -39.18 -13.07
CA ARG D 229 -16.64 -38.18 -12.57
C ARG D 229 -16.35 -38.48 -11.10
N ILE D 230 -15.19 -38.02 -10.63
CA ILE D 230 -14.74 -38.21 -9.26
C ILE D 230 -14.56 -36.84 -8.61
N SER D 231 -15.15 -36.68 -7.43
CA SER D 231 -15.02 -35.45 -6.66
C SER D 231 -14.14 -35.69 -5.45
N ILE D 232 -13.09 -34.88 -5.31
CA ILE D 232 -12.08 -35.06 -4.27
C ILE D 232 -12.38 -34.08 -3.14
N TYR D 233 -12.24 -34.55 -1.89
CA TYR D 233 -12.36 -33.69 -0.73
C TYR D 233 -11.22 -33.99 0.24
N TRP D 234 -10.87 -33.00 1.05
CA TRP D 234 -9.76 -33.13 1.98
C TRP D 234 -10.20 -32.75 3.38
N THR D 235 -9.67 -33.47 4.37
CA THR D 235 -9.88 -33.16 5.77
C THR D 235 -8.55 -33.21 6.49
N ILE D 236 -8.41 -32.38 7.53
CA ILE D 236 -7.19 -32.28 8.31
C ILE D 236 -7.53 -32.57 9.76
N VAL D 237 -6.79 -33.48 10.37
CA VAL D 237 -7.07 -33.98 11.71
C VAL D 237 -6.02 -33.44 12.67
N LYS D 238 -6.47 -32.77 13.72
CA LYS D 238 -5.58 -32.28 14.76
C LYS D 238 -5.04 -33.45 15.57
N PRO D 239 -3.92 -33.27 16.28
CA PRO D 239 -3.40 -34.36 17.14
C PRO D 239 -4.34 -34.75 18.27
N GLY D 240 -5.25 -33.87 18.67
CA GLY D 240 -6.19 -34.19 19.72
C GLY D 240 -7.35 -35.07 19.28
N ASP D 241 -8.06 -34.64 18.23
CA ASP D 241 -9.27 -35.32 17.82
C ASP D 241 -8.96 -36.51 16.92
N ILE D 242 -10.03 -37.17 16.47
CA ILE D 242 -9.93 -38.38 15.65
C ILE D 242 -10.61 -38.12 14.31
N LEU D 243 -10.59 -39.13 13.43
CA LEU D 243 -11.26 -39.06 12.14
C LEU D 243 -12.29 -40.18 12.07
N LEU D 244 -13.50 -39.84 11.63
CA LEU D 244 -14.58 -40.80 11.50
C LEU D 244 -15.13 -40.79 10.08
N ILE D 245 -15.26 -41.98 9.51
CA ILE D 245 -15.76 -42.16 8.15
C ILE D 245 -17.02 -43.01 8.22
N ASN D 246 -18.12 -42.50 7.67
CA ASN D 246 -19.34 -43.27 7.56
C ASN D 246 -19.77 -43.27 6.11
N SER D 247 -20.21 -44.44 5.63
CA SER D 247 -20.53 -44.59 4.22
C SER D 247 -21.70 -45.54 4.04
N THR D 248 -22.44 -45.34 2.94
CA THR D 248 -23.44 -46.30 2.50
C THR D 248 -23.42 -46.46 0.98
N GLY D 249 -22.35 -46.04 0.32
CA GLY D 249 -22.21 -46.14 -1.12
C GLY D 249 -21.46 -44.95 -1.66
N ASN D 250 -20.76 -45.17 -2.78
CA ASN D 250 -20.02 -44.14 -3.53
C ASN D 250 -18.95 -43.48 -2.65
N LEU D 251 -18.04 -44.31 -2.14
CA LEU D 251 -16.93 -43.82 -1.33
C LEU D 251 -15.61 -44.29 -1.92
N ILE D 252 -14.65 -43.39 -2.02
CA ILE D 252 -13.28 -43.72 -2.39
C ILE D 252 -12.41 -43.31 -1.20
N ALA D 253 -12.15 -44.26 -0.31
CA ALA D 253 -11.42 -44.00 0.92
C ALA D 253 -9.91 -43.92 0.65
N PRO D 254 -9.19 -43.10 1.40
CA PRO D 254 -7.74 -43.04 1.23
C PRO D 254 -7.05 -44.23 1.87
N ARG D 255 -5.84 -44.51 1.36
CA ARG D 255 -5.02 -45.59 1.87
C ARG D 255 -4.11 -45.17 3.02
N GLY D 256 -4.19 -43.92 3.45
CA GLY D 256 -3.35 -43.46 4.54
C GLY D 256 -3.54 -41.98 4.78
N TYR D 257 -2.46 -41.34 5.22
CA TYR D 257 -2.48 -39.93 5.57
C TYR D 257 -1.25 -39.24 5.00
N PHE D 258 -1.38 -37.94 4.76
CA PHE D 258 -0.28 -37.13 4.27
C PHE D 258 0.27 -36.26 5.39
N LYS D 259 1.59 -36.27 5.55
CA LYS D 259 2.22 -35.41 6.55
C LYS D 259 2.17 -33.94 6.10
N ILE D 260 1.79 -33.07 7.02
CA ILE D 260 1.71 -31.64 6.76
C ILE D 260 2.61 -30.93 7.77
N ARG D 261 3.34 -29.91 7.30
CA ARG D 261 4.27 -29.18 8.14
C ARG D 261 4.50 -27.79 7.56
N SER D 262 4.80 -26.83 8.43
CA SER D 262 5.11 -25.49 7.98
C SER D 262 6.49 -25.47 7.32
N GLY D 263 6.61 -24.66 6.26
CA GLY D 263 7.85 -24.60 5.53
C GLY D 263 7.89 -23.39 4.63
N LYS D 264 8.98 -23.29 3.87
CA LYS D 264 9.22 -22.18 2.97
C LYS D 264 8.85 -22.50 1.52
N SER D 265 8.20 -23.63 1.28
CA SER D 265 7.91 -24.06 -0.08
C SER D 265 6.80 -23.21 -0.70
N SER D 266 6.78 -23.19 -2.03
CA SER D 266 5.77 -22.46 -2.79
C SER D 266 5.53 -23.22 -4.09
N ILE D 267 4.88 -22.56 -5.05
CA ILE D 267 4.56 -23.18 -6.33
C ILE D 267 4.41 -22.08 -7.37
N MET D 268 4.94 -22.30 -8.57
CA MET D 268 4.79 -21.36 -9.66
C MET D 268 4.72 -22.11 -10.97
N ARG D 269 4.25 -21.41 -12.00
CA ARG D 269 4.09 -21.97 -13.34
C ARG D 269 5.19 -21.42 -14.24
N SER D 270 5.95 -22.31 -14.86
CA SER D 270 7.03 -21.91 -15.75
C SER D 270 7.34 -23.04 -16.71
N ASP D 271 8.05 -22.70 -17.79
CA ASP D 271 8.45 -23.67 -18.79
C ASP D 271 9.94 -23.58 -19.14
N ALA D 272 10.69 -22.71 -18.48
CA ALA D 272 12.12 -22.58 -18.76
C ALA D 272 12.87 -23.80 -18.28
N PRO D 273 13.97 -24.17 -18.96
CA PRO D 273 14.77 -25.31 -18.50
C PRO D 273 15.57 -24.99 -17.24
N ILE D 274 16.24 -26.00 -16.68
CA ILE D 274 16.95 -25.87 -15.41
C ILE D 274 18.44 -25.83 -15.70
N GLY D 275 19.11 -24.78 -15.21
CA GLY D 275 20.54 -24.65 -15.37
C GLY D 275 21.29 -24.84 -14.07
N LYS D 276 22.61 -24.61 -14.08
CA LYS D 276 23.42 -24.79 -12.88
C LYS D 276 24.13 -23.47 -12.59
N CYS D 277 23.65 -22.75 -11.59
CA CYS D 277 24.29 -21.52 -11.12
C CYS D 277 23.84 -21.27 -9.69
N LYS D 278 24.30 -20.15 -9.13
CA LYS D 278 23.97 -19.78 -7.75
C LYS D 278 23.25 -18.44 -7.76
N SER D 279 21.96 -18.46 -7.41
CA SER D 279 21.15 -17.25 -7.35
C SER D 279 19.91 -17.48 -6.48
N GLU D 280 19.56 -16.50 -5.65
CA GLU D 280 18.50 -16.66 -4.67
C GLU D 280 17.11 -16.32 -5.19
N CYS D 281 17.00 -15.77 -6.40
CA CYS D 281 15.73 -15.33 -6.95
C CYS D 281 15.32 -16.21 -8.12
N ILE D 282 14.02 -16.53 -8.18
CA ILE D 282 13.45 -17.38 -9.22
C ILE D 282 12.23 -16.69 -9.79
N THR D 283 12.20 -16.53 -11.11
CA THR D 283 11.08 -15.95 -11.83
C THR D 283 10.65 -16.92 -12.92
N PRO D 284 9.40 -16.84 -13.37
CA PRO D 284 8.99 -17.67 -14.53
C PRO D 284 9.79 -17.39 -15.78
N ASN D 285 10.27 -16.15 -15.98
CA ASN D 285 11.22 -15.88 -17.05
C ASN D 285 12.51 -16.66 -16.85
N GLY D 286 13.02 -16.69 -15.63
CA GLY D 286 14.28 -17.32 -15.32
C GLY D 286 14.92 -16.64 -14.12
N SER D 287 15.94 -17.30 -13.58
CA SER D 287 16.61 -16.77 -12.39
C SER D 287 17.42 -15.52 -12.73
N ILE D 288 17.35 -14.53 -11.85
CA ILE D 288 18.02 -13.25 -12.06
C ILE D 288 18.84 -12.90 -10.83
N PRO D 289 19.89 -12.11 -11.00
CA PRO D 289 20.62 -11.60 -9.83
C PRO D 289 19.75 -10.71 -8.96
N ASN D 290 19.95 -10.82 -7.64
CA ASN D 290 19.13 -10.12 -6.67
C ASN D 290 19.81 -8.90 -6.05
N ASP D 291 20.96 -8.48 -6.59
CA ASP D 291 21.67 -7.36 -6.00
C ASP D 291 20.95 -6.04 -6.24
N LYS D 292 20.30 -5.89 -7.39
CA LYS D 292 19.56 -4.67 -7.67
C LYS D 292 18.33 -4.57 -6.77
N PRO D 293 18.01 -3.36 -6.29
CA PRO D 293 16.84 -3.23 -5.41
C PRO D 293 15.51 -3.29 -6.15
N PHE D 294 15.48 -2.95 -7.43
CA PHE D 294 14.24 -2.92 -8.20
C PHE D 294 14.37 -3.83 -9.42
N GLN D 295 13.21 -4.23 -9.95
CA GLN D 295 13.17 -5.11 -11.11
C GLN D 295 11.92 -4.80 -11.93
N ASN D 296 11.95 -5.23 -13.19
CA ASN D 296 10.77 -5.17 -14.04
C ASN D 296 10.63 -6.43 -14.90
N VAL D 297 11.33 -7.51 -14.55
CA VAL D 297 11.29 -8.72 -15.36
C VAL D 297 9.93 -9.39 -15.27
N ASN D 298 9.42 -9.58 -14.05
CA ASN D 298 8.14 -10.22 -13.84
C ASN D 298 7.65 -9.86 -12.45
N ARG D 299 6.34 -9.97 -12.26
CA ARG D 299 5.70 -9.67 -10.98
C ARG D 299 5.54 -10.90 -10.09
N ILE D 300 5.93 -12.07 -10.55
CA ILE D 300 5.88 -13.30 -9.75
C ILE D 300 7.26 -13.52 -9.14
N THR D 301 7.31 -13.61 -7.81
CA THR D 301 8.59 -13.61 -7.11
C THR D 301 8.64 -14.80 -6.15
N TYR D 302 9.86 -15.23 -5.85
CA TYR D 302 10.09 -16.24 -4.82
C TYR D 302 11.50 -16.07 -4.27
N GLY D 303 11.61 -15.92 -2.96
CA GLY D 303 12.90 -15.79 -2.32
C GLY D 303 13.24 -14.33 -2.06
N ALA D 304 14.46 -13.94 -2.42
CA ALA D 304 14.95 -12.58 -2.21
C ALA D 304 14.90 -11.75 -3.49
N CYS D 305 13.84 -11.92 -4.27
CA CYS D 305 13.68 -11.17 -5.51
C CYS D 305 13.40 -9.70 -5.21
N PRO D 306 13.84 -8.79 -6.09
CA PRO D 306 13.63 -7.36 -5.86
C PRO D 306 12.16 -6.98 -6.06
N ARG D 307 11.84 -5.78 -5.58
CA ARG D 307 10.49 -5.24 -5.73
C ARG D 307 10.20 -4.93 -7.19
N TYR D 308 8.96 -5.22 -7.61
CA TYR D 308 8.54 -5.01 -8.98
C TYR D 308 8.15 -3.56 -9.19
N VAL D 309 8.78 -2.91 -10.17
CA VAL D 309 8.52 -1.52 -10.50
C VAL D 309 8.11 -1.42 -11.96
N LYS D 310 7.07 -0.63 -12.22
CA LYS D 310 6.58 -0.46 -13.59
C LYS D 310 7.57 0.32 -14.44
N HIS D 311 8.35 1.21 -13.84
CA HIS D 311 9.32 2.01 -14.57
C HIS D 311 10.42 1.13 -15.16
N SER D 312 10.84 1.46 -16.37
CA SER D 312 11.85 0.66 -17.06
C SER D 312 13.27 1.04 -16.64
N THR D 313 13.60 2.32 -16.71
CA THR D 313 14.94 2.80 -16.37
C THR D 313 14.86 3.76 -15.20
N LEU D 314 15.72 3.52 -14.20
CA LEU D 314 15.82 4.39 -13.01
C LEU D 314 17.31 4.68 -12.80
N LYS D 315 17.76 5.83 -13.31
CA LYS D 315 19.15 6.21 -13.20
C LYS D 315 19.43 6.84 -11.84
N LEU D 316 20.58 6.51 -11.27
CA LEU D 316 21.05 7.11 -10.02
C LEU D 316 22.37 7.81 -10.29
N ALA D 317 22.44 9.10 -9.96
CA ALA D 317 23.62 9.89 -10.26
C ALA D 317 24.76 9.54 -9.32
N THR D 318 25.96 9.36 -9.90
CA THR D 318 27.16 9.07 -9.13
C THR D 318 28.26 10.10 -9.35
N GLY D 319 27.96 11.20 -10.02
CA GLY D 319 28.98 12.22 -10.30
C GLY D 319 28.49 13.62 -10.07
N MET D 320 28.64 14.49 -11.07
CA MET D 320 28.23 15.87 -10.97
C MET D 320 27.74 16.35 -12.33
N ARG D 321 27.33 17.61 -12.37
CA ARG D 321 26.86 18.21 -13.61
C ARG D 321 28.02 18.36 -14.60
N ASN D 322 27.76 18.04 -15.86
CA ASN D 322 28.76 18.08 -16.92
C ASN D 322 28.40 19.17 -17.93
N VAL D 323 29.38 20.00 -18.25
CA VAL D 323 29.19 21.10 -19.20
C VAL D 323 29.06 20.53 -20.61
N PRO D 324 28.35 21.22 -21.52
CA PRO D 324 28.23 20.69 -22.89
C PRO D 324 29.52 20.64 -23.67
N GLU D 325 30.55 21.39 -23.24
CA GLU D 325 31.91 21.41 -23.79
C GLU D 325 31.98 22.03 -25.18
N LYS D 326 32.79 23.10 -25.30
CA LYS D 326 33.08 23.78 -26.56
C LYS D 326 31.81 24.31 -27.23
N GLN D 327 30.84 24.74 -26.41
CA GLN D 327 29.61 25.31 -26.93
C GLN D 327 29.21 26.58 -26.20
N THR D 328 30.13 27.20 -25.46
CA THR D 328 29.83 28.41 -24.72
C THR D 328 30.26 29.65 -25.50
N GLY E 1 28.68 20.41 7.35
CA GLY E 1 28.81 19.45 6.28
C GLY E 1 28.65 20.05 4.90
N ILE E 2 27.42 20.46 4.57
CA ILE E 2 27.17 21.11 3.29
C ILE E 2 27.86 22.47 3.22
N PHE E 3 27.74 23.25 4.29
CA PHE E 3 28.41 24.54 4.37
C PHE E 3 29.86 24.43 4.84
N GLY E 4 30.31 23.22 5.18
CA GLY E 4 31.68 23.03 5.62
C GLY E 4 31.99 23.68 6.95
N ALA E 5 31.08 23.56 7.90
CA ALA E 5 31.23 24.16 9.22
C ALA E 5 31.80 23.21 10.27
N ILE E 6 32.16 21.98 9.88
CA ILE E 6 32.61 20.96 10.81
C ILE E 6 34.05 20.53 10.55
N ALA E 7 34.41 20.35 9.27
CA ALA E 7 35.69 19.72 8.93
C ALA E 7 36.87 20.61 9.27
N GLY E 8 36.83 21.88 8.87
CA GLY E 8 37.97 22.75 9.09
C GLY E 8 37.62 24.16 9.49
N PHE E 9 36.33 24.42 9.69
CA PHE E 9 35.87 25.77 10.04
C PHE E 9 36.05 26.06 11.52
N ILE E 10 35.47 25.24 12.39
CA ILE E 10 35.58 25.47 13.83
C ILE E 10 36.57 24.50 14.45
N GLU E 11 36.64 23.28 13.89
CA GLU E 11 37.64 22.24 14.13
C GLU E 11 37.48 21.56 15.49
N ASN E 12 36.62 22.09 16.36
CA ASN E 12 36.37 21.55 17.69
C ASN E 12 34.99 21.98 18.15
N GLY E 13 34.48 21.31 19.18
CA GLY E 13 33.30 21.76 19.88
C GLY E 13 33.62 22.31 21.25
N TRP E 14 32.59 22.87 21.89
CA TRP E 14 32.70 23.34 23.27
C TRP E 14 31.83 22.47 24.16
N GLU E 15 32.44 21.94 25.23
CA GLU E 15 31.78 21.03 26.16
C GLU E 15 31.23 21.74 27.38
N GLY E 16 31.92 22.77 27.87
CA GLY E 16 31.50 23.46 29.08
C GLY E 16 30.30 24.38 28.91
N MET E 17 29.90 24.66 27.67
CA MET E 17 28.77 25.55 27.40
C MET E 17 27.51 24.70 27.30
N VAL E 18 26.67 24.77 28.34
CA VAL E 18 25.39 24.06 28.34
C VAL E 18 24.21 25.00 28.48
N ASP E 19 24.41 26.31 28.57
CA ASP E 19 23.34 27.28 28.74
C ASP E 19 22.92 27.92 27.41
N GLY E 20 23.43 27.44 26.30
CA GLY E 20 23.06 28.00 25.01
C GLY E 20 23.69 27.20 23.89
N TRP E 21 23.11 27.36 22.69
CA TRP E 21 23.57 26.64 21.52
C TRP E 21 24.62 27.40 20.72
N TYR E 22 24.46 28.72 20.59
CA TYR E 22 25.43 29.56 19.90
C TYR E 22 25.93 30.64 20.86
N GLY E 23 27.23 30.92 20.82
CA GLY E 23 27.81 31.87 21.74
C GLY E 23 28.97 32.61 21.14
N PHE E 24 29.35 33.70 21.81
CA PHE E 24 30.48 34.53 21.43
C PHE E 24 31.54 34.48 22.52
N ARG E 25 32.75 34.10 22.15
CA ARG E 25 33.88 34.03 23.08
C ARG E 25 35.03 34.84 22.52
N HIS E 26 35.67 35.63 23.39
CA HIS E 26 36.76 36.51 22.98
C HIS E 26 37.84 36.49 24.06
N GLN E 27 39.02 36.96 23.68
CA GLN E 27 40.15 37.05 24.61
C GLN E 27 40.80 38.41 24.48
N ASN E 28 40.97 39.08 25.62
CA ASN E 28 41.59 40.39 25.66
C ASN E 28 42.20 40.60 27.05
N SER E 29 42.57 41.84 27.36
CA SER E 29 43.18 42.14 28.66
C SER E 29 42.18 42.09 29.80
N GLU E 30 40.88 42.17 29.51
CA GLU E 30 39.88 42.17 30.58
C GLU E 30 39.61 40.75 31.08
N GLY E 31 39.13 39.88 30.19
CA GLY E 31 38.83 38.52 30.57
C GLY E 31 38.07 37.81 29.47
N ARG E 32 37.58 36.62 29.82
CA ARG E 32 36.82 35.80 28.88
C ARG E 32 35.34 36.14 29.03
N GLY E 33 34.87 37.05 28.18
CA GLY E 33 33.49 37.48 28.23
C GLY E 33 32.56 36.63 27.38
N GLN E 34 32.31 35.40 27.81
CA GLN E 34 31.42 34.51 27.08
C GLN E 34 29.98 34.98 27.21
N ALA E 35 29.27 35.03 26.08
CA ALA E 35 27.87 35.43 26.06
C ALA E 35 27.17 34.67 24.94
N ALA E 36 25.85 34.56 25.07
CA ALA E 36 25.03 33.81 24.13
C ALA E 36 24.08 34.75 23.39
N ASP E 37 23.70 34.32 22.19
CA ASP E 37 22.78 35.06 21.32
C ASP E 37 21.50 34.24 21.22
N LEU E 38 20.48 34.63 21.99
CA LEU E 38 19.23 33.89 22.02
C LEU E 38 18.37 34.13 20.79
N LYS E 39 18.66 35.19 20.01
CA LYS E 39 17.84 35.49 18.85
C LYS E 39 18.02 34.45 17.75
N SER E 40 19.26 34.02 17.52
CA SER E 40 19.51 32.99 16.51
C SER E 40 19.08 31.61 17.02
N THR E 41 19.13 31.40 18.33
CA THR E 41 18.69 30.13 18.91
C THR E 41 17.18 29.96 18.80
N GLN E 42 16.43 31.06 18.89
CA GLN E 42 14.97 31.00 18.82
C GLN E 42 14.48 30.49 17.47
N ALA E 43 15.27 30.69 16.40
CA ALA E 43 14.89 30.16 15.10
C ALA E 43 14.96 28.64 15.07
N ALA E 44 15.95 28.06 15.75
CA ALA E 44 16.13 26.61 15.73
C ALA E 44 15.08 25.91 16.59
N ILE E 45 14.80 26.46 17.78
CA ILE E 45 13.87 25.81 18.70
C ILE E 45 12.44 25.92 18.18
N ASP E 46 12.11 26.99 17.46
CA ASP E 46 10.78 27.13 16.89
C ASP E 46 10.59 26.18 15.72
N GLN E 47 11.66 25.92 14.96
CA GLN E 47 11.56 25.02 13.82
C GLN E 47 11.37 23.58 14.27
N ILE E 48 12.16 23.14 15.25
CA ILE E 48 12.11 21.74 15.68
C ILE E 48 10.80 21.45 16.41
N ASN E 49 10.25 22.44 17.11
CA ASN E 49 8.97 22.24 17.78
C ASN E 49 7.84 22.15 16.78
N GLY E 50 7.89 22.95 15.71
CA GLY E 50 6.85 22.89 14.70
C GLY E 50 6.87 21.57 13.93
N LYS E 51 8.06 21.02 13.70
CA LYS E 51 8.16 19.73 13.02
C LYS E 51 7.59 18.60 13.89
N LEU E 52 7.86 18.64 15.20
CA LEU E 52 7.31 17.62 16.09
C LEU E 52 5.79 17.73 16.20
N ASN E 53 5.26 18.96 16.23
CA ASN E 53 3.82 19.16 16.34
C ASN E 53 3.06 18.58 15.16
N ARG E 54 3.71 18.51 13.99
CA ARG E 54 3.09 17.83 12.85
C ARG E 54 3.16 16.31 13.01
N LEU E 55 4.05 15.80 13.84
CA LEU E 55 4.23 14.36 14.03
C LEU E 55 3.63 13.86 15.34
N ILE E 56 4.04 14.42 16.48
CA ILE E 56 3.50 13.98 17.76
C ILE E 56 2.12 14.59 17.96
N GLY E 57 1.26 13.90 18.70
CA GLY E 57 -0.10 14.34 18.91
C GLY E 57 -1.05 14.02 17.78
N LYS E 58 -0.58 13.38 16.72
CA LYS E 58 -1.42 13.01 15.59
C LYS E 58 -1.68 11.51 15.62
N THR E 59 -2.94 11.13 15.68
CA THR E 59 -3.34 9.74 15.76
C THR E 59 -4.30 9.41 14.62
N ASN E 60 -4.28 8.15 14.20
CA ASN E 60 -5.18 7.65 13.17
C ASN E 60 -6.27 6.81 13.80
N GLU E 61 -7.50 7.02 13.35
CA GLU E 61 -8.68 6.40 13.95
C GLU E 61 -8.96 5.07 13.25
N LYS E 62 -8.73 3.97 13.96
CA LYS E 62 -9.03 2.63 13.46
C LYS E 62 -9.73 1.84 14.56
N PHE E 63 -10.88 1.23 14.23
CA PHE E 63 -11.61 0.43 15.20
C PHE E 63 -11.66 -1.04 14.81
N HIS E 64 -12.15 -1.39 13.63
CA HIS E 64 -12.35 -2.78 13.25
C HIS E 64 -11.40 -3.15 12.11
N GLN E 65 -10.66 -4.24 12.31
CA GLN E 65 -9.73 -4.75 11.32
C GLN E 65 -9.97 -6.23 11.15
N ILE E 66 -9.36 -6.80 10.10
CA ILE E 66 -9.46 -8.24 9.88
C ILE E 66 -8.61 -8.99 10.89
N GLU E 67 -8.95 -10.26 11.09
CA GLU E 67 -8.19 -11.10 12.01
C GLU E 67 -6.80 -11.37 11.46
N LYS E 68 -5.80 -11.30 12.33
CA LYS E 68 -4.40 -11.45 11.93
C LYS E 68 -3.80 -12.79 12.33
N GLU E 69 -4.14 -13.30 13.51
CA GLU E 69 -3.63 -14.58 13.99
C GLU E 69 -4.69 -15.65 13.80
N PHE E 70 -4.30 -16.76 13.17
CA PHE E 70 -5.21 -17.85 12.89
C PHE E 70 -4.69 -19.13 13.54
N SER E 71 -5.58 -19.84 14.24
CA SER E 71 -5.26 -21.12 14.84
C SER E 71 -5.66 -22.30 13.95
N GLU E 72 -6.24 -22.03 12.78
CA GLU E 72 -6.67 -23.07 11.87
C GLU E 72 -6.25 -22.69 10.45
N VAL E 73 -5.89 -23.69 9.66
CA VAL E 73 -5.46 -23.50 8.28
C VAL E 73 -6.68 -23.46 7.38
N GLU E 74 -6.64 -22.61 6.35
CA GLU E 74 -7.76 -22.44 5.44
C GLU E 74 -7.15 -22.19 4.04
N GLY E 75 -7.97 -22.15 3.00
CA GLY E 75 -7.47 -22.07 1.64
C GLY E 75 -6.99 -20.70 1.20
N ARG E 76 -7.40 -20.28 0.01
CA ARG E 76 -6.89 -19.03 -0.57
C ARG E 76 -7.38 -17.80 0.17
N VAL E 77 -8.50 -17.91 0.88
CA VAL E 77 -9.01 -16.77 1.65
C VAL E 77 -8.07 -16.44 2.80
N GLN E 78 -7.53 -17.46 3.45
CA GLN E 78 -6.57 -17.24 4.53
C GLN E 78 -5.27 -16.66 4.00
N ASP E 79 -4.84 -17.10 2.81
CA ASP E 79 -3.57 -16.63 2.25
C ASP E 79 -3.67 -15.17 1.83
N LEU E 80 -4.85 -14.74 1.38
CA LEU E 80 -5.01 -13.36 0.93
C LEU E 80 -4.99 -12.39 2.10
N GLU E 81 -5.65 -12.74 3.20
CA GLU E 81 -5.66 -11.86 4.38
C GLU E 81 -4.28 -11.76 5.01
N LYS E 82 -3.53 -12.87 5.01
CA LYS E 82 -2.16 -12.84 5.51
C LYS E 82 -1.24 -12.02 4.60
N TYR E 83 -1.49 -12.06 3.29
CA TYR E 83 -0.64 -11.33 2.35
C TYR E 83 -0.92 -9.83 2.39
N VAL E 84 -2.19 -9.44 2.52
CA VAL E 84 -2.55 -8.03 2.42
C VAL E 84 -2.07 -7.25 3.65
N GLU E 85 -1.97 -7.92 4.79
CA GLU E 85 -1.43 -7.25 5.98
C GLU E 85 0.07 -7.05 5.86
N ASP E 86 0.77 -7.99 5.25
CA ASP E 86 2.21 -7.87 5.09
C ASP E 86 2.58 -6.74 4.14
N THR E 87 1.74 -6.50 3.13
CA THR E 87 2.00 -5.40 2.21
C THR E 87 1.81 -4.06 2.91
N LYS E 88 0.86 -3.98 3.84
CA LYS E 88 0.68 -2.75 4.62
C LYS E 88 1.89 -2.47 5.49
N ILE E 89 2.46 -3.51 6.10
CA ILE E 89 3.60 -3.34 7.00
C ILE E 89 4.84 -2.88 6.22
N ASP E 90 5.11 -3.50 5.08
CA ASP E 90 6.31 -3.19 4.31
C ASP E 90 6.28 -1.77 3.76
N LEU E 91 5.12 -1.33 3.29
CA LEU E 91 4.99 0.06 2.83
C LEU E 91 5.11 1.03 4.00
N TRP E 92 4.55 0.68 5.16
CA TRP E 92 4.67 1.57 6.31
C TRP E 92 6.08 1.53 6.90
N SER E 93 6.75 0.38 6.80
CA SER E 93 8.13 0.29 7.28
C SER E 93 9.06 1.14 6.43
N TYR E 94 8.86 1.14 5.12
CA TYR E 94 9.77 1.90 4.25
C TYR E 94 9.45 3.39 4.30
N ASN E 95 8.18 3.75 4.43
CA ASN E 95 7.82 5.16 4.57
C ASN E 95 8.32 5.73 5.89
N ALA E 96 8.45 4.89 6.91
CA ALA E 96 9.05 5.32 8.16
C ALA E 96 10.55 5.59 7.98
N GLU E 97 11.20 4.83 7.10
CA GLU E 97 12.63 5.03 6.86
C GLU E 97 12.91 6.39 6.24
N LEU E 98 12.12 6.80 5.25
CA LEU E 98 12.31 8.11 4.64
C LEU E 98 11.80 9.22 5.54
N LEU E 99 10.93 8.89 6.49
CA LEU E 99 10.48 9.89 7.46
C LEU E 99 11.53 10.10 8.55
N VAL E 100 12.57 9.27 8.56
CA VAL E 100 13.68 9.46 9.48
C VAL E 100 14.92 9.94 8.74
N ALA E 101 15.21 9.34 7.58
CA ALA E 101 16.47 9.61 6.89
C ALA E 101 16.50 11.01 6.29
N LEU E 102 15.38 11.48 5.74
CA LEU E 102 15.38 12.76 5.05
C LEU E 102 15.50 13.93 6.02
N GLU E 103 14.78 13.89 7.14
CA GLU E 103 14.80 15.01 8.07
C GLU E 103 16.10 15.05 8.88
N ASN E 104 16.77 13.91 9.03
CA ASN E 104 18.09 13.92 9.68
C ASN E 104 19.11 14.64 8.82
N GLN E 105 19.07 14.43 7.50
CA GLN E 105 19.94 15.18 6.61
C GLN E 105 19.53 16.65 6.56
N HIS E 106 18.24 16.93 6.71
CA HIS E 106 17.76 18.30 6.66
C HIS E 106 18.17 19.09 7.89
N THR E 107 18.12 18.47 9.07
CA THR E 107 18.43 19.21 10.30
C THR E 107 19.93 19.46 10.45
N ILE E 108 20.75 18.62 9.83
CA ILE E 108 22.19 18.88 9.82
C ILE E 108 22.51 20.08 8.93
N ASP E 109 21.87 20.13 7.76
CA ASP E 109 22.09 21.25 6.86
C ASP E 109 21.52 22.55 7.43
N LEU E 110 20.41 22.46 8.15
CA LEU E 110 19.75 23.66 8.66
C LEU E 110 20.54 24.29 9.80
N THR E 111 21.13 23.47 10.67
CA THR E 111 21.93 24.01 11.77
C THR E 111 23.21 24.65 11.27
N ASP E 112 23.80 24.09 10.21
CA ASP E 112 24.99 24.68 9.63
C ASP E 112 24.69 26.00 8.94
N SER E 113 23.47 26.17 8.45
CA SER E 113 23.07 27.44 7.86
C SER E 113 23.02 28.55 8.91
N GLU E 114 22.55 28.21 10.12
CA GLU E 114 22.59 29.17 11.22
C GLU E 114 24.03 29.54 11.58
N MET E 115 24.92 28.55 11.59
CA MET E 115 26.33 28.83 11.83
C MET E 115 26.93 29.65 10.70
N ASN E 116 26.55 29.36 9.45
CA ASN E 116 27.03 30.14 8.32
C ASN E 116 26.51 31.57 8.36
N LYS E 117 25.24 31.74 8.75
CA LYS E 117 24.70 33.09 8.90
C LYS E 117 25.39 33.86 10.01
N LEU E 118 25.67 33.20 11.13
CA LEU E 118 26.31 33.87 12.26
C LEU E 118 27.74 34.28 11.92
N PHE E 119 28.46 33.44 11.18
CA PHE E 119 29.81 33.78 10.75
C PHE E 119 29.80 34.92 9.74
N GLU E 120 28.84 34.91 8.82
CA GLU E 120 28.81 35.90 7.74
C GLU E 120 28.30 37.25 8.24
N LYS E 121 27.39 37.26 9.22
CA LYS E 121 26.83 38.52 9.69
C LYS E 121 27.83 39.35 10.47
N THR E 122 28.88 38.72 11.01
CA THR E 122 29.95 39.48 11.65
C THR E 122 30.81 40.19 10.62
N LYS E 123 30.93 39.63 9.41
CA LYS E 123 31.71 40.27 8.36
C LYS E 123 31.01 41.52 7.83
N LYS E 124 29.68 41.56 7.91
CA LYS E 124 28.95 42.73 7.43
C LYS E 124 29.19 43.93 8.32
N GLN E 125 29.31 43.71 9.64
CA GLN E 125 29.56 44.82 10.55
C GLN E 125 30.99 45.35 10.40
N LEU E 126 31.96 44.44 10.24
CA LEU E 126 33.36 44.80 10.09
C LEU E 126 33.72 44.66 8.62
N ARG E 127 33.54 45.74 7.86
CA ARG E 127 33.65 45.69 6.40
C ARG E 127 35.08 45.36 5.96
N GLU E 128 36.07 46.00 6.59
CA GLU E 128 37.46 45.81 6.18
C GLU E 128 38.39 45.70 7.38
N ASN E 129 37.84 45.51 8.57
CA ASN E 129 38.61 45.48 9.80
C ASN E 129 38.64 44.08 10.43
N ALA E 130 38.37 43.06 9.62
CA ALA E 130 38.34 41.69 10.15
C ALA E 130 38.65 40.65 9.07
N GLU E 131 39.66 39.83 9.33
CA GLU E 131 40.01 38.72 8.46
C GLU E 131 40.20 37.46 9.30
N ASP E 132 39.66 36.34 8.83
CA ASP E 132 39.78 35.09 9.55
C ASP E 132 41.21 34.55 9.45
N MET E 133 41.65 33.89 10.53
CA MET E 133 43.01 33.38 10.63
C MET E 133 43.06 31.85 10.50
N GLY E 134 42.00 31.25 9.96
CA GLY E 134 42.04 29.85 9.59
C GLY E 134 41.49 28.87 10.60
N ASN E 135 40.93 29.33 11.72
CA ASN E 135 40.35 28.40 12.68
C ASN E 135 39.02 28.93 13.22
N GLY E 136 38.28 29.68 12.41
CA GLY E 136 37.01 30.21 12.86
C GLY E 136 37.11 31.39 13.79
N CYS E 137 38.26 32.06 13.84
CA CYS E 137 38.46 33.21 14.70
C CYS E 137 38.85 34.42 13.87
N PHE E 138 38.29 35.57 14.22
CA PHE E 138 38.52 36.83 13.52
C PHE E 138 39.46 37.72 14.33
N LYS E 139 40.31 38.46 13.64
CA LYS E 139 41.21 39.42 14.27
C LYS E 139 40.68 40.82 13.97
N ILE E 140 40.57 41.65 15.01
CA ILE E 140 39.84 42.90 14.93
C ILE E 140 40.75 44.11 14.64
N TYR E 141 42.00 44.07 15.12
CA TYR E 141 43.03 45.09 14.86
C TYR E 141 42.71 46.45 15.50
N HIS E 142 41.82 46.49 16.48
CA HIS E 142 41.74 47.65 17.36
C HIS E 142 41.15 47.20 18.69
N LYS E 143 41.05 48.16 19.62
CA LYS E 143 40.66 47.85 20.98
C LYS E 143 39.21 47.40 21.05
N CYS E 144 38.95 46.43 21.92
CA CYS E 144 37.64 45.81 22.09
C CYS E 144 37.32 45.71 23.58
N ASP E 145 37.40 46.83 24.28
CA ASP E 145 36.86 46.92 25.63
C ASP E 145 35.35 46.68 25.62
N ASN E 146 34.77 46.58 26.82
CA ASN E 146 33.44 46.02 27.05
C ASN E 146 32.34 46.62 26.17
N ALA E 147 32.55 47.81 25.61
CA ALA E 147 31.55 48.41 24.73
C ALA E 147 31.45 47.68 23.39
N CYS E 148 32.50 46.95 22.99
CA CYS E 148 32.49 46.29 21.68
C CYS E 148 31.51 45.12 21.66
N ILE E 149 31.55 44.27 22.70
CA ILE E 149 30.74 43.06 22.70
C ILE E 149 29.25 43.38 22.83
N GLU E 150 28.92 44.52 23.45
CA GLU E 150 27.53 44.95 23.49
C GLU E 150 27.05 45.38 22.11
N SER E 151 27.94 45.95 21.30
CA SER E 151 27.55 46.41 19.97
C SER E 151 27.40 45.24 19.01
N ILE E 152 28.25 44.22 19.13
CA ILE E 152 28.23 43.10 18.19
C ILE E 152 26.98 42.25 18.39
N ARG E 153 26.64 41.95 19.64
CA ARG E 153 25.48 41.11 19.90
C ARG E 153 24.18 41.84 19.61
N ASN E 154 24.12 43.14 19.90
CA ASN E 154 22.93 43.93 19.63
C ASN E 154 22.87 44.45 18.21
N GLU E 155 23.90 44.18 17.39
CA GLU E 155 23.99 44.63 16.00
C GLU E 155 23.93 46.15 15.90
N THR E 156 24.54 46.84 16.87
CA THR E 156 24.59 48.29 16.90
C THR E 156 26.00 48.83 16.69
N TYR E 157 26.86 48.09 16.01
CA TYR E 157 28.22 48.54 15.77
C TYR E 157 28.25 49.66 14.75
N ASP E 158 29.03 50.70 15.05
CA ASP E 158 29.26 51.81 14.13
C ASP E 158 30.74 51.83 13.78
N HIS E 159 31.05 51.70 12.49
CA HIS E 159 32.43 51.64 12.04
C HIS E 159 33.08 53.00 11.86
N ASN E 160 32.30 54.09 11.90
CA ASN E 160 32.83 55.40 11.57
C ASN E 160 33.80 55.90 12.65
N VAL E 161 33.51 55.62 13.92
CA VAL E 161 34.36 56.14 14.99
C VAL E 161 35.63 55.32 15.11
N TYR E 162 35.61 54.07 14.66
CA TYR E 162 36.79 53.21 14.70
C TYR E 162 37.48 53.06 13.36
N ARG E 163 37.09 53.84 12.35
CA ARG E 163 37.66 53.67 11.01
C ARG E 163 39.08 54.20 10.94
N ASP E 164 39.34 55.36 11.56
CA ASP E 164 40.63 56.03 11.40
C ASP E 164 41.75 55.28 12.11
N GLU E 165 41.49 54.81 13.33
CA GLU E 165 42.54 54.17 14.12
C GLU E 165 42.86 52.76 13.63
N ALA E 166 41.84 52.04 13.13
CA ALA E 166 42.05 50.66 12.73
C ALA E 166 42.88 50.58 11.44
N LEU E 167 42.57 51.44 10.46
CA LEU E 167 43.29 51.38 9.20
C LEU E 167 44.71 51.94 9.34
N ASN E 168 44.91 52.86 10.28
CA ASN E 168 46.24 53.43 10.48
C ASN E 168 47.19 52.38 11.07
N ASN E 169 46.69 51.59 12.03
CA ASN E 169 47.56 50.63 12.70
C ASN E 169 47.87 49.41 11.82
N ARG E 170 46.91 49.00 11.00
CA ARG E 170 47.09 47.77 10.24
C ARG E 170 48.07 47.96 9.07
N PHE E 171 47.97 49.09 8.37
CA PHE E 171 48.83 49.31 7.21
C PHE E 171 50.20 49.84 7.63
N GLN E 172 50.24 51.07 8.15
CA GLN E 172 51.50 51.69 8.56
C GLN E 172 51.47 52.07 10.03
N GLY F 1 22.60 23.61 -3.08
CA GLY F 1 21.75 24.51 -3.85
C GLY F 1 22.49 25.21 -4.98
N ILE F 2 23.24 24.42 -5.77
CA ILE F 2 23.92 24.85 -6.99
C ILE F 2 25.00 25.89 -6.71
N PHE F 3 24.61 27.04 -6.16
CA PHE F 3 25.49 28.15 -5.79
C PHE F 3 26.21 28.77 -6.99
N GLY F 4 25.69 28.56 -8.20
CA GLY F 4 26.28 29.13 -9.40
C GLY F 4 27.68 28.60 -9.69
N ALA F 5 27.86 27.29 -9.57
CA ALA F 5 29.17 26.68 -9.77
C ALA F 5 29.44 26.38 -11.24
N ILE F 6 28.54 25.61 -11.88
CA ILE F 6 28.78 25.14 -13.24
C ILE F 6 28.75 26.31 -14.22
N ALA F 7 27.72 27.16 -14.12
CA ALA F 7 27.59 28.30 -15.02
C ALA F 7 28.36 29.52 -14.55
N GLY F 8 29.04 29.44 -13.41
CA GLY F 8 29.75 30.58 -12.87
C GLY F 8 31.25 30.49 -12.97
N PHE F 9 31.90 30.13 -11.87
CA PHE F 9 33.37 30.15 -11.77
C PHE F 9 34.00 28.84 -12.21
N ILE F 10 33.58 28.33 -13.37
CA ILE F 10 34.20 27.19 -14.02
C ILE F 10 34.65 27.55 -15.44
N GLU F 11 33.72 28.03 -16.27
CA GLU F 11 33.98 28.44 -17.65
C GLU F 11 34.59 27.29 -18.46
N ASN F 12 33.79 26.23 -18.62
CA ASN F 12 34.10 25.02 -19.41
C ASN F 12 35.50 24.47 -19.13
N GLY F 13 35.66 23.94 -17.92
CA GLY F 13 36.94 23.42 -17.48
C GLY F 13 37.39 22.21 -18.28
N TRP F 14 38.67 21.88 -18.12
CA TRP F 14 39.32 20.84 -18.90
C TRP F 14 38.78 19.46 -18.54
N GLU F 15 38.74 18.58 -19.54
CA GLU F 15 38.26 17.21 -19.36
C GLU F 15 39.30 16.29 -18.73
N GLY F 16 40.56 16.72 -18.67
CA GLY F 16 41.63 15.87 -18.19
C GLY F 16 41.68 15.73 -16.68
N MET F 17 42.87 15.41 -16.16
CA MET F 17 43.12 15.20 -14.74
C MET F 17 42.22 14.09 -14.18
N VAL F 18 42.44 12.88 -14.70
CA VAL F 18 41.63 11.73 -14.32
C VAL F 18 42.06 11.13 -12.98
N ASP F 19 43.13 11.66 -12.36
CA ASP F 19 43.56 11.16 -11.07
C ASP F 19 42.53 11.47 -9.99
N GLY F 20 41.99 12.69 -9.99
CA GLY F 20 41.01 13.07 -9.00
C GLY F 20 39.91 13.92 -9.63
N TRP F 21 38.77 13.96 -8.94
CA TRP F 21 37.63 14.72 -9.42
C TRP F 21 37.81 16.23 -9.27
N TYR F 22 38.67 16.66 -8.35
CA TYR F 22 38.93 18.07 -8.13
C TYR F 22 40.44 18.30 -8.05
N GLY F 23 40.87 19.48 -8.48
CA GLY F 23 42.29 19.77 -8.47
C GLY F 23 42.55 21.23 -8.77
N PHE F 24 43.84 21.56 -8.87
CA PHE F 24 44.29 22.92 -9.11
C PHE F 24 45.16 22.95 -10.37
N ARG F 25 45.05 24.04 -11.12
CA ARG F 25 45.83 24.26 -12.32
C ARG F 25 46.49 25.63 -12.24
N HIS F 26 47.81 25.66 -12.44
CA HIS F 26 48.57 26.91 -12.36
C HIS F 26 49.53 26.99 -13.53
N GLN F 27 49.87 28.23 -13.90
CA GLN F 27 50.80 28.51 -14.99
C GLN F 27 51.84 29.50 -14.46
N ASN F 28 52.91 28.97 -13.89
CA ASN F 28 53.98 29.80 -13.35
C ASN F 28 55.04 30.07 -14.42
N SER F 29 56.18 30.62 -13.99
CA SER F 29 57.26 30.90 -14.92
C SER F 29 57.89 29.62 -15.45
N GLU F 30 57.99 28.59 -14.62
CA GLU F 30 58.60 27.34 -15.06
C GLU F 30 57.72 26.60 -16.05
N GLY F 31 56.40 26.57 -15.82
CA GLY F 31 55.51 25.85 -16.70
C GLY F 31 54.11 25.68 -16.15
N ARG F 32 53.60 24.44 -16.18
CA ARG F 32 52.29 24.12 -15.67
C ARG F 32 52.39 22.97 -14.68
N GLY F 33 51.43 22.91 -13.76
CA GLY F 33 51.41 21.86 -12.76
C GLY F 33 49.99 21.54 -12.36
N GLN F 34 49.77 20.26 -12.02
CA GLN F 34 48.47 19.78 -11.59
C GLN F 34 48.62 19.02 -10.28
N ALA F 35 47.61 19.14 -9.42
CA ALA F 35 47.60 18.44 -8.15
C ALA F 35 46.15 18.22 -7.72
N ALA F 36 45.79 16.97 -7.51
CA ALA F 36 44.42 16.61 -7.15
C ALA F 36 44.32 16.44 -5.64
N ASP F 37 43.31 17.08 -5.05
CA ASP F 37 43.08 17.01 -3.61
C ASP F 37 42.35 15.72 -3.29
N LEU F 38 43.09 14.76 -2.71
CA LEU F 38 42.50 13.44 -2.44
C LEU F 38 41.55 13.48 -1.25
N LYS F 39 41.70 14.46 -0.36
CA LYS F 39 40.85 14.50 0.84
C LYS F 39 39.42 14.88 0.50
N SER F 40 39.24 15.85 -0.39
CA SER F 40 37.89 16.28 -0.76
C SER F 40 37.16 15.21 -1.56
N THR F 41 37.90 14.48 -2.40
CA THR F 41 37.28 13.42 -3.19
C THR F 41 36.79 12.27 -2.31
N GLN F 42 37.58 11.92 -1.28
CA GLN F 42 37.20 10.83 -0.39
C GLN F 42 35.96 11.17 0.44
N ALA F 43 35.72 12.46 0.69
CA ALA F 43 34.51 12.86 1.41
C ALA F 43 33.26 12.58 0.58
N ALA F 44 33.31 12.84 -0.73
CA ALA F 44 32.15 12.58 -1.58
C ALA F 44 31.99 11.10 -1.87
N ILE F 45 33.08 10.33 -1.86
CA ILE F 45 33.00 8.90 -2.13
C ILE F 45 32.27 8.18 -1.00
N ASP F 46 32.53 8.59 0.25
CA ASP F 46 31.86 7.96 1.39
C ASP F 46 30.37 8.24 1.39
N GLN F 47 29.95 9.39 0.83
CA GLN F 47 28.53 9.69 0.71
C GLN F 47 27.86 8.74 -0.28
N ILE F 48 28.50 8.49 -1.42
CA ILE F 48 27.92 7.64 -2.45
C ILE F 48 27.83 6.19 -1.97
N ASN F 49 28.88 5.71 -1.29
CA ASN F 49 28.85 4.35 -0.74
C ASN F 49 27.79 4.21 0.34
N GLY F 50 27.55 5.28 1.09
CA GLY F 50 26.46 5.25 2.05
C GLY F 50 25.10 5.16 1.39
N LYS F 51 24.92 5.84 0.26
CA LYS F 51 23.65 5.77 -0.46
C LYS F 51 23.45 4.40 -1.10
N LEU F 52 24.50 3.85 -1.71
CA LEU F 52 24.37 2.57 -2.39
C LEU F 52 24.12 1.43 -1.41
N ASN F 53 24.81 1.44 -0.27
CA ASN F 53 24.69 0.35 0.70
C ASN F 53 23.31 0.32 1.34
N ARG F 54 22.57 1.43 1.28
CA ARG F 54 21.20 1.43 1.79
C ARG F 54 20.30 0.52 0.96
N LEU F 55 20.49 0.50 -0.35
CA LEU F 55 19.63 -0.29 -1.23
C LEU F 55 20.22 -1.67 -1.54
N ILE F 56 21.50 -1.73 -1.93
CA ILE F 56 22.09 -3.00 -2.34
C ILE F 56 22.38 -3.86 -1.12
N GLY F 57 22.23 -5.17 -1.28
CA GLY F 57 22.58 -6.10 -0.23
C GLY F 57 21.63 -6.16 0.94
N LYS F 58 20.49 -5.48 0.86
CA LYS F 58 19.54 -5.43 1.97
C LYS F 58 18.14 -5.76 1.45
N THR F 59 18.05 -6.81 0.64
CA THR F 59 16.77 -7.23 0.08
C THR F 59 15.93 -7.95 1.13
N ASN F 60 14.63 -7.98 0.89
CA ASN F 60 13.68 -8.66 1.76
C ASN F 60 13.30 -10.00 1.13
N GLU F 61 13.18 -11.02 1.98
CA GLU F 61 12.93 -12.38 1.52
C GLU F 61 11.48 -12.76 1.74
N LYS F 62 10.79 -13.14 0.66
CA LYS F 62 9.39 -13.52 0.70
C LYS F 62 9.24 -14.90 0.08
N PHE F 63 8.25 -15.66 0.56
CA PHE F 63 8.16 -17.08 0.26
C PHE F 63 6.90 -17.49 -0.48
N HIS F 64 5.73 -17.15 0.04
CA HIS F 64 4.48 -17.79 -0.36
C HIS F 64 3.45 -16.75 -0.79
N GLN F 65 3.85 -15.87 -1.71
CA GLN F 65 2.95 -14.87 -2.26
C GLN F 65 1.76 -15.53 -2.96
N ILE F 66 0.66 -14.78 -3.06
CA ILE F 66 -0.56 -15.32 -3.64
C ILE F 66 -0.41 -15.48 -5.15
N GLU F 67 -1.37 -16.17 -5.74
CA GLU F 67 -1.38 -16.37 -7.18
C GLU F 67 -1.69 -15.06 -7.89
N LYS F 68 -0.90 -14.75 -8.92
CA LYS F 68 -1.02 -13.49 -9.64
C LYS F 68 -1.24 -13.70 -11.12
N GLU F 69 -1.81 -14.85 -11.51
CA GLU F 69 -2.08 -15.14 -12.91
C GLU F 69 -3.24 -16.12 -12.98
N PHE F 70 -4.30 -15.75 -13.68
CA PHE F 70 -5.50 -16.57 -13.80
C PHE F 70 -5.80 -16.82 -15.26
N SER F 71 -5.90 -18.10 -15.65
CA SER F 71 -6.23 -18.48 -17.01
C SER F 71 -7.73 -18.52 -17.27
N GLU F 72 -8.55 -18.48 -16.22
CA GLU F 72 -10.00 -18.53 -16.35
C GLU F 72 -10.61 -17.45 -15.48
N VAL F 73 -11.82 -17.02 -15.87
CA VAL F 73 -12.51 -15.96 -15.14
C VAL F 73 -13.15 -16.56 -13.88
N GLU F 74 -13.08 -15.80 -12.80
CA GLU F 74 -13.66 -16.20 -11.52
C GLU F 74 -14.42 -14.98 -10.97
N GLY F 75 -15.17 -15.17 -9.90
CA GLY F 75 -16.08 -14.14 -9.42
C GLY F 75 -15.46 -13.10 -8.52
N ARG F 76 -16.04 -12.92 -7.33
CA ARG F 76 -15.65 -11.84 -6.42
C ARG F 76 -14.21 -12.01 -5.92
N VAL F 77 -13.74 -13.25 -5.78
CA VAL F 77 -12.40 -13.49 -5.24
C VAL F 77 -11.33 -13.05 -6.23
N GLN F 78 -11.54 -13.31 -7.52
CA GLN F 78 -10.55 -12.96 -8.52
C GLN F 78 -10.41 -11.44 -8.67
N ASP F 79 -11.51 -10.72 -8.56
CA ASP F 79 -11.45 -9.26 -8.67
C ASP F 79 -10.80 -8.63 -7.45
N LEU F 80 -10.77 -9.34 -6.33
CA LEU F 80 -10.14 -8.80 -5.13
C LEU F 80 -8.63 -9.05 -5.13
N GLU F 81 -8.22 -10.25 -5.56
CA GLU F 81 -6.78 -10.55 -5.62
C GLU F 81 -6.10 -9.75 -6.71
N LYS F 82 -6.79 -9.52 -7.84
CA LYS F 82 -6.21 -8.73 -8.91
C LYS F 82 -6.09 -7.26 -8.51
N TYR F 83 -7.04 -6.75 -7.73
CA TYR F 83 -7.01 -5.34 -7.35
C TYR F 83 -5.89 -5.05 -6.37
N VAL F 84 -5.70 -5.91 -5.37
CA VAL F 84 -4.61 -5.71 -4.41
C VAL F 84 -3.27 -5.97 -5.09
N GLU F 85 -3.26 -6.75 -6.16
CA GLU F 85 -2.05 -6.90 -6.98
C GLU F 85 -1.72 -5.60 -7.70
N ASP F 86 -2.73 -4.93 -8.25
CA ASP F 86 -2.49 -3.73 -9.04
C ASP F 86 -2.13 -2.54 -8.15
N THR F 87 -2.82 -2.39 -7.02
CA THR F 87 -2.59 -1.20 -6.19
C THR F 87 -1.29 -1.29 -5.41
N LYS F 88 -0.73 -2.50 -5.26
CA LYS F 88 0.56 -2.64 -4.60
C LYS F 88 1.69 -2.15 -5.50
N ILE F 89 1.63 -2.53 -6.78
CA ILE F 89 2.67 -2.15 -7.73
C ILE F 89 2.66 -0.64 -7.97
N ASP F 90 1.47 -0.05 -8.04
CA ASP F 90 1.36 1.39 -8.29
C ASP F 90 1.96 2.21 -7.15
N LEU F 91 1.81 1.74 -5.92
CA LEU F 91 2.42 2.42 -4.78
C LEU F 91 3.93 2.33 -4.83
N TRP F 92 4.47 1.17 -5.22
CA TRP F 92 5.92 1.02 -5.30
C TRP F 92 6.50 1.80 -6.47
N SER F 93 5.77 1.85 -7.60
CA SER F 93 6.26 2.57 -8.77
C SER F 93 6.35 4.06 -8.50
N TYR F 94 5.36 4.62 -7.81
CA TYR F 94 5.44 6.02 -7.40
C TYR F 94 6.50 6.21 -6.33
N ASN F 95 6.70 5.20 -5.48
CA ASN F 95 7.75 5.26 -4.47
C ASN F 95 9.13 5.24 -5.09
N ALA F 96 9.33 4.41 -6.12
CA ALA F 96 10.63 4.32 -6.77
C ALA F 96 10.98 5.59 -7.51
N GLU F 97 9.99 6.22 -8.17
CA GLU F 97 10.22 7.48 -8.85
C GLU F 97 10.54 8.59 -7.87
N LEU F 98 9.90 8.56 -6.69
CA LEU F 98 10.14 9.57 -5.68
C LEU F 98 11.50 9.39 -5.02
N LEU F 99 11.97 8.14 -4.91
CA LEU F 99 13.23 7.87 -4.25
C LEU F 99 14.41 8.43 -5.04
N VAL F 100 14.47 8.13 -6.34
CA VAL F 100 15.65 8.49 -7.12
C VAL F 100 15.62 9.97 -7.49
N ALA F 101 14.46 10.61 -7.36
CA ALA F 101 14.37 12.03 -7.68
C ALA F 101 15.02 12.89 -6.61
N LEU F 102 14.82 12.55 -5.34
CA LEU F 102 15.40 13.34 -4.25
C LEU F 102 16.89 13.07 -4.09
N GLU F 103 17.31 11.82 -4.27
CA GLU F 103 18.71 11.47 -4.07
C GLU F 103 19.61 12.10 -5.14
N ASN F 104 19.13 12.14 -6.39
CA ASN F 104 19.90 12.77 -7.45
C ASN F 104 20.05 14.27 -7.22
N GLN F 105 18.99 14.92 -6.75
CA GLN F 105 19.07 16.34 -6.44
C GLN F 105 19.98 16.59 -5.24
N HIS F 106 19.93 15.70 -4.24
CA HIS F 106 20.81 15.83 -3.08
C HIS F 106 22.26 15.60 -3.45
N THR F 107 22.52 14.68 -4.39
CA THR F 107 23.89 14.43 -4.82
C THR F 107 24.47 15.62 -5.56
N ILE F 108 23.70 16.23 -6.46
CA ILE F 108 24.19 17.35 -7.24
C ILE F 108 24.45 18.57 -6.36
N ASP F 109 23.54 18.85 -5.42
CA ASP F 109 23.71 20.01 -4.55
C ASP F 109 24.89 19.85 -3.60
N LEU F 110 25.14 18.61 -3.14
CA LEU F 110 26.25 18.39 -2.23
C LEU F 110 27.59 18.54 -2.94
N THR F 111 27.68 18.07 -4.19
CA THR F 111 28.93 18.19 -4.94
C THR F 111 29.24 19.64 -5.27
N ASP F 112 28.21 20.44 -5.54
CA ASP F 112 28.41 21.87 -5.79
C ASP F 112 28.89 22.58 -4.54
N SER F 113 28.36 22.20 -3.38
CA SER F 113 28.81 22.79 -2.13
C SER F 113 30.22 22.33 -1.76
N GLU F 114 30.62 21.15 -2.25
CA GLU F 114 31.98 20.68 -2.00
C GLU F 114 33.01 21.56 -2.71
N MET F 115 32.70 21.96 -3.96
CA MET F 115 33.58 22.89 -4.66
C MET F 115 33.57 24.26 -4.00
N ASN F 116 32.42 24.69 -3.47
CA ASN F 116 32.35 25.95 -2.75
C ASN F 116 33.14 25.88 -1.46
N LYS F 117 33.12 24.72 -0.78
CA LYS F 117 33.88 24.54 0.45
C LYS F 117 35.38 24.64 0.19
N LEU F 118 35.85 24.04 -0.92
CA LEU F 118 37.25 24.18 -1.29
C LEU F 118 37.55 25.61 -1.72
N PHE F 119 36.59 26.27 -2.37
CA PHE F 119 36.76 27.68 -2.74
C PHE F 119 36.85 28.57 -1.50
N GLU F 120 36.03 28.28 -0.48
CA GLU F 120 36.09 29.05 0.75
C GLU F 120 37.37 28.78 1.53
N LYS F 121 37.78 27.51 1.61
CA LYS F 121 38.93 27.14 2.42
C LYS F 121 40.23 27.74 1.87
N THR F 122 40.32 27.88 0.54
CA THR F 122 41.51 28.46 -0.07
C THR F 122 41.61 29.95 0.26
N LYS F 123 40.50 30.68 0.16
CA LYS F 123 40.55 32.13 0.36
C LYS F 123 40.62 32.51 1.84
N LYS F 124 40.27 31.60 2.74
CA LYS F 124 40.46 31.86 4.16
C LYS F 124 41.94 31.90 4.52
N GLN F 125 42.74 31.03 3.92
CA GLN F 125 44.17 30.99 4.23
C GLN F 125 44.92 32.20 3.71
N LEU F 126 44.32 32.97 2.81
CA LEU F 126 44.95 34.15 2.24
C LEU F 126 44.19 35.38 2.74
N ARG F 127 44.82 36.16 3.61
CA ARG F 127 44.14 37.29 4.23
C ARG F 127 43.89 38.41 3.23
N GLU F 128 44.96 39.00 2.70
CA GLU F 128 44.84 40.00 1.65
C GLU F 128 45.81 39.73 0.51
N ASN F 129 46.42 38.55 0.47
CA ASN F 129 47.39 38.19 -0.56
C ASN F 129 46.73 37.51 -1.77
N ALA F 130 45.45 37.78 -2.00
CA ALA F 130 44.73 37.14 -3.10
C ALA F 130 43.60 38.06 -3.56
N GLU F 131 43.15 37.82 -4.79
CA GLU F 131 42.08 38.62 -5.39
C GLU F 131 41.39 37.75 -6.44
N ASP F 132 40.09 37.52 -6.25
CA ASP F 132 39.36 36.64 -7.16
C ASP F 132 39.11 37.30 -8.50
N MET F 133 39.40 36.57 -9.57
CA MET F 133 39.16 37.05 -10.93
C MET F 133 37.70 36.98 -11.33
N GLY F 134 36.92 36.06 -10.74
CA GLY F 134 35.52 35.94 -11.08
C GLY F 134 35.18 34.76 -11.95
N ASN F 135 36.15 33.90 -12.28
CA ASN F 135 35.86 32.71 -13.07
C ASN F 135 36.58 31.48 -12.56
N GLY F 136 37.00 31.45 -11.30
CA GLY F 136 37.69 30.32 -10.74
C GLY F 136 39.20 30.44 -10.64
N CYS F 137 39.75 31.65 -10.83
CA CYS F 137 41.18 31.87 -10.80
C CYS F 137 41.52 32.92 -9.75
N PHE F 138 42.61 32.68 -9.01
CA PHE F 138 43.04 33.53 -7.91
C PHE F 138 44.31 34.26 -8.29
N LYS F 139 44.30 35.59 -8.17
CA LYS F 139 45.48 36.41 -8.46
C LYS F 139 46.41 36.36 -7.24
N ILE F 140 47.60 35.80 -7.45
CA ILE F 140 48.53 35.54 -6.35
C ILE F 140 49.12 36.85 -5.81
N TYR F 141 49.48 37.77 -6.71
CA TYR F 141 50.03 39.09 -6.38
C TYR F 141 51.35 39.02 -5.62
N HIS F 142 52.04 37.89 -5.65
CA HIS F 142 53.37 37.78 -5.06
C HIS F 142 54.11 36.64 -5.73
N LYS F 143 55.43 36.63 -5.57
CA LYS F 143 56.26 35.61 -6.21
C LYS F 143 56.01 34.24 -5.60
N CYS F 144 56.05 33.22 -6.44
CA CYS F 144 55.68 31.86 -6.03
C CYS F 144 56.37 30.86 -6.94
N ASP F 145 56.59 29.66 -6.40
CA ASP F 145 57.23 28.57 -7.12
C ASP F 145 56.64 27.26 -6.58
N ASN F 146 57.33 26.16 -6.83
CA ASN F 146 56.84 24.85 -6.40
C ASN F 146 56.85 24.68 -4.88
N ALA F 147 57.57 25.53 -4.15
CA ALA F 147 57.57 25.43 -2.69
C ALA F 147 56.24 25.91 -2.11
N CYS F 148 55.45 26.66 -2.89
CA CYS F 148 54.13 27.07 -2.43
C CYS F 148 53.21 25.87 -2.24
N ILE F 149 53.23 24.92 -3.18
CA ILE F 149 52.20 23.89 -3.27
C ILE F 149 52.27 22.94 -2.08
N GLU F 150 53.47 22.53 -1.69
CA GLU F 150 53.61 21.64 -0.54
C GLU F 150 53.26 22.37 0.76
N SER F 151 53.49 23.68 0.82
CA SER F 151 53.29 24.44 2.04
C SER F 151 51.84 24.92 2.20
N ILE F 152 51.15 25.18 1.09
CA ILE F 152 49.84 25.82 1.16
C ILE F 152 48.79 24.89 1.76
N ARG F 153 48.94 23.59 1.56
CA ARG F 153 47.88 22.65 1.93
C ARG F 153 48.16 21.90 3.23
N ASN F 154 49.35 21.33 3.41
CA ASN F 154 49.54 20.33 4.45
C ASN F 154 50.03 20.96 5.75
N GLU F 155 49.27 21.96 6.23
CA GLU F 155 49.40 22.54 7.56
C GLU F 155 50.77 23.15 7.82
N THR F 156 51.45 23.63 6.79
CA THR F 156 52.80 24.19 6.92
C THR F 156 52.91 25.50 6.13
N TYR F 157 51.94 26.39 6.30
CA TYR F 157 51.92 27.65 5.56
C TYR F 157 52.15 28.82 6.50
N ASP F 158 52.97 29.78 6.07
CA ASP F 158 53.18 31.03 6.77
C ASP F 158 52.81 32.17 5.84
N HIS F 159 52.03 33.12 6.36
CA HIS F 159 51.52 34.22 5.53
C HIS F 159 52.23 35.55 5.77
N ASN F 160 52.92 35.69 6.90
CA ASN F 160 53.52 36.99 7.23
C ASN F 160 54.75 37.27 6.38
N VAL F 161 55.44 36.22 5.92
CA VAL F 161 56.65 36.41 5.13
C VAL F 161 56.32 36.96 3.74
N TYR F 162 55.15 36.62 3.21
CA TYR F 162 54.72 37.11 1.90
C TYR F 162 53.75 38.27 1.99
N ARG F 163 53.53 38.83 3.18
CA ARG F 163 52.59 39.94 3.33
C ARG F 163 53.14 41.22 2.72
N ASP F 164 54.45 41.47 2.89
CA ASP F 164 55.02 42.75 2.48
C ASP F 164 55.05 42.87 0.95
N GLU F 165 55.15 41.75 0.25
CA GLU F 165 55.26 41.79 -1.21
C GLU F 165 53.99 42.29 -1.88
N ALA F 166 52.84 41.91 -1.34
CA ALA F 166 51.58 42.22 -2.02
C ALA F 166 51.19 43.69 -1.89
N LEU F 167 51.59 44.35 -0.81
CA LEU F 167 51.21 45.76 -0.62
C LEU F 167 51.86 46.64 -1.67
N ASN F 168 53.10 46.34 -2.05
CA ASN F 168 53.79 47.15 -3.05
C ASN F 168 53.23 46.88 -4.45
N ASN F 169 52.96 45.62 -4.77
CA ASN F 169 52.56 45.27 -6.12
C ASN F 169 51.10 45.64 -6.41
N ARG F 170 50.21 45.45 -5.44
CA ARG F 170 48.79 45.64 -5.69
C ARG F 170 48.43 47.11 -5.84
N PHE F 171 48.95 47.95 -4.96
CA PHE F 171 48.59 49.37 -4.94
C PHE F 171 49.57 50.24 -5.72
N GLN F 172 50.57 49.64 -6.36
CA GLN F 172 51.53 50.39 -7.17
C GLN F 172 52.12 49.52 -8.26
#